data_5JXW
#
_entry.id   5JXW
#
_cell.length_a   70.885
_cell.length_b   136.486
_cell.length_c   107.805
_cell.angle_alpha   90.00
_cell.angle_beta   95.73
_cell.angle_gamma   90.00
#
_symmetry.space_group_name_H-M   'P 1 21 1'
#
loop_
_entity.id
_entity.type
_entity.pdbx_description
1 polymer Adenosylhomocysteinase
2 non-polymer Neplanocin-A
3 non-polymer NICOTINAMIDE-ADENINE-DINUCLEOTIDE
4 non-polymer GLYCEROL
5 non-polymer 'HEXAETHYLENE GLYCOL'
6 non-polymer 2-AMINO-2-HYDROXYMETHYL-PROPANE-1,3-DIOL
7 water water
#
_entity_poly.entity_id   1
_entity_poly.type   'polypeptide(L)'
_entity_poly.pdbx_seq_one_letter_code
;SNAYKMESRIKDISLAEFGLQDMEIAKTDMMGLVELQRKYRDSKPLKGARITGSLHLTIETSVLVETLYELGAEIRWCSC
NIYSTQDHAAAALVKKNIATVFAWKNETIEDYWVCLNDAMTWRNPNDKDKICGPNLIVDDGGDATLILHEGVKAEIEYEK
YNKIPEYLETELDENGKQLSMDLKCMYKVLKMELLKNPFRWRGMLKDLYGVSEETTTGVLRLKIMESEGKLLLPAINVND
SVTKSKFDNTYGCRQSLLHGLFNGCIQMLAGKKIVVLGYGEVGKGCAQGLSGVGARVIVTEIDPICALQASMEGYQVSVL
EDVVSEADIFITATGNKDVITVEHMRKMKENAYIANIGHFDDEIDVYGLENYPGIKVIEVKQNVHKFTFPDTQKSVILLC
KGRLVNLGCATGHPPLVMSMSFTNQVLAQMDLWKSRELVDRSKNTRFFVKKLSKELDEYVARLHLDVLGIKLTKLTETQA
KYINVSINGPYKSEDYRY
;
_entity_poly.pdbx_strand_id   A,B,C,D
#
loop_
_chem_comp.id
_chem_comp.type
_chem_comp.name
_chem_comp.formula
6OS non-polymer Neplanocin-A 'C11 H13 N5 O3'
GOL non-polymer GLYCEROL 'C3 H8 O3'
NAD non-polymer NICOTINAMIDE-ADENINE-DINUCLEOTIDE 'C21 H27 N7 O14 P2'
P6G non-polymer 'HEXAETHYLENE GLYCOL' 'C12 H26 O7'
TRS non-polymer 2-AMINO-2-HYDROXYMETHYL-PROPANE-1,3-DIOL 'C4 H12 N O3 1'
#
# COMPACT_ATOMS: atom_id res chain seq x y z
N MET A 6 -46.80 2.56 -26.38
CA MET A 6 -45.58 2.88 -25.59
C MET A 6 -45.95 3.43 -24.21
N GLU A 7 -45.73 2.62 -23.18
CA GLU A 7 -46.04 3.00 -21.80
C GLU A 7 -44.79 3.53 -21.09
N SER A 8 -43.63 2.94 -21.39
CA SER A 8 -42.38 3.39 -20.78
C SER A 8 -42.10 4.86 -21.08
N ARG A 9 -41.37 5.50 -20.17
CA ARG A 9 -40.98 6.89 -20.31
C ARG A 9 -39.48 6.99 -20.06
N ILE A 10 -38.72 7.02 -21.15
CA ILE A 10 -37.27 7.06 -21.14
C ILE A 10 -36.72 8.16 -22.05
N LYS A 11 -35.39 8.29 -22.07
CA LYS A 11 -34.71 9.32 -22.85
C LYS A 11 -34.81 9.07 -24.35
N ASP A 12 -34.23 7.95 -24.80
CA ASP A 12 -34.15 7.66 -26.21
C ASP A 12 -34.04 6.15 -26.48
N ILE A 13 -35.07 5.60 -27.10
CA ILE A 13 -35.13 4.16 -27.42
C ILE A 13 -34.03 3.73 -28.40
N SER A 14 -33.54 4.65 -29.22
CA SER A 14 -32.50 4.31 -30.21
C SER A 14 -31.14 3.93 -29.60
N LEU A 15 -30.96 4.17 -28.30
CA LEU A 15 -29.71 3.79 -27.59
C LEU A 15 -29.73 2.31 -27.14
N ALA A 16 -30.79 1.59 -27.46
CA ALA A 16 -30.97 0.18 -27.06
C ALA A 16 -29.79 -0.74 -27.36
N GLU A 17 -29.32 -0.71 -28.61
CA GLU A 17 -28.22 -1.59 -29.03
C GLU A 17 -26.90 -1.36 -28.29
N PHE A 18 -26.55 -0.11 -27.97
CA PHE A 18 -25.33 0.12 -27.15
C PHE A 18 -25.53 -0.53 -25.77
N GLY A 19 -26.73 -0.38 -25.21
CA GLY A 19 -27.07 -0.97 -23.91
C GLY A 19 -26.97 -2.49 -23.94
N LEU A 20 -27.65 -3.10 -24.91
CA LEU A 20 -27.61 -4.56 -25.08
C LEU A 20 -26.19 -5.07 -25.22
N GLN A 21 -25.36 -4.35 -25.97
N GLN A 21 -25.36 -4.32 -25.96
CA GLN A 21 -23.95 -4.75 -26.15
CA GLN A 21 -23.96 -4.65 -26.19
C GLN A 21 -23.19 -4.60 -24.83
C GLN A 21 -23.13 -4.53 -24.92
N ASP A 22 -23.41 -3.49 -24.13
CA ASP A 22 -22.75 -3.29 -22.84
C ASP A 22 -23.18 -4.35 -21.83
N MET A 23 -24.47 -4.70 -21.84
CA MET A 23 -24.97 -5.77 -20.98
C MET A 23 -24.20 -7.09 -21.18
N GLU A 24 -23.95 -7.47 -22.45
CA GLU A 24 -23.21 -8.72 -22.72
C GLU A 24 -21.78 -8.69 -22.24
N ILE A 25 -21.08 -7.58 -22.46
CA ILE A 25 -19.71 -7.44 -21.97
C ILE A 25 -19.72 -7.51 -20.43
N ALA A 26 -20.65 -6.79 -19.81
CA ALA A 26 -20.78 -6.78 -18.35
C ALA A 26 -20.98 -8.18 -17.84
N LYS A 27 -21.92 -8.89 -18.46
CA LYS A 27 -22.25 -10.29 -18.11
C LYS A 27 -21.09 -11.28 -18.03
N THR A 28 -20.00 -11.04 -18.73
CA THR A 28 -18.83 -11.91 -18.65
C THR A 28 -18.41 -12.16 -17.19
N ASP A 29 -18.38 -11.09 -16.38
CA ASP A 29 -17.98 -11.21 -14.97
C ASP A 29 -19.13 -11.37 -13.96
N MET A 30 -20.38 -11.22 -14.41
CA MET A 30 -21.51 -11.35 -13.49
C MET A 30 -21.94 -12.81 -13.47
N MET A 31 -21.04 -13.67 -13.00
N MET A 31 -21.03 -13.68 -13.00
CA MET A 31 -21.29 -15.12 -13.01
CA MET A 31 -21.29 -15.13 -12.99
C MET A 31 -22.41 -15.58 -12.08
C MET A 31 -22.46 -15.56 -12.11
N GLY A 32 -22.72 -14.79 -11.06
CA GLY A 32 -23.80 -15.11 -10.14
C GLY A 32 -25.12 -14.99 -10.88
N LEU A 33 -25.31 -13.88 -11.58
CA LEU A 33 -26.54 -13.65 -12.34
C LEU A 33 -26.64 -14.61 -13.54
N VAL A 34 -25.52 -14.87 -14.21
CA VAL A 34 -25.50 -15.80 -15.37
C VAL A 34 -25.94 -17.20 -14.94
N GLU A 35 -25.48 -17.62 -13.75
CA GLU A 35 -25.81 -18.95 -13.21
C GLU A 35 -27.27 -19.08 -12.78
N LEU A 36 -27.81 -18.05 -12.13
CA LEU A 36 -29.21 -18.06 -11.71
C LEU A 36 -30.09 -18.13 -12.96
N GLN A 37 -29.71 -17.43 -14.02
CA GLN A 37 -30.47 -17.53 -15.27
C GLN A 37 -30.34 -18.95 -15.83
N ARG A 38 -29.11 -19.46 -15.94
CA ARG A 38 -28.91 -20.83 -16.48
C ARG A 38 -29.70 -21.87 -15.67
N LYS A 39 -29.76 -21.69 -14.34
CA LYS A 39 -30.41 -22.67 -13.48
C LYS A 39 -31.93 -22.57 -13.41
N TYR A 40 -32.48 -21.36 -13.53
CA TYR A 40 -33.92 -21.14 -13.36
C TYR A 40 -34.68 -20.54 -14.55
N ARG A 41 -34.04 -20.29 -15.69
CA ARG A 41 -34.77 -19.68 -16.82
C ARG A 41 -35.96 -20.54 -17.28
N ASP A 42 -35.86 -21.87 -17.14
CA ASP A 42 -36.93 -22.78 -17.57
C ASP A 42 -37.94 -23.10 -16.47
N SER A 43 -37.48 -23.35 -15.25
CA SER A 43 -38.40 -23.64 -14.14
C SER A 43 -39.15 -22.37 -13.68
N LYS A 44 -38.57 -21.19 -13.92
CA LYS A 44 -39.20 -19.91 -13.59
C LYS A 44 -39.86 -19.82 -12.19
N PRO A 45 -39.02 -19.76 -11.15
CA PRO A 45 -39.55 -19.70 -9.78
C PRO A 45 -40.33 -18.41 -9.43
N LEU A 46 -40.13 -17.33 -10.19
CA LEU A 46 -40.85 -16.08 -9.92
C LEU A 46 -42.03 -15.89 -10.86
N LYS A 47 -42.48 -16.96 -11.50
CA LYS A 47 -43.54 -16.80 -12.48
C LYS A 47 -44.84 -16.28 -11.83
N GLY A 48 -45.44 -15.28 -12.46
CA GLY A 48 -46.65 -14.64 -11.95
C GLY A 48 -46.35 -13.42 -11.07
N ALA A 49 -45.11 -13.26 -10.62
CA ALA A 49 -44.75 -12.15 -9.73
C ALA A 49 -44.61 -10.81 -10.43
N ARG A 50 -45.29 -9.79 -9.89
CA ARG A 50 -45.19 -8.43 -10.39
C ARG A 50 -44.14 -7.76 -9.50
N ILE A 51 -43.00 -7.40 -10.06
CA ILE A 51 -41.91 -6.77 -9.30
C ILE A 51 -41.70 -5.32 -9.70
N THR A 52 -41.72 -4.42 -8.72
CA THR A 52 -41.43 -3.01 -8.93
C THR A 52 -40.06 -2.76 -8.34
N GLY A 53 -39.17 -2.14 -9.12
CA GLY A 53 -37.84 -1.81 -8.66
C GLY A 53 -37.58 -0.30 -8.63
N SER A 54 -36.88 0.15 -7.59
CA SER A 54 -36.46 1.55 -7.41
C SER A 54 -34.99 1.42 -7.08
N LEU A 55 -34.16 1.42 -8.12
CA LEU A 55 -32.72 1.20 -7.96
C LEU A 55 -31.99 1.71 -9.19
N HIS A 56 -30.93 2.49 -8.96
CA HIS A 56 -30.08 3.09 -10.02
C HIS A 56 -30.09 2.22 -11.29
N LEU A 57 -30.63 2.74 -12.39
CA LEU A 57 -30.77 1.94 -13.61
C LEU A 57 -29.51 2.03 -14.47
N THR A 58 -28.57 1.15 -14.14
CA THR A 58 -27.31 1.05 -14.80
C THR A 58 -27.32 -0.24 -15.65
N ILE A 59 -26.21 -0.47 -16.33
CA ILE A 59 -26.04 -1.67 -17.15
C ILE A 59 -26.12 -2.88 -16.23
N GLU A 60 -25.46 -2.79 -15.07
CA GLU A 60 -25.43 -3.88 -14.11
C GLU A 60 -26.85 -4.20 -13.65
N THR A 61 -27.63 -3.16 -13.36
CA THR A 61 -29.01 -3.29 -12.94
C THR A 61 -29.87 -3.89 -14.03
N SER A 62 -29.56 -3.55 -15.29
CA SER A 62 -30.29 -4.12 -16.41
C SER A 62 -30.10 -5.64 -16.48
N VAL A 63 -28.97 -6.14 -15.98
CA VAL A 63 -28.73 -7.58 -15.96
C VAL A 63 -29.52 -8.18 -14.80
N LEU A 64 -29.65 -7.42 -13.72
CA LEU A 64 -30.48 -7.86 -12.60
C LEU A 64 -31.92 -8.01 -13.08
N VAL A 65 -32.42 -6.98 -13.75
CA VAL A 65 -33.78 -6.97 -14.27
C VAL A 65 -33.98 -8.10 -15.26
N GLU A 66 -33.01 -8.29 -16.15
CA GLU A 66 -33.04 -9.40 -17.10
C GLU A 66 -33.15 -10.73 -16.36
N THR A 67 -32.37 -10.87 -15.28
CA THR A 67 -32.38 -12.10 -14.51
C THR A 67 -33.77 -12.38 -13.91
N LEU A 68 -34.34 -11.40 -13.21
CA LEU A 68 -35.69 -11.52 -12.64
C LEU A 68 -36.73 -11.86 -13.73
N TYR A 69 -36.59 -11.23 -14.90
CA TYR A 69 -37.50 -11.48 -16.01
C TYR A 69 -37.40 -12.93 -16.50
N GLU A 70 -36.17 -13.42 -16.64
CA GLU A 70 -35.94 -14.80 -17.09
C GLU A 70 -36.45 -15.82 -16.05
N LEU A 71 -36.56 -15.39 -14.78
CA LEU A 71 -37.09 -16.29 -13.75
C LEU A 71 -38.62 -16.20 -13.66
N GLY A 72 -39.24 -15.51 -14.63
CA GLY A 72 -40.71 -15.45 -14.74
C GLY A 72 -41.43 -14.21 -14.24
N ALA A 73 -40.72 -13.24 -13.70
CA ALA A 73 -41.40 -12.05 -13.19
C ALA A 73 -41.76 -11.04 -14.27
N GLU A 74 -42.79 -10.23 -13.98
CA GLU A 74 -43.17 -9.07 -14.79
C GLU A 74 -42.53 -7.95 -14.00
N ILE A 75 -41.94 -6.97 -14.69
CA ILE A 75 -41.17 -5.96 -14.02
C ILE A 75 -41.46 -4.52 -14.47
N ARG A 76 -41.53 -3.62 -13.48
CA ARG A 76 -41.68 -2.18 -13.70
C ARG A 76 -40.53 -1.56 -12.92
N TRP A 77 -39.87 -0.56 -13.48
CA TRP A 77 -38.68 -0.08 -12.83
C TRP A 77 -38.42 1.42 -12.95
N CYS A 78 -37.81 1.96 -11.90
CA CYS A 78 -37.39 3.34 -11.87
C CYS A 78 -36.04 3.41 -11.16
N SER A 79 -35.42 4.57 -11.21
CA SER A 79 -34.13 4.76 -10.57
C SER A 79 -34.35 5.39 -9.19
N CYS A 80 -33.41 5.17 -8.27
CA CYS A 80 -33.49 5.77 -6.93
C CYS A 80 -32.67 7.06 -6.82
N ASN A 81 -32.23 7.60 -7.94
CA ASN A 81 -31.51 8.87 -7.94
C ASN A 81 -31.78 9.56 -9.28
N ILE A 82 -31.89 10.88 -9.23
CA ILE A 82 -32.17 11.67 -10.44
C ILE A 82 -31.04 11.70 -11.46
N TYR A 83 -29.80 11.42 -11.03
CA TYR A 83 -28.64 11.45 -11.94
C TYR A 83 -27.99 10.10 -12.27
N SER A 84 -28.46 9.00 -11.68
CA SER A 84 -27.76 7.71 -11.85
C SER A 84 -28.15 6.86 -13.05
N THR A 85 -29.33 7.07 -13.60
CA THR A 85 -29.75 6.28 -14.74
C THR A 85 -28.76 6.37 -15.92
N GLN A 86 -28.51 5.23 -16.55
CA GLN A 86 -27.69 5.15 -17.76
C GLN A 86 -28.75 4.90 -18.81
N ASP A 87 -29.00 5.92 -19.63
CA ASP A 87 -30.06 5.90 -20.62
C ASP A 87 -29.98 4.76 -21.66
N HIS A 88 -28.77 4.32 -21.98
CA HIS A 88 -28.63 3.16 -22.91
C HIS A 88 -29.08 1.87 -22.22
N ALA A 89 -28.86 1.77 -20.92
CA ALA A 89 -29.29 0.63 -20.13
C ALA A 89 -30.80 0.58 -20.07
N ALA A 90 -31.42 1.74 -19.90
CA ALA A 90 -32.88 1.86 -19.82
C ALA A 90 -33.56 1.49 -21.14
N ALA A 91 -32.94 1.90 -22.25
CA ALA A 91 -33.49 1.62 -23.58
C ALA A 91 -33.38 0.12 -23.94
N ALA A 92 -32.35 -0.55 -23.44
CA ALA A 92 -32.16 -1.97 -23.68
C ALA A 92 -33.33 -2.77 -23.10
N LEU A 93 -33.75 -2.41 -21.88
CA LEU A 93 -34.87 -3.09 -21.24
C LEU A 93 -36.19 -2.86 -21.96
N VAL A 94 -36.42 -1.63 -22.46
CA VAL A 94 -37.67 -1.34 -23.17
C VAL A 94 -37.76 -2.04 -24.52
N LYS A 95 -36.69 -1.98 -25.31
CA LYS A 95 -36.70 -2.61 -26.61
C LYS A 95 -37.00 -4.09 -26.48
N LYS A 96 -36.29 -4.76 -25.60
CA LYS A 96 -36.45 -6.19 -25.39
C LYS A 96 -37.74 -6.58 -24.64
N ASN A 97 -38.54 -5.60 -24.21
CA ASN A 97 -39.79 -5.87 -23.45
C ASN A 97 -39.52 -6.67 -22.19
N ILE A 98 -38.37 -6.41 -21.58
CA ILE A 98 -37.95 -7.05 -20.34
C ILE A 98 -38.61 -6.35 -19.14
N ALA A 99 -38.92 -5.06 -19.29
CA ALA A 99 -39.58 -4.30 -18.23
C ALA A 99 -40.21 -3.03 -18.75
N THR A 100 -41.13 -2.48 -17.97
CA THR A 100 -41.72 -1.17 -18.27
C THR A 100 -40.91 -0.22 -17.40
N VAL A 101 -40.26 0.76 -18.04
CA VAL A 101 -39.34 1.67 -17.33
C VAL A 101 -39.77 3.16 -17.29
N PHE A 102 -39.51 3.79 -16.12
CA PHE A 102 -39.78 5.21 -15.90
C PHE A 102 -38.50 5.76 -15.27
N ALA A 103 -37.55 6.14 -16.13
CA ALA A 103 -36.25 6.62 -15.68
C ALA A 103 -35.37 7.19 -16.80
N TRP A 104 -34.71 8.30 -16.49
CA TRP A 104 -33.78 8.92 -17.43
C TRP A 104 -32.77 9.69 -16.61
N LYS A 105 -31.60 9.93 -17.20
CA LYS A 105 -30.55 10.68 -16.52
C LYS A 105 -30.99 12.15 -16.51
N ASN A 106 -30.76 12.82 -15.39
CA ASN A 106 -31.11 14.25 -15.22
C ASN A 106 -32.63 14.50 -15.09
N GLU A 107 -33.26 13.76 -14.17
CA GLU A 107 -34.67 13.96 -13.85
C GLU A 107 -34.83 15.17 -12.94
N THR A 108 -36.01 15.76 -12.92
CA THR A 108 -36.30 16.81 -11.95
C THR A 108 -36.76 16.02 -10.72
N ILE A 109 -36.83 16.68 -9.57
CA ILE A 109 -37.31 16.04 -8.36
C ILE A 109 -38.76 15.63 -8.60
N GLU A 110 -39.56 16.52 -9.17
CA GLU A 110 -40.96 16.22 -9.47
C GLU A 110 -41.09 14.93 -10.30
N ASP A 111 -40.32 14.84 -11.38
CA ASP A 111 -40.35 13.66 -12.24
C ASP A 111 -39.85 12.42 -11.53
N TYR A 112 -38.94 12.60 -10.56
CA TYR A 112 -38.46 11.44 -9.81
C TYR A 112 -39.65 10.76 -9.14
N TRP A 113 -40.45 11.55 -8.41
CA TRP A 113 -41.62 11.03 -7.70
C TRP A 113 -42.74 10.52 -8.62
N VAL A 114 -42.95 11.16 -9.77
CA VAL A 114 -43.95 10.65 -10.74
C VAL A 114 -43.52 9.26 -11.28
N CYS A 115 -42.23 9.11 -11.58
CA CYS A 115 -41.68 7.85 -12.08
C CYS A 115 -41.81 6.72 -11.07
N LEU A 116 -41.52 7.03 -9.81
CA LEU A 116 -41.65 6.05 -8.74
C LEU A 116 -43.12 5.63 -8.62
N ASN A 117 -44.02 6.61 -8.59
CA ASN A 117 -45.44 6.30 -8.48
C ASN A 117 -45.96 5.47 -9.65
N ASP A 118 -45.52 5.78 -10.87
CA ASP A 118 -45.92 5.02 -12.07
C ASP A 118 -45.37 3.59 -12.03
N ALA A 119 -44.16 3.43 -11.49
CA ALA A 119 -43.53 2.11 -11.35
C ALA A 119 -44.29 1.24 -10.37
N MET A 120 -44.94 1.89 -9.39
CA MET A 120 -45.75 1.20 -8.35
C MET A 120 -47.17 0.87 -8.82
N THR A 121 -47.55 1.41 -9.97
CA THR A 121 -48.88 1.23 -10.55
C THR A 121 -48.97 0.08 -11.55
N TRP A 122 -49.77 -0.91 -11.26
CA TRP A 122 -49.97 -2.05 -12.15
C TRP A 122 -51.43 -2.16 -12.55
N ARG A 123 -51.67 -2.66 -13.75
CA ARG A 123 -53.04 -2.87 -14.21
C ARG A 123 -53.37 -4.34 -14.02
N ASN A 124 -54.47 -4.58 -13.33
CA ASN A 124 -54.92 -5.92 -12.97
C ASN A 124 -55.08 -6.80 -14.24
N PRO A 125 -54.44 -8.01 -14.25
CA PRO A 125 -54.54 -8.94 -15.38
C PRO A 125 -55.96 -9.24 -15.90
N ASN A 126 -56.97 -9.10 -15.04
CA ASN A 126 -58.37 -9.33 -15.42
C ASN A 126 -58.91 -8.22 -16.34
N ASP A 127 -58.98 -7.00 -15.80
CA ASP A 127 -59.45 -5.83 -16.55
C ASP A 127 -58.50 -4.64 -16.39
N LYS A 128 -58.34 -3.87 -17.46
CA LYS A 128 -57.46 -2.69 -17.45
C LYS A 128 -58.06 -1.52 -16.65
N ASP A 129 -59.35 -1.61 -16.33
CA ASP A 129 -60.07 -0.58 -15.56
C ASP A 129 -59.54 -0.37 -14.15
N LYS A 130 -59.13 -1.48 -13.51
CA LYS A 130 -58.68 -1.45 -12.12
C LYS A 130 -57.15 -1.41 -11.96
N ILE A 131 -56.72 -0.69 -10.93
CA ILE A 131 -55.31 -0.54 -10.58
C ILE A 131 -54.99 -1.49 -9.44
N CYS A 132 -53.74 -1.94 -9.38
CA CYS A 132 -53.27 -2.79 -8.28
C CYS A 132 -51.79 -2.47 -8.07
N GLY A 133 -51.17 -3.11 -7.09
CA GLY A 133 -49.76 -2.86 -6.77
C GLY A 133 -48.86 -4.02 -7.13
N PRO A 134 -47.57 -3.90 -6.78
CA PRO A 134 -46.63 -4.95 -7.03
C PRO A 134 -46.72 -6.02 -5.95
N ASN A 135 -46.27 -7.24 -6.29
CA ASN A 135 -46.19 -8.33 -5.34
C ASN A 135 -44.89 -8.21 -4.52
N LEU A 136 -43.84 -7.71 -5.15
CA LEU A 136 -42.53 -7.59 -4.54
C LEU A 136 -41.87 -6.27 -4.89
N ILE A 137 -40.99 -5.79 -4.02
CA ILE A 137 -40.29 -4.54 -4.26
C ILE A 137 -38.79 -4.74 -4.10
N VAL A 138 -38.02 -4.22 -5.05
CA VAL A 138 -36.56 -4.16 -4.97
C VAL A 138 -36.31 -2.68 -4.73
N ASP A 139 -35.73 -2.36 -3.59
CA ASP A 139 -35.55 -0.96 -3.23
C ASP A 139 -34.09 -0.66 -2.87
N ASP A 140 -33.67 0.56 -3.17
CA ASP A 140 -32.32 1.04 -2.86
C ASP A 140 -32.48 2.45 -2.30
N GLY A 141 -32.42 2.56 -0.97
CA GLY A 141 -32.60 3.85 -0.27
C GLY A 141 -33.93 4.01 0.45
N GLY A 142 -34.87 3.12 0.19
CA GLY A 142 -36.17 3.16 0.86
C GLY A 142 -37.24 4.06 0.27
N ASP A 143 -36.97 4.74 -0.84
CA ASP A 143 -38.00 5.63 -1.42
C ASP A 143 -39.31 4.93 -1.83
N ALA A 144 -39.23 3.73 -2.43
CA ALA A 144 -40.43 2.98 -2.80
C ALA A 144 -41.16 2.51 -1.54
N THR A 145 -40.39 2.17 -0.52
CA THR A 145 -40.95 1.73 0.74
C THR A 145 -41.55 2.96 1.46
N LEU A 146 -40.91 4.12 1.32
CA LEU A 146 -41.42 5.35 1.94
C LEU A 146 -42.75 5.77 1.32
N ILE A 147 -42.83 5.83 -0.01
CA ILE A 147 -44.09 6.27 -0.66
C ILE A 147 -45.26 5.34 -0.30
N LEU A 148 -44.99 4.06 -0.08
CA LEU A 148 -46.03 3.10 0.33
C LEU A 148 -46.56 3.39 1.73
N HIS A 149 -45.65 3.54 2.69
CA HIS A 149 -46.06 3.83 4.09
C HIS A 149 -46.69 5.19 4.24
N GLU A 150 -46.11 6.22 3.61
CA GLU A 150 -46.69 7.56 3.66
C GLU A 150 -48.02 7.62 2.89
N GLY A 151 -48.17 6.76 1.89
CA GLY A 151 -49.41 6.67 1.13
C GLY A 151 -50.52 6.16 2.01
N VAL A 152 -50.22 5.10 2.76
CA VAL A 152 -51.17 4.51 3.71
C VAL A 152 -51.54 5.53 4.80
N LYS A 153 -50.55 6.20 5.40
CA LYS A 153 -50.80 7.23 6.41
C LYS A 153 -51.70 8.33 5.88
N ALA A 154 -51.45 8.76 4.65
CA ALA A 154 -52.27 9.81 4.01
C ALA A 154 -53.73 9.36 3.86
N GLU A 155 -53.92 8.13 3.40
CA GLU A 155 -55.27 7.58 3.23
C GLU A 155 -56.03 7.49 4.54
N ILE A 156 -55.34 7.11 5.61
CA ILE A 156 -55.97 6.98 6.94
C ILE A 156 -56.36 8.36 7.47
N GLU A 157 -55.50 9.35 7.26
CA GLU A 157 -55.83 10.73 7.61
C GLU A 157 -56.97 11.27 6.74
N TYR A 158 -57.01 10.85 5.47
CA TYR A 158 -58.05 11.30 4.54
C TYR A 158 -59.42 10.81 4.98
N GLU A 159 -59.55 9.52 5.25
CA GLU A 159 -60.84 8.96 5.72
C GLU A 159 -61.31 9.54 7.04
N LYS A 160 -60.36 9.67 7.97
CA LYS A 160 -60.62 10.13 9.33
C LYS A 160 -61.46 11.42 9.41
N TYR A 161 -61.16 12.37 8.54
CA TYR A 161 -61.88 13.65 8.49
C TYR A 161 -62.54 13.92 7.13
N ASN A 162 -62.55 12.90 6.26
CA ASN A 162 -63.12 13.03 4.92
C ASN A 162 -62.73 14.32 4.17
N LYS A 163 -61.44 14.64 4.19
CA LYS A 163 -60.89 15.77 3.44
C LYS A 163 -59.38 15.59 3.33
N ILE A 164 -58.79 16.28 2.37
CA ILE A 164 -57.37 16.18 2.15
C ILE A 164 -56.59 16.64 3.40
N PRO A 165 -55.67 15.78 3.91
CA PRO A 165 -54.90 16.21 5.08
C PRO A 165 -54.13 17.48 4.75
N GLU A 166 -54.22 18.48 5.63
CA GLU A 166 -53.54 19.77 5.43
C GLU A 166 -52.01 19.70 5.29
N TYR A 167 -51.38 18.68 5.88
CA TYR A 167 -49.92 18.55 5.76
C TYR A 167 -49.48 18.28 4.30
N LEU A 168 -50.41 17.85 3.45
CA LEU A 168 -50.13 17.61 2.03
C LEU A 168 -50.37 18.84 1.12
N GLU A 169 -50.95 19.91 1.66
CA GLU A 169 -51.31 21.10 0.88
C GLU A 169 -50.54 22.34 1.34
N THR A 170 -49.43 22.14 2.05
CA THR A 170 -48.66 23.25 2.59
C THR A 170 -47.17 23.08 2.30
N GLU A 171 -46.46 24.20 2.18
CA GLU A 171 -45.02 24.19 1.96
C GLU A 171 -44.23 24.01 3.27
N LEU A 172 -44.93 23.99 4.41
CA LEU A 172 -44.27 23.93 5.71
C LEU A 172 -44.47 22.61 6.46
N ASP A 173 -43.48 22.25 7.27
CA ASP A 173 -43.54 21.03 8.11
C ASP A 173 -44.25 21.34 9.46
N GLU A 174 -44.18 20.40 10.42
CA GLU A 174 -44.85 20.56 11.73
C GLU A 174 -44.32 21.78 12.51
N ASN A 175 -43.05 22.11 12.32
CA ASN A 175 -42.39 23.22 13.04
C ASN A 175 -42.24 24.53 12.23
N GLY A 176 -43.14 24.77 11.29
CA GLY A 176 -43.12 26.01 10.48
C GLY A 176 -41.99 26.20 9.46
N LYS A 177 -41.09 25.23 9.36
CA LYS A 177 -39.97 25.30 8.42
C LYS A 177 -40.37 24.79 7.04
N GLN A 178 -39.59 25.20 6.04
CA GLN A 178 -39.80 24.82 4.65
C GLN A 178 -39.57 23.32 4.43
N LEU A 179 -40.53 22.64 3.79
CA LEU A 179 -40.36 21.22 3.49
C LEU A 179 -39.28 21.03 2.41
N SER A 180 -38.59 19.89 2.46
CA SER A 180 -37.57 19.55 1.44
C SER A 180 -38.31 19.38 0.11
N MET A 181 -37.59 19.55 -0.99
CA MET A 181 -38.19 19.39 -2.33
C MET A 181 -38.73 17.97 -2.54
N ASP A 182 -38.03 16.97 -1.99
CA ASP A 182 -38.48 15.57 -2.12
C ASP A 182 -39.83 15.33 -1.44
N LEU A 183 -40.01 15.91 -0.26
CA LEU A 183 -41.29 15.77 0.46
C LEU A 183 -42.40 16.52 -0.26
N LYS A 184 -42.13 17.73 -0.72
CA LYS A 184 -43.16 18.49 -1.45
C LYS A 184 -43.61 17.75 -2.70
N CYS A 185 -42.65 17.19 -3.45
CA CYS A 185 -42.98 16.45 -4.67
C CYS A 185 -43.68 15.14 -4.38
N MET A 186 -43.26 14.44 -3.33
CA MET A 186 -43.94 13.21 -2.93
C MET A 186 -45.38 13.53 -2.44
N TYR A 187 -45.52 14.54 -1.57
CA TYR A 187 -46.86 14.91 -1.08
C TYR A 187 -47.83 15.31 -2.20
N LYS A 188 -47.30 15.95 -3.24
CA LYS A 188 -48.09 16.32 -4.41
C LYS A 188 -48.62 15.05 -5.09
N VAL A 189 -47.79 14.01 -5.19
CA VAL A 189 -48.20 12.72 -5.77
C VAL A 189 -49.25 12.06 -4.88
N LEU A 190 -49.04 12.12 -3.56
CA LEU A 190 -50.00 11.49 -2.65
C LEU A 190 -51.36 12.17 -2.70
N LYS A 191 -51.39 13.50 -2.75
CA LYS A 191 -52.68 14.20 -2.85
C LYS A 191 -53.43 13.78 -4.11
N MET A 192 -52.72 13.78 -5.25
N MET A 192 -52.73 13.78 -5.25
CA MET A 192 -53.29 13.37 -6.53
CA MET A 192 -53.37 13.39 -6.53
C MET A 192 -53.91 11.96 -6.43
C MET A 192 -53.91 11.94 -6.48
N GLU A 193 -53.19 11.03 -5.82
CA GLU A 193 -53.66 9.64 -5.68
C GLU A 193 -54.86 9.49 -4.73
N LEU A 194 -54.94 10.34 -3.69
CA LEU A 194 -56.07 10.34 -2.76
C LEU A 194 -57.37 10.73 -3.46
N LEU A 195 -57.27 11.61 -4.45
CA LEU A 195 -58.42 12.06 -5.23
C LEU A 195 -58.80 11.07 -6.34
N LYS A 196 -57.82 10.37 -6.92
CA LYS A 196 -58.13 9.33 -7.91
C LYS A 196 -58.67 8.09 -7.22
N ASN A 197 -58.00 7.68 -6.14
CA ASN A 197 -58.45 6.50 -5.39
C ASN A 197 -57.90 6.51 -3.96
N PRO A 198 -58.78 6.79 -2.98
CA PRO A 198 -58.34 6.85 -1.57
C PRO A 198 -58.07 5.51 -0.87
N PHE A 199 -58.11 4.38 -1.59
CA PHE A 199 -57.78 3.07 -1.01
C PHE A 199 -56.66 2.39 -1.82
N ARG A 200 -55.99 3.18 -2.65
CA ARG A 200 -54.91 2.70 -3.49
C ARG A 200 -53.81 1.99 -2.75
N TRP A 201 -53.25 2.67 -1.75
CA TRP A 201 -52.10 2.13 -1.05
C TRP A 201 -52.47 0.99 -0.13
N ARG A 202 -53.51 1.17 0.67
CA ARG A 202 -53.96 0.09 1.55
C ARG A 202 -54.35 -1.16 0.76
N GLY A 203 -54.87 -0.98 -0.45
CA GLY A 203 -55.27 -2.10 -1.29
C GLY A 203 -54.11 -2.98 -1.75
N MET A 204 -52.91 -2.40 -1.79
CA MET A 204 -51.69 -3.11 -2.20
C MET A 204 -51.16 -4.05 -1.15
N LEU A 205 -51.40 -3.71 0.12
CA LEU A 205 -50.87 -4.50 1.24
C LEU A 205 -51.19 -5.97 1.17
N LYS A 206 -52.39 -6.29 0.69
CA LYS A 206 -52.87 -7.65 0.54
C LYS A 206 -51.99 -8.51 -0.39
N ASP A 207 -51.59 -7.93 -1.52
CA ASP A 207 -50.76 -8.66 -2.50
C ASP A 207 -49.25 -8.40 -2.34
N LEU A 208 -48.86 -7.50 -1.43
CA LEU A 208 -47.42 -7.25 -1.18
C LEU A 208 -46.80 -8.32 -0.31
N TYR A 209 -45.83 -9.05 -0.87
CA TYR A 209 -45.15 -10.12 -0.16
C TYR A 209 -43.77 -9.73 0.38
N GLY A 210 -43.29 -8.54 0.02
CA GLY A 210 -42.02 -8.08 0.58
C GLY A 210 -41.22 -7.07 -0.21
N VAL A 211 -40.17 -6.59 0.45
CA VAL A 211 -39.23 -5.65 -0.13
C VAL A 211 -37.84 -6.15 0.23
N SER A 212 -36.90 -6.04 -0.72
CA SER A 212 -35.52 -6.41 -0.49
C SER A 212 -34.73 -5.11 -0.64
N GLU A 213 -34.09 -4.66 0.44
CA GLU A 213 -33.38 -3.39 0.47
C GLU A 213 -31.89 -3.50 0.23
N GLU A 214 -31.42 -2.73 -0.75
CA GLU A 214 -30.03 -2.76 -1.21
C GLU A 214 -28.97 -2.11 -0.34
N THR A 215 -29.29 -0.97 0.28
CA THR A 215 -28.26 -0.17 0.95
C THR A 215 -28.51 0.27 2.39
N THR A 216 -27.40 0.58 3.06
CA THR A 216 -27.35 0.97 4.45
C THR A 216 -28.40 2.02 4.86
N THR A 217 -28.53 3.09 4.07
CA THR A 217 -29.53 4.13 4.33
C THR A 217 -30.96 3.57 4.26
N GLY A 218 -31.21 2.67 3.30
CA GLY A 218 -32.53 2.05 3.18
C GLY A 218 -32.82 1.16 4.36
N VAL A 219 -31.80 0.40 4.80
CA VAL A 219 -31.91 -0.49 5.97
C VAL A 219 -32.22 0.31 7.25
N LEU A 220 -31.54 1.43 7.45
CA LEU A 220 -31.77 2.25 8.63
C LEU A 220 -33.23 2.69 8.69
N ARG A 221 -33.75 3.10 7.53
CA ARG A 221 -35.16 3.46 7.42
C ARG A 221 -36.07 2.28 7.78
N LEU A 222 -35.73 1.06 7.32
CA LEU A 222 -36.52 -0.14 7.64
C LEU A 222 -36.50 -0.42 9.13
N LYS A 223 -35.29 -0.42 9.71
CA LYS A 223 -35.13 -0.68 11.14
C LYS A 223 -35.91 0.30 12.01
N ILE A 224 -35.97 1.57 11.58
CA ILE A 224 -36.76 2.59 12.31
C ILE A 224 -38.25 2.23 12.27
N MET A 225 -38.76 1.87 11.10
CA MET A 225 -40.17 1.47 11.00
C MET A 225 -40.44 0.23 11.86
N GLU A 226 -39.52 -0.73 11.81
CA GLU A 226 -39.66 -1.99 12.55
C GLU A 226 -39.75 -1.76 14.07
N SER A 227 -38.82 -0.99 14.61
CA SER A 227 -38.78 -0.70 16.03
C SER A 227 -40.03 0.09 16.49
N GLU A 228 -40.70 0.76 15.57
CA GLU A 228 -41.94 1.50 15.87
C GLU A 228 -43.19 0.62 15.63
N GLY A 229 -42.98 -0.59 15.11
CA GLY A 229 -44.10 -1.51 14.84
C GLY A 229 -44.95 -1.06 13.67
N LYS A 230 -44.35 -0.29 12.77
CA LYS A 230 -45.09 0.27 11.65
C LYS A 230 -44.74 -0.25 10.27
N LEU A 231 -43.87 -1.26 10.23
CA LEU A 231 -43.48 -1.87 8.95
C LEU A 231 -44.71 -2.65 8.49
N LEU A 232 -45.15 -2.44 7.26
CA LEU A 232 -46.37 -3.06 6.74
C LEU A 232 -46.16 -4.24 5.78
N LEU A 233 -44.93 -4.73 5.64
CA LEU A 233 -44.67 -5.85 4.77
C LEU A 233 -43.36 -6.52 5.18
N PRO A 234 -43.15 -7.80 4.81
CA PRO A 234 -41.87 -8.43 5.15
C PRO A 234 -40.72 -7.71 4.45
N ALA A 235 -39.52 -7.82 5.01
CA ALA A 235 -38.37 -7.16 4.45
C ALA A 235 -37.10 -7.98 4.61
N ILE A 236 -36.31 -8.02 3.54
CA ILE A 236 -35.03 -8.67 3.56
C ILE A 236 -33.99 -7.59 3.37
N ASN A 237 -33.02 -7.60 4.28
CA ASN A 237 -31.90 -6.68 4.26
C ASN A 237 -30.78 -7.30 3.43
N VAL A 238 -30.65 -6.87 2.16
CA VAL A 238 -29.60 -7.38 1.28
C VAL A 238 -28.26 -6.67 1.56
N ASN A 239 -28.30 -5.42 2.04
CA ASN A 239 -27.07 -4.69 2.32
C ASN A 239 -26.12 -5.43 3.25
N ASP A 240 -26.67 -6.04 4.30
CA ASP A 240 -25.86 -6.73 5.33
C ASP A 240 -25.50 -8.19 5.04
N SER A 241 -25.77 -8.67 3.82
CA SER A 241 -25.21 -9.96 3.45
C SER A 241 -23.71 -9.65 3.43
N VAL A 242 -22.89 -10.61 3.78
CA VAL A 242 -21.45 -10.41 3.78
C VAL A 242 -20.96 -10.14 2.37
N THR A 243 -21.52 -10.85 1.39
CA THR A 243 -21.13 -10.70 -0.02
C THR A 243 -21.67 -9.42 -0.63
N LYS A 244 -22.30 -8.56 0.18
CA LYS A 244 -22.73 -7.26 -0.30
C LYS A 244 -21.94 -6.18 0.47
N SER A 245 -22.20 -6.05 1.76
CA SER A 245 -21.56 -4.99 2.60
C SER A 245 -20.03 -4.97 2.61
N LYS A 246 -19.40 -6.14 2.57
CA LYS A 246 -17.94 -6.25 2.61
C LYS A 246 -17.30 -6.26 1.22
N PHE A 247 -18.10 -6.15 0.17
CA PHE A 247 -17.59 -6.14 -1.22
C PHE A 247 -18.03 -4.92 -1.99
N ASP A 248 -19.33 -4.82 -2.26
CA ASP A 248 -19.90 -3.65 -2.92
C ASP A 248 -19.55 -2.35 -2.20
N ASN A 249 -19.88 -2.27 -0.92
CA ASN A 249 -19.68 -1.03 -0.15
C ASN A 249 -18.20 -0.60 -0.08
N THR A 250 -17.32 -1.56 0.16
CA THR A 250 -15.91 -1.30 0.31
C THR A 250 -15.12 -1.35 -1.01
N TYR A 251 -15.02 -2.53 -1.60
CA TYR A 251 -14.22 -2.67 -2.82
C TYR A 251 -14.84 -1.98 -4.01
N GLY A 252 -16.15 -1.93 -4.06
CA GLY A 252 -16.83 -1.24 -5.14
C GLY A 252 -16.52 0.25 -5.12
N CYS A 253 -16.61 0.88 -3.94
CA CYS A 253 -16.30 2.31 -3.82
C CYS A 253 -14.82 2.62 -4.05
N ARG A 254 -13.95 1.69 -3.66
CA ARG A 254 -12.51 1.91 -3.87
C ARG A 254 -12.24 2.21 -5.35
N GLN A 255 -12.98 1.56 -6.24
CA GLN A 255 -12.77 1.81 -7.64
C GLN A 255 -13.68 2.92 -8.16
N SER A 256 -14.96 2.85 -7.81
CA SER A 256 -15.93 3.81 -8.38
C SER A 256 -15.82 5.24 -7.84
N LEU A 257 -15.30 5.41 -6.61
CA LEU A 257 -15.04 6.76 -6.10
C LEU A 257 -13.98 7.41 -6.97
N LEU A 258 -12.90 6.68 -7.23
CA LEU A 258 -11.81 7.21 -8.05
C LEU A 258 -12.29 7.55 -9.44
N HIS A 259 -13.11 6.70 -10.02
CA HIS A 259 -13.67 6.95 -11.34
C HIS A 259 -14.51 8.24 -11.36
N GLY A 260 -15.37 8.41 -10.36
CA GLY A 260 -16.19 9.61 -10.25
C GLY A 260 -15.30 10.85 -10.09
N LEU A 261 -14.30 10.75 -9.22
CA LEU A 261 -13.38 11.85 -8.99
C LEU A 261 -12.57 12.18 -10.22
N PHE A 262 -12.06 11.16 -10.91
CA PHE A 262 -11.26 11.43 -12.09
C PHE A 262 -12.09 12.08 -13.18
N ASN A 263 -13.38 11.71 -13.29
CA ASN A 263 -14.27 12.31 -14.31
C ASN A 263 -14.69 13.76 -13.97
N GLY A 264 -14.94 14.02 -12.71
CA GLY A 264 -15.42 15.35 -12.28
C GLY A 264 -14.40 16.34 -11.79
N CYS A 265 -13.35 15.84 -11.13
CA CYS A 265 -12.28 16.66 -10.58
C CYS A 265 -11.04 16.53 -11.46
N ILE A 266 -10.63 17.65 -12.05
CA ILE A 266 -9.48 17.71 -12.94
C ILE A 266 -8.12 17.57 -12.24
N GLN A 267 -8.07 17.84 -10.95
CA GLN A 267 -6.81 17.85 -10.22
C GLN A 267 -6.22 16.48 -9.89
N MET A 268 -4.93 16.52 -9.54
CA MET A 268 -4.18 15.35 -9.13
C MET A 268 -4.52 15.07 -7.68
N LEU A 269 -4.81 13.81 -7.37
CA LEU A 269 -5.12 13.46 -5.99
C LEU A 269 -3.85 13.28 -5.14
N ALA A 270 -2.77 12.86 -5.77
CA ALA A 270 -1.49 12.62 -5.10
C ALA A 270 -1.01 13.83 -4.32
N GLY A 271 -0.59 13.59 -3.07
CA GLY A 271 -0.09 14.65 -2.20
C GLY A 271 -1.16 15.57 -1.62
N LYS A 272 -2.41 15.41 -2.04
CA LYS A 272 -3.47 16.27 -1.54
C LYS A 272 -4.01 15.76 -0.21
N LYS A 273 -4.40 16.69 0.67
CA LYS A 273 -5.08 16.32 1.89
C LYS A 273 -6.54 16.14 1.50
N ILE A 274 -7.01 14.91 1.53
CA ILE A 274 -8.37 14.60 1.16
C ILE A 274 -9.07 14.08 2.39
N VAL A 275 -10.13 14.77 2.80
CA VAL A 275 -10.88 14.39 3.99
C VAL A 275 -11.99 13.42 3.63
N VAL A 276 -12.01 12.27 4.33
CA VAL A 276 -13.04 11.28 4.15
C VAL A 276 -13.85 11.34 5.42
N LEU A 277 -15.09 11.81 5.30
CA LEU A 277 -15.97 11.95 6.45
C LEU A 277 -16.80 10.69 6.58
N GLY A 278 -16.51 9.91 7.63
CA GLY A 278 -17.18 8.63 7.87
C GLY A 278 -16.23 7.54 7.41
N TYR A 279 -15.90 6.62 8.33
CA TYR A 279 -14.97 5.54 8.05
C TYR A 279 -15.62 4.16 8.31
N GLY A 280 -16.83 3.99 7.76
CA GLY A 280 -17.56 2.74 7.84
C GLY A 280 -17.16 1.85 6.66
N GLU A 281 -18.08 1.00 6.19
CA GLU A 281 -17.73 0.08 5.08
C GLU A 281 -17.34 0.86 3.81
N VAL A 282 -18.11 1.90 3.47
CA VAL A 282 -17.85 2.75 2.31
C VAL A 282 -16.59 3.58 2.51
N GLY A 283 -16.51 4.29 3.64
CA GLY A 283 -15.34 5.11 3.93
C GLY A 283 -14.01 4.36 3.85
N LYS A 284 -13.99 3.12 4.36
CA LYS A 284 -12.79 2.28 4.34
C LYS A 284 -12.31 2.05 2.90
N GLY A 285 -13.27 1.77 2.01
CA GLY A 285 -12.96 1.58 0.60
C GLY A 285 -12.46 2.85 -0.06
N CYS A 286 -13.10 3.97 0.28
CA CYS A 286 -12.72 5.27 -0.26
C CYS A 286 -11.29 5.58 0.10
N ALA A 287 -10.96 5.46 1.38
CA ALA A 287 -9.60 5.76 1.84
C ALA A 287 -8.56 4.86 1.17
N GLN A 288 -8.89 3.60 1.01
CA GLN A 288 -7.95 2.66 0.40
C GLN A 288 -7.65 3.09 -1.05
N GLY A 289 -8.68 3.41 -1.83
CA GLY A 289 -8.48 3.89 -3.20
C GLY A 289 -7.68 5.19 -3.27
N LEU A 290 -8.02 6.17 -2.41
CA LEU A 290 -7.35 7.47 -2.41
C LEU A 290 -5.86 7.37 -2.06
N SER A 291 -5.53 6.52 -1.07
CA SER A 291 -4.13 6.29 -0.69
C SER A 291 -3.39 5.59 -1.83
N GLY A 292 -4.10 4.70 -2.52
CA GLY A 292 -3.53 3.96 -3.66
C GLY A 292 -3.01 4.87 -4.75
N VAL A 293 -3.53 6.09 -4.84
CA VAL A 293 -3.07 7.05 -5.84
C VAL A 293 -2.36 8.25 -5.18
N GLY A 294 -1.74 7.99 -4.03
CA GLY A 294 -0.91 8.99 -3.39
C GLY A 294 -1.51 10.09 -2.56
N ALA A 295 -2.81 10.03 -2.30
CA ALA A 295 -3.44 11.05 -1.46
C ALA A 295 -3.13 10.78 0.01
N ARG A 296 -3.09 11.85 0.78
CA ARG A 296 -2.93 11.75 2.23
C ARG A 296 -4.35 11.89 2.80
N VAL A 297 -4.92 10.77 3.21
CA VAL A 297 -6.30 10.73 3.69
C VAL A 297 -6.46 11.14 5.17
N ILE A 298 -7.36 12.09 5.43
CA ILE A 298 -7.69 12.52 6.78
C ILE A 298 -9.14 12.08 7.01
N VAL A 299 -9.38 11.33 8.08
CA VAL A 299 -10.70 10.80 8.40
C VAL A 299 -11.39 11.54 9.55
N THR A 300 -12.72 11.68 9.44
CA THR A 300 -13.55 12.17 10.54
C THR A 300 -14.47 11.01 10.90
N GLU A 301 -14.74 10.88 12.19
CA GLU A 301 -15.61 9.83 12.72
C GLU A 301 -16.23 10.19 14.04
N ILE A 302 -17.42 9.64 14.26
CA ILE A 302 -18.15 9.78 15.52
C ILE A 302 -18.00 8.51 16.36
N ASP A 303 -17.69 7.39 15.69
CA ASP A 303 -17.55 6.10 16.35
C ASP A 303 -16.08 5.89 16.76
N PRO A 304 -15.81 5.71 18.08
CA PRO A 304 -14.42 5.54 18.50
C PRO A 304 -13.73 4.28 17.97
N ILE A 305 -14.50 3.25 17.65
CA ILE A 305 -13.94 2.02 17.11
C ILE A 305 -13.47 2.26 15.68
N CYS A 306 -14.34 2.85 14.86
CA CYS A 306 -14.00 3.13 13.47
C CYS A 306 -12.83 4.10 13.41
N ALA A 307 -12.82 5.08 14.33
CA ALA A 307 -11.72 6.03 14.42
C ALA A 307 -10.39 5.30 14.67
N LEU A 308 -10.40 4.39 15.65
CA LEU A 308 -9.21 3.57 15.92
C LEU A 308 -8.77 2.73 14.73
N GLN A 309 -9.74 2.19 13.99
CA GLN A 309 -9.43 1.41 12.79
C GLN A 309 -8.70 2.30 11.79
N ALA A 310 -9.20 3.52 11.62
CA ALA A 310 -8.60 4.47 10.70
C ALA A 310 -7.17 4.75 11.10
N SER A 311 -6.97 4.98 12.38
CA SER A 311 -5.65 5.25 12.91
C SER A 311 -4.69 4.06 12.66
N MET A 312 -5.17 2.83 12.79
CA MET A 312 -4.34 1.62 12.55
C MET A 312 -3.89 1.49 11.08
N GLU A 313 -4.58 2.14 10.16
CA GLU A 313 -4.19 2.14 8.75
C GLU A 313 -3.30 3.35 8.38
N GLY A 314 -2.85 4.10 9.37
CA GLY A 314 -1.95 5.23 9.14
C GLY A 314 -2.60 6.56 8.84
N TYR A 315 -3.92 6.66 9.02
CA TYR A 315 -4.62 7.90 8.73
C TYR A 315 -4.82 8.77 9.95
N GLN A 316 -4.71 10.07 9.73
CA GLN A 316 -4.99 11.05 10.76
C GLN A 316 -6.52 11.07 10.94
N VAL A 317 -6.97 11.19 12.20
CA VAL A 317 -8.39 11.31 12.51
C VAL A 317 -8.57 12.68 13.17
N SER A 318 -9.33 13.56 12.53
CA SER A 318 -9.57 14.92 13.04
C SER A 318 -11.02 15.32 12.93
N VAL A 319 -11.39 16.41 13.61
CA VAL A 319 -12.75 16.95 13.47
C VAL A 319 -12.67 17.94 12.30
N LEU A 320 -13.71 17.95 11.47
CA LEU A 320 -13.74 18.81 10.28
C LEU A 320 -13.25 20.26 10.47
N GLU A 321 -13.66 20.89 11.57
N GLU A 321 -13.69 20.94 11.53
CA GLU A 321 -13.28 22.29 11.87
CA GLU A 321 -13.26 22.34 11.76
C GLU A 321 -11.78 22.52 11.91
C GLU A 321 -11.75 22.54 11.92
N ASP A 322 -11.05 21.52 12.41
CA ASP A 322 -9.60 21.62 12.55
C ASP A 322 -8.84 21.43 11.23
N VAL A 323 -9.53 20.97 10.18
CA VAL A 323 -8.88 20.79 8.87
C VAL A 323 -9.58 21.44 7.68
N VAL A 324 -10.78 21.96 7.91
CA VAL A 324 -11.58 22.51 6.81
C VAL A 324 -10.89 23.61 6.01
N SER A 325 -9.98 24.35 6.63
CA SER A 325 -9.28 25.40 5.92
C SER A 325 -8.01 24.95 5.19
N GLU A 326 -7.46 23.80 5.56
N GLU A 326 -7.44 23.80 5.58
CA GLU A 326 -6.22 23.31 4.95
CA GLU A 326 -6.21 23.31 4.95
C GLU A 326 -6.40 22.15 3.95
C GLU A 326 -6.40 22.16 3.94
N ALA A 327 -7.48 21.39 4.07
CA ALA A 327 -7.72 20.26 3.17
C ALA A 327 -8.08 20.69 1.74
N ASP A 328 -7.84 19.80 0.78
CA ASP A 328 -8.05 20.12 -0.63
C ASP A 328 -9.33 19.56 -1.21
N ILE A 329 -9.73 18.38 -0.74
CA ILE A 329 -10.89 17.68 -1.25
C ILE A 329 -11.62 17.07 -0.05
N PHE A 330 -12.95 17.08 -0.12
CA PHE A 330 -13.80 16.56 0.94
C PHE A 330 -14.79 15.56 0.37
N ILE A 331 -14.85 14.39 1.00
N ILE A 331 -14.88 14.39 0.99
CA ILE A 331 -15.72 13.31 0.58
CA ILE A 331 -15.76 13.34 0.54
C ILE A 331 -16.58 12.81 1.74
C ILE A 331 -16.57 12.78 1.69
N THR A 332 -17.89 13.00 1.65
CA THR A 332 -18.81 12.53 2.70
C THR A 332 -19.22 11.09 2.42
N ALA A 333 -19.12 10.25 3.45
CA ALA A 333 -19.47 8.83 3.36
C ALA A 333 -20.14 8.37 4.65
N THR A 334 -20.94 9.26 5.24
CA THR A 334 -21.58 8.98 6.52
C THR A 334 -22.96 8.37 6.48
N GLY A 335 -23.75 8.73 5.47
CA GLY A 335 -25.15 8.34 5.46
C GLY A 335 -25.92 9.20 6.48
N ASN A 336 -25.29 10.26 6.95
CA ASN A 336 -25.90 11.17 7.94
C ASN A 336 -26.32 12.42 7.16
N LYS A 337 -26.64 13.51 7.84
CA LYS A 337 -27.01 14.75 7.13
C LYS A 337 -26.31 15.95 7.76
N ASP A 338 -26.11 17.00 6.97
CA ASP A 338 -25.48 18.26 7.46
C ASP A 338 -24.07 18.04 8.01
N VAL A 339 -23.29 17.22 7.30
CA VAL A 339 -21.92 16.91 7.65
C VAL A 339 -20.98 18.03 7.14
N ILE A 340 -21.33 18.62 6.00
CA ILE A 340 -20.62 19.76 5.42
C ILE A 340 -21.66 20.87 5.25
N THR A 341 -21.51 21.94 6.02
CA THR A 341 -22.43 23.06 5.98
C THR A 341 -21.88 24.19 5.11
N VAL A 342 -22.75 25.14 4.79
CA VAL A 342 -22.33 26.32 4.02
C VAL A 342 -21.20 27.04 4.78
N GLU A 343 -21.29 27.07 6.11
CA GLU A 343 -20.27 27.71 6.94
C GLU A 343 -18.92 27.04 6.80
N HIS A 344 -18.94 25.70 6.75
CA HIS A 344 -17.70 24.94 6.52
C HIS A 344 -17.16 25.36 5.15
N MET A 345 -18.06 25.38 4.17
CA MET A 345 -17.70 25.72 2.79
C MET A 345 -17.04 27.09 2.66
N ARG A 346 -17.52 28.07 3.40
CA ARG A 346 -16.98 29.44 3.35
C ARG A 346 -15.52 29.53 3.80
N LYS A 347 -15.08 28.55 4.59
CA LYS A 347 -13.73 28.51 5.13
C LYS A 347 -12.73 27.71 4.30
N MET A 348 -13.22 26.95 3.32
CA MET A 348 -12.37 26.13 2.48
C MET A 348 -11.46 26.98 1.59
N LYS A 349 -10.32 26.40 1.22
CA LYS A 349 -9.37 27.10 0.34
C LYS A 349 -9.92 27.22 -1.08
N GLU A 350 -9.30 28.07 -1.87
CA GLU A 350 -9.71 28.34 -3.23
C GLU A 350 -9.73 27.05 -4.08
N ASN A 351 -10.85 26.84 -4.78
CA ASN A 351 -11.09 25.66 -5.64
C ASN A 351 -10.98 24.33 -4.93
N ALA A 352 -11.40 24.30 -3.67
CA ALA A 352 -11.48 23.04 -2.93
C ALA A 352 -12.64 22.27 -3.54
N TYR A 353 -12.53 20.96 -3.58
CA TYR A 353 -13.57 20.11 -4.16
C TYR A 353 -14.39 19.45 -3.07
N ILE A 354 -15.69 19.33 -3.33
CA ILE A 354 -16.62 18.69 -2.41
C ILE A 354 -17.41 17.62 -3.16
N ALA A 355 -17.45 16.43 -2.59
CA ALA A 355 -18.21 15.33 -3.19
C ALA A 355 -18.81 14.46 -2.10
N ASN A 356 -19.88 13.78 -2.46
CA ASN A 356 -20.60 12.90 -1.56
C ASN A 356 -20.74 11.55 -2.27
N ILE A 357 -20.55 10.47 -1.51
CA ILE A 357 -20.73 9.13 -2.05
C ILE A 357 -21.83 8.39 -1.26
N GLY A 358 -22.35 9.03 -0.20
CA GLY A 358 -23.46 8.49 0.58
C GLY A 358 -24.74 8.55 -0.25
N HIS A 359 -25.74 7.77 0.16
CA HIS A 359 -26.96 7.64 -0.64
C HIS A 359 -27.70 8.91 -0.97
N PHE A 360 -27.90 9.78 0.03
CA PHE A 360 -28.61 11.05 -0.17
C PHE A 360 -27.67 12.24 -0.19
N ASP A 361 -28.06 13.24 -0.98
CA ASP A 361 -27.30 14.46 -1.14
C ASP A 361 -27.28 15.41 0.07
N ASP A 362 -28.17 15.21 1.05
CA ASP A 362 -28.22 16.12 2.22
C ASP A 362 -27.04 16.00 3.20
N GLU A 363 -26.05 15.15 2.89
CA GLU A 363 -24.82 15.08 3.68
C GLU A 363 -24.10 16.41 3.51
N ILE A 364 -24.33 17.03 2.36
CA ILE A 364 -23.80 18.34 2.03
C ILE A 364 -24.97 19.30 1.96
N ASP A 365 -24.78 20.50 2.51
CA ASP A 365 -25.82 21.53 2.52
C ASP A 365 -25.85 22.22 1.16
N VAL A 366 -26.32 21.50 0.16
CA VAL A 366 -26.38 22.02 -1.19
C VAL A 366 -27.38 23.17 -1.29
N TYR A 367 -28.52 23.02 -0.60
CA TYR A 367 -29.56 24.04 -0.59
C TYR A 367 -29.00 25.36 -0.08
N GLY A 368 -28.32 25.32 1.07
CA GLY A 368 -27.75 26.53 1.65
C GLY A 368 -26.71 27.17 0.75
N LEU A 369 -26.01 26.34 -0.02
CA LEU A 369 -24.99 26.85 -0.94
C LEU A 369 -25.63 27.58 -2.12
N GLU A 370 -26.62 26.95 -2.75
CA GLU A 370 -27.29 27.53 -3.89
C GLU A 370 -28.12 28.77 -3.57
N ASN A 371 -28.67 28.85 -2.36
CA ASN A 371 -29.49 30.00 -1.93
C ASN A 371 -28.71 31.01 -1.08
N TYR A 372 -27.38 30.93 -1.13
CA TYR A 372 -26.56 31.85 -0.35
C TYR A 372 -26.65 33.22 -1.03
N PRO A 373 -26.94 34.30 -0.27
CA PRO A 373 -27.09 35.63 -0.87
C PRO A 373 -25.92 36.11 -1.73
N GLY A 374 -26.20 36.35 -3.01
CA GLY A 374 -25.21 36.86 -3.95
C GLY A 374 -24.20 35.84 -4.45
N ILE A 375 -24.48 34.55 -4.29
CA ILE A 375 -23.53 33.54 -4.76
C ILE A 375 -23.61 33.39 -6.28
N LYS A 376 -22.45 33.21 -6.91
CA LYS A 376 -22.35 32.96 -8.36
C LYS A 376 -22.06 31.49 -8.61
N VAL A 377 -22.68 30.94 -9.65
CA VAL A 377 -22.49 29.55 -10.01
C VAL A 377 -22.17 29.44 -11.50
N ILE A 378 -21.20 28.60 -11.86
CA ILE A 378 -20.89 28.35 -13.26
C ILE A 378 -20.77 26.84 -13.43
N GLU A 379 -21.26 26.36 -14.54
CA GLU A 379 -21.21 24.96 -14.85
C GLU A 379 -19.80 24.70 -15.41
N VAL A 380 -19.00 23.89 -14.68
CA VAL A 380 -17.63 23.56 -15.12
C VAL A 380 -17.76 22.51 -16.23
N LYS A 381 -18.58 21.51 -15.97
CA LYS A 381 -18.93 20.53 -16.98
C LYS A 381 -20.35 20.11 -16.63
N GLN A 382 -20.94 19.29 -17.49
CA GLN A 382 -22.35 18.86 -17.39
C GLN A 382 -22.90 18.72 -15.94
N ASN A 383 -22.09 18.14 -15.06
CA ASN A 383 -22.47 17.87 -13.68
C ASN A 383 -21.42 18.33 -12.66
N VAL A 384 -20.67 19.37 -12.98
CA VAL A 384 -19.69 19.90 -12.04
C VAL A 384 -19.96 21.40 -12.00
N HIS A 385 -20.10 21.95 -10.79
CA HIS A 385 -20.41 23.38 -10.66
C HIS A 385 -19.49 24.08 -9.68
N LYS A 386 -19.00 25.25 -10.08
CA LYS A 386 -18.14 26.05 -9.23
C LYS A 386 -18.99 27.18 -8.62
N PHE A 387 -19.01 27.26 -7.30
CA PHE A 387 -19.76 28.30 -6.58
C PHE A 387 -18.75 29.24 -5.98
N THR A 388 -18.95 30.53 -6.21
CA THR A 388 -18.07 31.60 -5.73
C THR A 388 -18.83 32.49 -4.74
N PHE A 389 -18.31 32.59 -3.51
CA PHE A 389 -18.93 33.42 -2.48
C PHE A 389 -18.61 34.87 -2.79
N PRO A 390 -19.60 35.76 -2.69
CA PRO A 390 -19.36 37.15 -3.06
C PRO A 390 -18.47 37.95 -2.11
N ASP A 391 -18.45 37.59 -0.83
CA ASP A 391 -17.64 38.34 0.15
C ASP A 391 -16.13 38.03 0.05
N THR A 392 -15.76 36.76 0.01
CA THR A 392 -14.33 36.41 -0.09
C THR A 392 -13.83 36.27 -1.52
N GLN A 393 -14.75 36.08 -2.47
CA GLN A 393 -14.40 35.81 -3.88
C GLN A 393 -13.70 34.44 -4.05
N LYS A 394 -13.75 33.59 -3.02
CA LYS A 394 -13.17 32.26 -3.09
C LYS A 394 -14.24 31.32 -3.61
N SER A 395 -13.83 30.26 -4.31
CA SER A 395 -14.77 29.30 -4.88
C SER A 395 -14.62 27.87 -4.36
N VAL A 396 -15.72 27.14 -4.35
CA VAL A 396 -15.70 25.71 -4.04
C VAL A 396 -16.30 25.00 -5.27
N ILE A 397 -15.86 23.78 -5.52
CA ILE A 397 -16.34 23.02 -6.68
C ILE A 397 -17.05 21.77 -6.19
N LEU A 398 -18.34 21.70 -6.50
CA LEU A 398 -19.20 20.61 -6.06
C LEU A 398 -19.39 19.59 -7.20
N LEU A 399 -19.21 18.30 -6.90
CA LEU A 399 -19.41 17.27 -7.92
C LEU A 399 -20.84 16.76 -7.88
N CYS A 400 -21.47 16.77 -9.06
CA CYS A 400 -22.88 16.36 -9.32
C CYS A 400 -23.91 16.77 -8.25
N LYS A 401 -23.86 18.05 -7.90
CA LYS A 401 -24.79 18.62 -6.96
C LYS A 401 -24.89 17.84 -5.64
N GLY A 402 -23.78 17.21 -5.23
CA GLY A 402 -23.76 16.47 -3.99
C GLY A 402 -24.40 15.10 -4.03
N ARG A 403 -24.87 14.66 -5.20
CA ARG A 403 -25.44 13.30 -5.31
C ARG A 403 -24.30 12.29 -5.37
N LEU A 404 -24.57 11.03 -5.00
CA LEU A 404 -23.54 9.97 -4.97
C LEU A 404 -22.68 10.01 -6.26
N VAL A 405 -21.43 10.44 -6.05
CA VAL A 405 -20.46 10.75 -7.10
C VAL A 405 -20.04 9.61 -8.01
N ASN A 406 -20.00 8.40 -7.49
CA ASN A 406 -19.64 7.27 -8.34
C ASN A 406 -20.70 6.98 -9.39
N LEU A 407 -21.96 7.34 -9.12
CA LEU A 407 -23.09 7.08 -10.06
C LEU A 407 -23.53 8.35 -10.77
N GLY A 408 -23.25 9.50 -10.17
CA GLY A 408 -23.60 10.79 -10.73
C GLY A 408 -22.57 11.29 -11.70
N CYS A 409 -21.28 11.08 -11.39
CA CYS A 409 -20.18 11.53 -12.26
C CYS A 409 -19.49 10.37 -12.98
N ALA A 410 -19.89 9.13 -12.69
CA ALA A 410 -19.32 7.96 -13.37
C ALA A 410 -20.38 6.87 -13.53
N THR A 411 -19.98 5.62 -13.79
CA THR A 411 -20.92 4.53 -14.01
C THR A 411 -21.14 3.61 -12.81
N GLY A 412 -20.78 4.04 -11.61
CA GLY A 412 -20.98 3.22 -10.41
C GLY A 412 -19.99 2.08 -10.28
N HIS A 413 -20.28 1.13 -9.39
CA HIS A 413 -19.36 0.01 -9.22
C HIS A 413 -19.35 -0.86 -10.46
N PRO A 414 -18.24 -1.59 -10.67
CA PRO A 414 -18.17 -2.50 -11.84
C PRO A 414 -19.02 -3.75 -11.71
N PRO A 415 -19.19 -4.51 -12.80
CA PRO A 415 -20.01 -5.71 -12.81
C PRO A 415 -19.75 -6.77 -11.74
N LEU A 416 -18.49 -7.10 -11.47
CA LEU A 416 -18.20 -8.16 -10.48
C LEU A 416 -18.92 -7.97 -9.14
N VAL A 417 -18.65 -6.87 -8.44
CA VAL A 417 -19.31 -6.67 -7.13
C VAL A 417 -20.81 -6.51 -7.24
N MET A 418 -21.30 -5.89 -8.33
CA MET A 418 -22.74 -5.73 -8.48
C MET A 418 -23.41 -7.05 -8.70
N SER A 419 -22.74 -7.97 -9.38
CA SER A 419 -23.27 -9.32 -9.56
C SER A 419 -23.44 -9.98 -8.20
N MET A 420 -22.46 -9.78 -7.33
CA MET A 420 -22.54 -10.32 -5.96
C MET A 420 -23.73 -9.71 -5.20
N SER A 421 -23.89 -8.38 -5.30
CA SER A 421 -25.02 -7.69 -4.64
C SER A 421 -26.35 -8.11 -5.25
N PHE A 422 -26.40 -8.15 -6.57
CA PHE A 422 -27.63 -8.49 -7.26
C PHE A 422 -27.98 -9.97 -7.21
N THR A 423 -27.00 -10.83 -6.98
CA THR A 423 -27.28 -12.25 -6.79
C THR A 423 -28.02 -12.38 -5.44
N ASN A 424 -27.60 -11.59 -4.45
CA ASN A 424 -28.31 -11.54 -3.17
C ASN A 424 -29.75 -11.05 -3.39
N GLN A 425 -29.93 -10.01 -4.22
CA GLN A 425 -31.27 -9.48 -4.54
C GLN A 425 -32.20 -10.56 -5.13
N VAL A 426 -31.72 -11.25 -6.18
CA VAL A 426 -32.52 -12.32 -6.80
C VAL A 426 -32.88 -13.39 -5.77
N LEU A 427 -31.92 -13.79 -4.94
CA LEU A 427 -32.19 -14.78 -3.88
C LEU A 427 -33.20 -14.23 -2.85
N ALA A 428 -33.10 -12.92 -2.53
CA ALA A 428 -34.04 -12.30 -1.56
C ALA A 428 -35.45 -12.27 -2.11
N GLN A 429 -35.57 -11.94 -3.39
CA GLN A 429 -36.85 -11.91 -4.08
C GLN A 429 -37.47 -13.30 -4.09
N MET A 430 -36.68 -14.30 -4.48
CA MET A 430 -37.15 -15.69 -4.52
C MET A 430 -37.64 -16.17 -3.16
N ASP A 431 -36.91 -15.78 -2.12
CA ASP A 431 -37.24 -16.15 -0.73
C ASP A 431 -38.58 -15.55 -0.32
N LEU A 432 -38.79 -14.27 -0.66
CA LEU A 432 -40.04 -13.56 -0.33
C LEU A 432 -41.22 -14.12 -1.10
N TRP A 433 -40.98 -14.46 -2.36
CA TRP A 433 -42.02 -14.99 -3.20
C TRP A 433 -42.52 -16.36 -2.73
N LYS A 434 -41.60 -17.28 -2.48
N LYS A 434 -41.60 -17.29 -2.47
CA LYS A 434 -41.96 -18.64 -2.03
CA LYS A 434 -41.97 -18.65 -2.03
C LYS A 434 -42.61 -18.67 -0.64
C LYS A 434 -42.60 -18.67 -0.63
N SER A 435 -42.30 -17.67 0.18
CA SER A 435 -42.87 -17.55 1.54
C SER A 435 -44.22 -16.85 1.53
N ARG A 436 -44.63 -16.30 0.40
CA ARG A 436 -45.88 -15.54 0.30
C ARG A 436 -47.11 -16.20 0.93
N GLU A 437 -47.99 -15.36 1.47
CA GLU A 437 -49.21 -15.81 2.13
C GLU A 437 -50.40 -15.03 1.57
N THR A 445 -50.34 -7.75 12.41
CA THR A 445 -49.16 -8.52 12.03
C THR A 445 -47.90 -7.69 12.22
N ARG A 446 -46.91 -8.24 12.93
CA ARG A 446 -45.63 -7.59 13.15
C ARG A 446 -44.62 -8.12 12.12
N PHE A 447 -44.23 -7.25 11.19
CA PHE A 447 -43.29 -7.63 10.16
C PHE A 447 -41.86 -7.36 10.61
N PHE A 448 -40.96 -8.24 10.17
CA PHE A 448 -39.54 -8.16 10.53
C PHE A 448 -38.64 -7.90 9.34
N VAL A 449 -37.43 -7.44 9.65
CA VAL A 449 -36.37 -7.23 8.70
C VAL A 449 -35.42 -8.38 9.00
N LYS A 450 -35.26 -9.30 8.06
CA LYS A 450 -34.33 -10.41 8.25
C LYS A 450 -33.23 -10.34 7.21
N LYS A 451 -32.20 -11.15 7.41
CA LYS A 451 -31.12 -11.24 6.47
C LYS A 451 -31.14 -12.64 5.85
N LEU A 452 -30.41 -12.81 4.75
CA LEU A 452 -30.30 -14.13 4.12
C LEU A 452 -29.39 -15.06 4.94
N SER A 453 -29.62 -16.36 4.85
CA SER A 453 -28.80 -17.32 5.57
C SER A 453 -27.32 -17.25 5.17
N LYS A 454 -26.45 -17.66 6.07
CA LYS A 454 -25.04 -17.70 5.76
C LYS A 454 -24.79 -18.71 4.61
N GLU A 455 -25.58 -19.78 4.55
CA GLU A 455 -25.43 -20.75 3.44
C GLU A 455 -25.55 -20.05 2.08
N LEU A 456 -26.58 -19.24 1.91
CA LEU A 456 -26.77 -18.53 0.65
C LEU A 456 -25.68 -17.48 0.44
N ASP A 457 -25.24 -16.85 1.54
CA ASP A 457 -24.21 -15.82 1.49
C ASP A 457 -22.91 -16.43 0.95
N GLU A 458 -22.53 -17.61 1.44
CA GLU A 458 -21.34 -18.30 0.96
C GLU A 458 -21.52 -18.75 -0.48
N TYR A 459 -22.74 -19.19 -0.81
CA TYR A 459 -23.08 -19.59 -2.16
C TYR A 459 -22.82 -18.45 -3.16
N VAL A 460 -23.25 -17.23 -2.82
CA VAL A 460 -22.99 -16.06 -3.67
C VAL A 460 -21.49 -15.94 -3.96
N ALA A 461 -20.67 -16.10 -2.93
CA ALA A 461 -19.21 -16.06 -3.10
C ALA A 461 -18.75 -17.21 -4.02
N ARG A 462 -19.21 -18.43 -3.76
CA ARG A 462 -18.82 -19.59 -4.61
C ARG A 462 -19.07 -19.35 -6.10
N LEU A 463 -20.17 -18.68 -6.43
CA LEU A 463 -20.53 -18.43 -7.82
C LEU A 463 -19.60 -17.50 -8.57
N HIS A 464 -18.74 -16.78 -7.85
CA HIS A 464 -17.84 -15.81 -8.46
C HIS A 464 -16.37 -16.19 -8.36
N LEU A 465 -16.07 -17.34 -7.75
CA LEU A 465 -14.67 -17.74 -7.60
C LEU A 465 -13.94 -17.96 -8.92
N ASP A 466 -14.62 -18.54 -9.92
CA ASP A 466 -14.00 -18.85 -11.23
C ASP A 466 -13.66 -17.60 -12.06
N VAL A 467 -14.39 -16.52 -11.86
CA VAL A 467 -14.10 -15.25 -12.52
C VAL A 467 -12.60 -14.93 -12.31
N LEU A 468 -12.16 -15.03 -11.07
CA LEU A 468 -10.81 -14.67 -10.67
C LEU A 468 -9.80 -15.81 -10.52
N GLY A 469 -10.14 -17.00 -11.02
CA GLY A 469 -9.22 -18.15 -10.93
C GLY A 469 -8.87 -18.55 -9.50
N ILE A 470 -9.81 -18.37 -8.57
CA ILE A 470 -9.60 -18.69 -7.16
C ILE A 470 -9.78 -20.18 -6.90
N LYS A 471 -8.78 -20.81 -6.27
CA LYS A 471 -8.83 -22.25 -5.94
C LYS A 471 -9.06 -22.43 -4.45
N LEU A 472 -10.21 -22.98 -4.11
CA LEU A 472 -10.62 -23.15 -2.72
C LEU A 472 -10.14 -24.47 -2.15
N THR A 473 -9.60 -24.45 -0.94
CA THR A 473 -9.14 -25.66 -0.26
C THR A 473 -10.34 -26.38 0.35
N LYS A 474 -10.30 -27.70 0.34
CA LYS A 474 -11.39 -28.48 0.89
C LYS A 474 -10.95 -29.18 2.19
N LEU A 475 -11.81 -29.09 3.21
CA LEU A 475 -11.55 -29.70 4.50
C LEU A 475 -11.62 -31.24 4.45
N THR A 476 -10.83 -31.89 5.30
CA THR A 476 -10.90 -33.35 5.48
C THR A 476 -11.94 -33.58 6.60
N GLU A 477 -12.43 -34.81 6.72
CA GLU A 477 -13.41 -35.15 7.76
C GLU A 477 -12.88 -34.81 9.13
N THR A 478 -11.62 -35.15 9.38
CA THR A 478 -10.96 -34.91 10.67
C THR A 478 -10.87 -33.41 10.99
N GLN A 479 -10.46 -32.63 10.00
CA GLN A 479 -10.35 -31.17 10.15
C GLN A 479 -11.71 -30.54 10.39
N ALA A 480 -12.71 -31.01 9.65
CA ALA A 480 -14.09 -30.51 9.78
C ALA A 480 -14.65 -30.76 11.17
N LYS A 481 -14.46 -31.96 11.69
CA LYS A 481 -14.92 -32.32 13.02
C LYS A 481 -14.18 -31.52 14.09
N TYR A 482 -12.88 -31.27 13.84
CA TYR A 482 -12.06 -30.54 14.78
C TYR A 482 -12.49 -29.09 14.95
N ILE A 483 -12.78 -28.41 13.83
CA ILE A 483 -13.20 -27.01 13.88
C ILE A 483 -14.72 -26.88 13.97
N ASN A 484 -15.40 -28.02 14.00
CA ASN A 484 -16.86 -28.07 14.19
C ASN A 484 -17.69 -27.40 13.07
N VAL A 485 -17.44 -27.81 11.84
CA VAL A 485 -18.20 -27.31 10.70
C VAL A 485 -18.39 -28.43 9.73
N SER A 486 -19.38 -28.27 8.87
CA SER A 486 -19.61 -29.22 7.82
C SER A 486 -18.58 -28.91 6.75
N ILE A 487 -18.19 -29.94 6.00
CA ILE A 487 -17.25 -29.79 4.90
C ILE A 487 -17.77 -28.78 3.87
N ASN A 488 -19.10 -28.73 3.73
CA ASN A 488 -19.76 -27.85 2.77
C ASN A 488 -20.23 -26.51 3.35
N GLY A 489 -19.85 -26.20 4.59
CA GLY A 489 -20.24 -24.95 5.21
C GLY A 489 -21.61 -25.00 5.85
N PRO A 490 -22.04 -23.91 6.50
CA PRO A 490 -21.27 -22.68 6.62
C PRO A 490 -20.04 -22.83 7.52
N TYR A 491 -19.01 -22.04 7.25
CA TYR A 491 -17.73 -22.14 7.93
C TYR A 491 -17.50 -21.20 9.09
N LYS A 492 -18.36 -20.21 9.26
CA LYS A 492 -18.22 -19.24 10.34
C LYS A 492 -19.51 -19.13 11.11
N SER A 493 -19.44 -18.73 12.37
CA SER A 493 -20.63 -18.54 13.17
C SER A 493 -21.30 -17.23 12.73
N GLU A 494 -22.59 -17.10 13.05
CA GLU A 494 -23.40 -15.93 12.68
C GLU A 494 -22.83 -14.58 13.03
N ASP A 495 -22.08 -14.50 14.13
CA ASP A 495 -21.52 -13.21 14.53
C ASP A 495 -20.13 -12.93 13.91
N TYR A 496 -19.63 -13.80 13.01
CA TYR A 496 -18.30 -13.57 12.45
C TYR A 496 -18.30 -12.30 11.62
N ARG A 497 -17.27 -11.48 11.81
CA ARG A 497 -17.23 -10.19 11.17
C ARG A 497 -16.43 -10.08 9.88
N TYR A 498 -15.67 -11.10 9.52
CA TYR A 498 -14.88 -11.08 8.29
C TYR A 498 -13.93 -9.89 8.25
N MET B 6 2.36 -22.64 47.64
CA MET B 6 2.06 -21.21 47.33
C MET B 6 3.31 -20.34 47.11
N GLU B 7 4.44 -20.95 46.72
CA GLU B 7 5.65 -20.17 46.40
C GLU B 7 5.98 -20.33 44.92
N SER B 8 6.11 -19.20 44.26
CA SER B 8 6.36 -19.14 42.84
C SER B 8 7.55 -19.95 42.35
N ARG B 9 7.46 -20.35 41.08
CA ARG B 9 8.53 -21.03 40.40
C ARG B 9 8.72 -20.32 39.06
N ILE B 10 9.80 -19.54 38.98
CA ILE B 10 10.20 -18.79 37.80
C ILE B 10 11.68 -19.04 37.53
N LYS B 11 12.17 -18.53 36.41
CA LYS B 11 13.57 -18.73 36.00
C LYS B 11 14.57 -17.98 36.88
N ASP B 12 14.39 -16.66 37.01
CA ASP B 12 15.34 -15.84 37.77
C ASP B 12 14.72 -14.54 38.25
N ILE B 13 14.59 -14.41 39.57
CA ILE B 13 14.02 -13.21 40.22
C ILE B 13 14.89 -11.94 40.09
N SER B 14 16.18 -12.08 39.75
CA SER B 14 17.06 -10.90 39.60
C SER B 14 16.73 -10.07 38.33
N LEU B 15 15.91 -10.65 37.44
CA LEU B 15 15.48 -9.95 36.22
C LEU B 15 14.31 -9.01 36.52
N ALA B 16 13.81 -9.02 37.76
CA ALA B 16 12.68 -8.20 38.20
C ALA B 16 12.69 -6.74 37.74
N GLU B 17 13.78 -6.03 38.02
CA GLU B 17 13.85 -4.61 37.65
C GLU B 17 13.72 -4.37 36.14
N PHE B 18 14.26 -5.28 35.32
CA PHE B 18 14.14 -5.14 33.86
C PHE B 18 12.66 -5.21 33.47
N GLY B 19 11.93 -6.11 34.13
CA GLY B 19 10.50 -6.27 33.90
C GLY B 19 9.73 -5.05 34.37
N LEU B 20 10.01 -4.59 35.60
CA LEU B 20 9.34 -3.40 36.16
C LEU B 20 9.61 -2.16 35.30
N GLN B 21 10.78 -2.12 34.66
CA GLN B 21 11.17 -1.01 33.80
C GLN B 21 10.36 -1.05 32.51
N ASP B 22 10.29 -2.24 31.87
CA ASP B 22 9.48 -2.41 30.66
C ASP B 22 7.99 -2.21 30.94
N MET B 23 7.53 -2.60 32.15
CA MET B 23 6.13 -2.41 32.51
C MET B 23 5.73 -0.93 32.44
N GLU B 24 6.54 -0.07 33.08
CA GLU B 24 6.25 1.36 33.11
C GLU B 24 6.27 1.98 31.71
N ILE B 25 7.23 1.57 30.88
CA ILE B 25 7.30 2.05 29.51
C ILE B 25 6.05 1.60 28.75
N ALA B 26 5.67 0.34 28.93
CA ALA B 26 4.47 -0.23 28.29
C ALA B 26 3.20 0.54 28.67
N LYS B 27 3.04 0.81 29.97
CA LYS B 27 1.90 1.58 30.48
C LYS B 27 1.60 2.87 29.73
N THR B 28 2.62 3.51 29.17
CA THR B 28 2.43 4.74 28.36
C THR B 28 1.37 4.56 27.27
N ASP B 29 1.32 3.38 26.66
CA ASP B 29 0.31 3.07 25.64
C ASP B 29 -0.89 2.28 26.14
N MET B 30 -0.77 1.62 27.31
CA MET B 30 -1.87 0.81 27.85
C MET B 30 -2.84 1.66 28.70
N MET B 31 -3.33 2.76 28.12
N MET B 31 -3.34 2.75 28.10
CA MET B 31 -4.19 3.69 28.86
CA MET B 31 -4.25 3.69 28.77
C MET B 31 -5.55 3.13 29.31
C MET B 31 -5.44 3.03 29.42
N GLY B 32 -5.92 1.97 28.76
CA GLY B 32 -7.12 1.27 29.19
C GLY B 32 -6.93 0.68 30.58
N LEU B 33 -5.80 -0.02 30.74
CA LEU B 33 -5.47 -0.61 32.03
C LEU B 33 -5.09 0.46 33.04
N VAL B 34 -4.39 1.50 32.60
CA VAL B 34 -4.02 2.60 33.50
C VAL B 34 -5.29 3.25 34.05
N GLU B 35 -6.29 3.46 33.19
CA GLU B 35 -7.55 4.07 33.62
C GLU B 35 -8.31 3.20 34.60
N LEU B 36 -8.43 1.91 34.31
CA LEU B 36 -9.12 0.98 35.22
C LEU B 36 -8.47 0.99 36.60
N GLN B 37 -7.15 1.04 36.63
CA GLN B 37 -6.43 1.11 37.92
C GLN B 37 -6.78 2.40 38.64
N ARG B 38 -6.76 3.52 37.93
CA ARG B 38 -7.06 4.83 38.55
C ARG B 38 -8.46 4.87 39.18
N LYS B 39 -9.43 4.40 38.40
CA LYS B 39 -10.84 4.44 38.78
C LYS B 39 -11.30 3.46 39.84
N TYR B 40 -10.76 2.25 39.82
CA TYR B 40 -11.21 1.20 40.72
C TYR B 40 -10.24 0.75 41.83
N ARG B 41 -9.04 1.31 41.90
CA ARG B 41 -8.12 0.86 42.95
C ARG B 41 -8.58 1.15 44.39
N ASP B 42 -9.33 2.24 44.58
CA ASP B 42 -9.85 2.54 45.92
C ASP B 42 -11.00 1.62 46.35
N SER B 43 -12.00 1.47 45.48
CA SER B 43 -13.19 0.65 45.78
C SER B 43 -12.95 -0.85 45.66
N LYS B 44 -11.96 -1.25 44.88
CA LYS B 44 -11.59 -2.68 44.71
C LYS B 44 -12.79 -3.61 44.43
N PRO B 45 -13.38 -3.53 43.22
CA PRO B 45 -14.54 -4.38 42.92
C PRO B 45 -14.25 -5.88 42.91
N LEU B 46 -12.98 -6.26 42.81
CA LEU B 46 -12.60 -7.69 42.77
C LEU B 46 -12.03 -8.17 44.11
N LYS B 47 -12.20 -7.39 45.19
CA LYS B 47 -11.60 -7.79 46.45
C LYS B 47 -12.12 -9.16 46.89
N GLY B 48 -11.18 -10.01 47.31
CA GLY B 48 -11.49 -11.37 47.78
C GLY B 48 -11.54 -12.44 46.69
N ALA B 49 -11.62 -12.01 45.43
CA ALA B 49 -11.74 -12.95 44.32
C ALA B 49 -10.42 -13.66 44.01
N ARG B 50 -10.48 -14.99 43.92
CA ARG B 50 -9.31 -15.79 43.59
C ARG B 50 -9.29 -15.99 42.09
N ILE B 51 -8.31 -15.40 41.44
CA ILE B 51 -8.21 -15.47 39.99
C ILE B 51 -7.01 -16.29 39.56
N THR B 52 -7.28 -17.34 38.79
CA THR B 52 -6.25 -18.19 38.19
C THR B 52 -6.23 -17.81 36.73
N GLY B 53 -5.04 -17.54 36.20
CA GLY B 53 -4.90 -17.17 34.79
C GLY B 53 -3.96 -18.12 34.06
N SER B 54 -4.33 -18.45 32.81
CA SER B 54 -3.52 -19.31 31.92
C SER B 54 -3.41 -18.51 30.63
N LEU B 55 -2.37 -17.67 30.55
CA LEU B 55 -2.19 -16.76 29.43
C LEU B 55 -0.74 -16.27 29.31
N HIS B 56 -0.15 -16.43 28.12
CA HIS B 56 1.26 -16.01 27.81
C HIS B 56 1.75 -14.94 28.78
N LEU B 57 2.72 -15.26 29.63
CA LEU B 57 3.15 -14.30 30.65
C LEU B 57 4.21 -13.32 30.12
N THR B 58 3.71 -12.30 29.42
CA THR B 58 4.55 -11.27 28.84
C THR B 58 4.54 -9.99 29.70
N ILE B 59 5.24 -8.96 29.25
CA ILE B 59 5.23 -7.67 29.95
C ILE B 59 3.82 -7.11 29.92
N GLU B 60 3.14 -7.27 28.78
CA GLU B 60 1.75 -6.82 28.63
C GLU B 60 0.85 -7.53 29.66
N THR B 61 0.99 -8.85 29.77
CA THR B 61 0.23 -9.63 30.75
C THR B 61 0.50 -9.21 32.19
N SER B 62 1.72 -8.80 32.49
CA SER B 62 2.05 -8.35 33.84
C SER B 62 1.23 -7.12 34.23
N VAL B 63 0.96 -6.24 33.25
CA VAL B 63 0.16 -5.04 33.51
C VAL B 63 -1.30 -5.45 33.74
N LEU B 64 -1.72 -6.52 33.08
CA LEU B 64 -3.06 -7.07 33.31
C LEU B 64 -3.15 -7.60 34.74
N VAL B 65 -2.19 -8.43 35.13
CA VAL B 65 -2.15 -9.00 36.48
C VAL B 65 -2.08 -7.89 37.54
N GLU B 66 -1.28 -6.85 37.30
CA GLU B 66 -1.17 -5.71 38.22
C GLU B 66 -2.51 -5.01 38.36
N THR B 67 -3.21 -4.87 37.25
CA THR B 67 -4.52 -4.22 37.23
C THR B 67 -5.49 -5.06 38.05
N LEU B 68 -5.51 -6.36 37.78
CA LEU B 68 -6.35 -7.28 38.54
C LEU B 68 -6.04 -7.17 40.03
N TYR B 69 -4.75 -7.10 40.36
CA TYR B 69 -4.32 -6.99 41.76
C TYR B 69 -4.78 -5.68 42.38
N GLU B 70 -4.59 -4.57 41.67
CA GLU B 70 -5.02 -3.26 42.16
C GLU B 70 -6.53 -3.19 42.37
N LEU B 71 -7.28 -4.03 41.65
CA LEU B 71 -8.73 -4.07 41.84
C LEU B 71 -9.15 -5.00 42.99
N GLY B 72 -8.17 -5.51 43.75
CA GLY B 72 -8.42 -6.33 44.95
C GLY B 72 -8.33 -7.85 44.85
N ALA B 73 -8.00 -8.39 43.67
CA ALA B 73 -7.95 -9.83 43.52
C ALA B 73 -6.66 -10.48 44.01
N GLU B 74 -6.79 -11.73 44.45
CA GLU B 74 -5.63 -12.57 44.79
C GLU B 74 -5.38 -13.30 43.47
N ILE B 75 -4.13 -13.43 43.07
CA ILE B 75 -3.82 -13.97 41.75
C ILE B 75 -2.71 -15.01 41.69
N ARG B 76 -2.96 -16.13 41.01
CA ARG B 76 -1.91 -17.11 40.73
C ARG B 76 -1.96 -17.37 39.22
N TRP B 77 -0.79 -17.44 38.59
CA TRP B 77 -0.72 -17.44 37.13
C TRP B 77 0.27 -18.41 36.48
N CYS B 78 -0.02 -18.76 35.23
CA CYS B 78 0.84 -19.63 34.41
C CYS B 78 0.67 -19.25 32.94
N SER B 79 1.66 -19.57 32.11
CA SER B 79 1.56 -19.27 30.67
C SER B 79 0.73 -20.32 29.97
N CYS B 80 0.23 -19.97 28.78
CA CYS B 80 -0.58 -20.89 27.98
C CYS B 80 0.27 -21.48 26.83
N ASN B 81 1.59 -21.35 26.95
CA ASN B 81 2.50 -21.90 25.98
C ASN B 81 3.88 -22.07 26.64
N ILE B 82 4.59 -23.11 26.21
CA ILE B 82 5.92 -23.41 26.77
C ILE B 82 7.05 -22.44 26.39
N TYR B 83 6.86 -21.61 25.36
CA TYR B 83 7.91 -20.68 24.91
C TYR B 83 7.59 -19.19 24.98
N SER B 84 6.34 -18.83 25.29
CA SER B 84 5.92 -17.43 25.27
C SER B 84 6.22 -16.60 26.52
N THR B 85 6.58 -17.25 27.60
CA THR B 85 6.85 -16.53 28.82
C THR B 85 8.08 -15.66 28.66
N GLN B 86 7.99 -14.46 29.24
CA GLN B 86 9.09 -13.53 29.29
C GLN B 86 9.47 -13.56 30.77
N ASP B 87 10.65 -14.13 31.04
CA ASP B 87 11.14 -14.36 32.41
C ASP B 87 11.25 -13.12 33.28
N HIS B 88 11.60 -11.99 32.66
CA HIS B 88 11.72 -10.72 33.40
C HIS B 88 10.34 -10.20 33.81
N ALA B 89 9.32 -10.52 32.99
CA ALA B 89 7.94 -10.13 33.28
C ALA B 89 7.41 -10.95 34.46
N ALA B 90 7.68 -12.25 34.42
CA ALA B 90 7.29 -13.16 35.50
C ALA B 90 7.95 -12.77 36.80
N ALA B 91 9.23 -12.39 36.72
CA ALA B 91 10.00 -11.97 37.90
C ALA B 91 9.44 -10.72 38.57
N ALA B 92 9.07 -9.74 37.75
CA ALA B 92 8.48 -8.49 38.25
C ALA B 92 7.23 -8.73 39.11
N LEU B 93 6.41 -9.70 38.71
CA LEU B 93 5.19 -10.03 39.45
C LEU B 93 5.52 -10.64 40.79
N VAL B 94 6.48 -11.56 40.80
CA VAL B 94 6.93 -12.22 42.03
C VAL B 94 7.65 -11.25 42.98
N LYS B 95 8.53 -10.42 42.42
CA LYS B 95 9.28 -9.41 43.17
C LYS B 95 8.33 -8.41 43.82
N LYS B 96 7.36 -7.90 43.06
CA LYS B 96 6.40 -6.94 43.57
C LYS B 96 5.37 -7.66 44.46
N ASN B 97 5.42 -9.00 44.44
CA ASN B 97 4.59 -9.88 45.29
C ASN B 97 3.08 -9.68 45.07
N ILE B 98 2.69 -9.44 43.82
CA ILE B 98 1.28 -9.23 43.46
C ILE B 98 0.62 -10.47 42.85
N ALA B 99 1.36 -11.57 42.77
CA ALA B 99 0.85 -12.81 42.21
C ALA B 99 1.81 -13.98 42.45
N THR B 100 1.26 -15.17 42.58
CA THR B 100 2.05 -16.39 42.70
C THR B 100 2.16 -16.86 41.25
N VAL B 101 3.37 -17.08 40.76
CA VAL B 101 3.58 -17.44 39.36
C VAL B 101 4.26 -18.79 39.16
N PHE B 102 3.77 -19.56 38.19
CA PHE B 102 4.34 -20.86 37.82
C PHE B 102 4.56 -20.79 36.31
N ALA B 103 5.66 -20.17 35.90
CA ALA B 103 5.95 -20.02 34.48
C ALA B 103 7.37 -19.57 34.18
N TRP B 104 7.90 -20.09 33.07
CA TRP B 104 9.23 -19.73 32.60
C TRP B 104 9.37 -20.09 31.12
N LYS B 105 10.29 -19.43 30.44
CA LYS B 105 10.49 -19.69 29.02
C LYS B 105 11.18 -21.03 28.85
N ASN B 106 10.81 -21.73 27.78
CA ASN B 106 11.35 -23.05 27.42
C ASN B 106 11.00 -24.15 28.44
N GLU B 107 9.73 -24.22 28.82
CA GLU B 107 9.25 -25.28 29.72
C GLU B 107 9.17 -26.59 28.94
N THR B 108 9.10 -27.70 29.68
CA THR B 108 8.86 -29.01 29.06
C THR B 108 7.34 -29.11 29.05
N ILE B 109 6.78 -30.05 28.30
CA ILE B 109 5.32 -30.23 28.27
C ILE B 109 4.82 -30.72 29.64
N GLU B 110 5.62 -31.55 30.32
CA GLU B 110 5.23 -32.03 31.64
C GLU B 110 5.14 -30.87 32.65
N ASP B 111 6.13 -29.99 32.63
CA ASP B 111 6.16 -28.81 33.52
C ASP B 111 4.97 -27.90 33.27
N TYR B 112 4.62 -27.72 32.00
CA TYR B 112 3.47 -26.87 31.63
C TYR B 112 2.21 -27.29 32.37
N TRP B 113 1.86 -28.57 32.29
CA TRP B 113 0.64 -29.10 32.95
C TRP B 113 0.74 -29.07 34.48
N VAL B 114 1.94 -29.27 35.01
CA VAL B 114 2.18 -29.20 36.45
C VAL B 114 1.99 -27.73 36.89
N CYS B 115 2.51 -26.78 36.11
CA CYS B 115 2.36 -25.34 36.43
C CYS B 115 0.90 -24.89 36.38
N LEU B 116 0.16 -25.38 35.38
CA LEU B 116 -1.27 -25.05 35.25
C LEU B 116 -2.05 -25.64 36.43
N ASN B 117 -1.79 -26.90 36.73
CA ASN B 117 -2.46 -27.57 37.86
C ASN B 117 -2.18 -26.84 39.19
N ASP B 118 -0.95 -26.36 39.38
CA ASP B 118 -0.61 -25.60 40.60
C ASP B 118 -1.32 -24.25 40.62
N ALA B 119 -1.45 -23.64 39.45
CA ALA B 119 -2.15 -22.36 39.35
C ALA B 119 -3.63 -22.52 39.71
N MET B 120 -4.17 -23.72 39.44
CA MET B 120 -5.58 -24.02 39.78
C MET B 120 -5.77 -24.41 41.27
N THR B 121 -4.65 -24.65 41.97
CA THR B 121 -4.68 -25.06 43.38
C THR B 121 -4.53 -23.88 44.35
N TRP B 122 -5.52 -23.71 45.21
CA TRP B 122 -5.52 -22.64 46.20
C TRP B 122 -5.69 -23.21 47.59
N ARG B 123 -5.00 -22.62 48.57
CA ARG B 123 -5.16 -23.05 49.96
C ARG B 123 -6.40 -22.37 50.53
N ASN B 124 -7.33 -23.19 51.03
CA ASN B 124 -8.63 -22.74 51.56
C ASN B 124 -8.53 -21.49 52.46
N PRO B 125 -9.34 -20.43 52.18
CA PRO B 125 -9.32 -19.22 53.01
C PRO B 125 -9.44 -19.43 54.53
N ASN B 126 -9.94 -20.61 54.94
CA ASN B 126 -10.09 -20.96 56.36
C ASN B 126 -8.93 -21.83 56.87
N ASP B 127 -8.62 -22.90 56.12
CA ASP B 127 -7.55 -23.84 56.47
C ASP B 127 -6.37 -23.80 55.51
N LYS B 128 -5.20 -24.19 56.02
CA LYS B 128 -3.95 -24.26 55.23
C LYS B 128 -3.74 -25.67 54.66
N ASP B 129 -4.34 -26.68 55.29
CA ASP B 129 -4.23 -28.07 54.87
C ASP B 129 -5.20 -28.35 53.71
N LYS B 130 -6.43 -27.84 53.83
CA LYS B 130 -7.47 -28.03 52.83
C LYS B 130 -7.26 -27.19 51.56
N ILE B 131 -7.51 -27.83 50.43
CA ILE B 131 -7.34 -27.26 49.11
C ILE B 131 -8.68 -26.80 48.53
N CYS B 132 -8.62 -25.80 47.64
CA CYS B 132 -9.80 -25.32 46.93
C CYS B 132 -9.39 -24.78 45.55
N GLY B 133 -10.34 -24.29 44.77
CA GLY B 133 -10.06 -23.77 43.43
C GLY B 133 -10.24 -22.27 43.30
N PRO B 134 -10.10 -21.75 42.06
CA PRO B 134 -10.29 -20.31 41.83
C PRO B 134 -11.76 -19.92 41.72
N ASN B 135 -12.03 -18.63 41.92
CA ASN B 135 -13.36 -18.06 41.75
C ASN B 135 -13.55 -17.69 40.28
N LEU B 136 -12.48 -17.22 39.66
CA LEU B 136 -12.51 -16.79 38.26
C LEU B 136 -11.34 -17.35 37.48
N ILE B 137 -11.50 -17.46 36.17
CA ILE B 137 -10.42 -17.92 35.31
C ILE B 137 -10.23 -16.98 34.12
N VAL B 138 -8.98 -16.58 33.89
CA VAL B 138 -8.59 -15.78 32.72
C VAL B 138 -7.87 -16.83 31.88
N ASP B 139 -8.43 -17.18 30.73
CA ASP B 139 -7.87 -18.25 29.92
C ASP B 139 -7.56 -17.80 28.49
N ASP B 140 -6.53 -18.43 27.89
CA ASP B 140 -6.12 -18.14 26.53
C ASP B 140 -5.78 -19.49 25.89
N GLY B 141 -6.69 -19.97 25.06
CA GLY B 141 -6.51 -21.27 24.40
C GLY B 141 -7.42 -22.32 25.00
N GLY B 142 -7.91 -22.05 26.21
CA GLY B 142 -8.83 -22.96 26.89
C GLY B 142 -8.24 -24.11 27.67
N ASP B 143 -6.94 -24.10 27.98
CA ASP B 143 -6.33 -25.25 28.72
C ASP B 143 -6.76 -25.29 30.19
N ALA B 144 -6.97 -24.13 30.81
CA ALA B 144 -7.44 -24.09 32.19
C ALA B 144 -8.88 -24.63 32.23
N THR B 145 -9.69 -24.19 31.27
CA THR B 145 -11.06 -24.67 31.13
C THR B 145 -11.07 -26.17 30.81
N LEU B 146 -10.11 -26.61 29.99
CA LEU B 146 -10.04 -28.02 29.59
C LEU B 146 -9.70 -28.95 30.76
N ILE B 147 -8.71 -28.57 31.57
CA ILE B 147 -8.26 -29.43 32.66
C ILE B 147 -9.39 -29.58 33.69
N LEU B 148 -10.16 -28.51 33.88
CA LEU B 148 -11.32 -28.52 34.79
C LEU B 148 -12.39 -29.50 34.31
N HIS B 149 -12.77 -29.40 33.05
CA HIS B 149 -13.82 -30.27 32.49
C HIS B 149 -13.39 -31.73 32.38
N GLU B 150 -12.15 -31.95 31.95
CA GLU B 150 -11.60 -33.30 31.89
C GLU B 150 -11.37 -33.83 33.32
N GLY B 151 -11.06 -32.93 34.25
CA GLY B 151 -10.90 -33.32 35.65
C GLY B 151 -12.22 -33.87 36.19
N VAL B 152 -13.31 -33.14 35.89
CA VAL B 152 -14.68 -33.55 36.29
C VAL B 152 -15.05 -34.88 35.61
N LYS B 153 -14.84 -35.00 34.30
CA LYS B 153 -15.13 -36.27 33.59
C LYS B 153 -14.41 -37.44 34.23
N ALA B 154 -13.12 -37.23 34.51
CA ALA B 154 -12.27 -38.23 35.14
C ALA B 154 -12.85 -38.73 36.48
N GLU B 155 -13.22 -37.79 37.34
CA GLU B 155 -13.82 -38.11 38.63
C GLU B 155 -15.16 -38.86 38.48
N ILE B 156 -16.02 -38.38 37.59
CA ILE B 156 -17.30 -39.06 37.34
C ILE B 156 -17.09 -40.48 36.82
N GLU B 157 -16.15 -40.65 35.91
CA GLU B 157 -15.86 -41.96 35.32
C GLU B 157 -15.19 -42.88 36.36
N TYR B 158 -14.39 -42.29 37.25
CA TYR B 158 -13.71 -43.02 38.32
C TYR B 158 -14.69 -43.66 39.30
N GLU B 159 -15.72 -42.90 39.68
CA GLU B 159 -16.75 -43.41 40.61
C GLU B 159 -17.73 -44.37 39.94
N LYS B 160 -17.85 -44.27 38.64
CA LYS B 160 -18.77 -45.12 37.90
C LYS B 160 -18.34 -46.61 37.98
N TYR B 161 -17.05 -46.88 37.78
CA TYR B 161 -16.58 -48.27 37.78
C TYR B 161 -15.53 -48.55 38.85
N ASN B 162 -15.42 -47.64 39.82
CA ASN B 162 -14.46 -47.78 40.93
C ASN B 162 -13.08 -48.24 40.45
N LYS B 163 -12.48 -47.44 39.59
CA LYS B 163 -11.13 -47.69 39.08
C LYS B 163 -10.67 -46.50 38.24
N ILE B 164 -9.36 -46.38 38.08
CA ILE B 164 -8.77 -45.35 37.25
C ILE B 164 -9.24 -45.62 35.82
N PRO B 165 -9.90 -44.65 35.17
CA PRO B 165 -10.36 -44.90 33.80
C PRO B 165 -9.19 -45.26 32.90
N GLU B 166 -9.30 -46.32 32.11
CA GLU B 166 -8.14 -46.74 31.29
C GLU B 166 -7.70 -45.74 30.21
N TYR B 167 -8.53 -44.76 29.85
CA TYR B 167 -8.13 -43.78 28.84
C TYR B 167 -7.01 -42.89 29.42
N LEU B 168 -6.97 -42.74 30.75
CA LEU B 168 -5.94 -41.95 31.44
C LEU B 168 -4.60 -42.66 31.44
N GLU B 169 -4.63 -43.99 31.45
CA GLU B 169 -3.43 -44.82 31.47
C GLU B 169 -2.88 -45.17 30.08
N THR B 170 -3.76 -45.25 29.08
CA THR B 170 -3.35 -45.62 27.71
C THR B 170 -2.55 -44.50 27.03
N GLU B 171 -1.61 -44.91 26.17
CA GLU B 171 -0.73 -44.01 25.43
C GLU B 171 -1.31 -43.70 24.03
N LEU B 172 -2.10 -44.63 23.49
CA LEU B 172 -2.80 -44.48 22.21
C LEU B 172 -4.24 -44.03 22.50
N ASP B 173 -5.06 -43.84 21.47
CA ASP B 173 -6.46 -43.42 21.67
C ASP B 173 -7.39 -43.81 20.52
N GLU B 174 -8.48 -44.51 20.86
CA GLU B 174 -9.53 -44.97 19.94
C GLU B 174 -9.08 -45.48 18.56
N ASN B 175 -8.71 -44.54 17.67
CA ASN B 175 -8.30 -44.87 16.31
C ASN B 175 -6.90 -45.52 16.20
N GLY B 176 -6.24 -45.75 17.33
CA GLY B 176 -4.92 -46.37 17.35
C GLY B 176 -3.76 -45.39 17.18
N LYS B 177 -4.05 -44.10 17.05
CA LYS B 177 -3.00 -43.09 16.89
C LYS B 177 -2.41 -42.68 18.24
N GLN B 178 -1.14 -42.29 18.20
CA GLN B 178 -0.40 -41.87 19.39
C GLN B 178 -0.97 -40.55 19.93
N LEU B 179 -1.31 -40.53 21.21
CA LEU B 179 -1.81 -39.31 21.86
C LEU B 179 -0.77 -38.21 21.85
N SER B 180 -1.22 -36.97 21.74
CA SER B 180 -0.32 -35.83 21.78
C SER B 180 0.33 -35.83 23.16
N MET B 181 1.55 -35.30 23.24
CA MET B 181 2.26 -35.25 24.49
C MET B 181 1.43 -34.45 25.50
N ASP B 182 0.80 -33.37 25.04
CA ASP B 182 -0.06 -32.54 25.91
C ASP B 182 -1.13 -33.36 26.60
N LEU B 183 -1.82 -34.22 25.85
CA LEU B 183 -2.83 -35.10 26.43
C LEU B 183 -2.23 -36.10 27.41
N LYS B 184 -1.12 -36.75 27.04
CA LYS B 184 -0.48 -37.72 27.94
C LYS B 184 -0.05 -37.07 29.25
N CYS B 185 0.49 -35.87 29.17
CA CYS B 185 0.88 -35.15 30.39
C CYS B 185 -0.33 -34.70 31.21
N MET B 186 -1.38 -34.21 30.55
CA MET B 186 -2.59 -33.78 31.29
C MET B 186 -3.18 -35.00 31.99
N TYR B 187 -3.34 -36.10 31.25
CA TYR B 187 -3.89 -37.31 31.83
C TYR B 187 -3.09 -37.80 33.03
N LYS B 188 -1.76 -37.71 32.95
CA LYS B 188 -0.93 -38.15 34.07
C LYS B 188 -1.22 -37.29 35.33
N VAL B 189 -1.42 -35.99 35.13
CA VAL B 189 -1.73 -35.09 36.25
C VAL B 189 -3.10 -35.45 36.85
N LEU B 190 -4.09 -35.66 35.98
CA LEU B 190 -5.44 -36.02 36.42
C LEU B 190 -5.50 -37.34 37.17
N LYS B 191 -4.77 -38.33 36.67
CA LYS B 191 -4.70 -39.65 37.31
C LYS B 191 -4.21 -39.49 38.74
N MET B 192 -3.11 -38.74 38.92
CA MET B 192 -2.58 -38.46 40.26
C MET B 192 -3.54 -37.69 41.16
N GLU B 193 -4.24 -36.70 40.62
CA GLU B 193 -5.22 -35.97 41.45
C GLU B 193 -6.38 -36.87 41.89
N LEU B 194 -6.77 -37.84 41.05
CA LEU B 194 -7.84 -38.79 41.43
C LEU B 194 -7.46 -39.57 42.69
N LEU B 195 -6.17 -39.91 42.81
CA LEU B 195 -5.66 -40.66 43.95
C LEU B 195 -5.54 -39.79 45.21
N LYS B 196 -5.12 -38.54 45.07
CA LYS B 196 -5.03 -37.62 46.23
C LYS B 196 -6.40 -37.16 46.72
N ASN B 197 -7.30 -36.85 45.78
CA ASN B 197 -8.64 -36.40 46.14
C ASN B 197 -9.57 -36.54 44.94
N PRO B 198 -10.50 -37.52 44.98
CA PRO B 198 -11.43 -37.75 43.87
C PRO B 198 -12.60 -36.75 43.72
N PHE B 199 -12.66 -35.69 44.55
N PHE B 199 -12.65 -35.72 44.60
CA PHE B 199 -13.72 -34.68 44.40
CA PHE B 199 -13.69 -34.68 44.58
C PHE B 199 -13.10 -33.29 44.26
C PHE B 199 -13.08 -33.29 44.34
N ARG B 200 -11.83 -33.25 43.86
CA ARG B 200 -11.09 -31.99 43.65
C ARG B 200 -11.76 -31.06 42.65
N TRP B 201 -11.94 -31.58 41.43
CA TRP B 201 -12.50 -30.79 40.35
C TRP B 201 -13.97 -30.44 40.55
N ARG B 202 -14.77 -31.44 40.92
CA ARG B 202 -16.19 -31.18 41.18
C ARG B 202 -16.36 -30.24 42.37
N GLY B 203 -15.41 -30.28 43.31
CA GLY B 203 -15.44 -29.38 44.47
C GLY B 203 -15.26 -27.91 44.08
N MET B 204 -14.56 -27.69 42.96
CA MET B 204 -14.31 -26.33 42.45
C MET B 204 -15.54 -25.69 41.82
N LEU B 205 -16.35 -26.48 41.13
CA LEU B 205 -17.54 -25.95 40.42
C LEU B 205 -18.40 -25.03 41.28
N LYS B 206 -18.53 -25.38 42.55
CA LYS B 206 -19.30 -24.61 43.53
C LYS B 206 -18.89 -23.13 43.65
N ASP B 207 -17.59 -22.88 43.79
CA ASP B 207 -17.04 -21.53 43.93
C ASP B 207 -16.63 -20.83 42.63
N LEU B 208 -16.70 -21.53 41.49
CA LEU B 208 -16.34 -20.93 40.19
C LEU B 208 -17.46 -20.09 39.60
N TYR B 209 -17.18 -18.79 39.44
CA TYR B 209 -18.16 -17.85 38.90
C TYR B 209 -18.04 -17.67 37.39
N GLY B 210 -16.92 -18.09 36.80
CA GLY B 210 -16.75 -18.01 35.35
C GLY B 210 -15.34 -17.96 34.80
N VAL B 211 -15.26 -18.05 33.48
CA VAL B 211 -13.99 -17.97 32.74
C VAL B 211 -14.16 -16.91 31.65
N SER B 212 -13.11 -16.17 31.37
CA SER B 212 -13.11 -15.17 30.28
C SER B 212 -12.03 -15.63 29.31
N GLU B 213 -12.43 -16.00 28.10
CA GLU B 213 -11.53 -16.56 27.08
C GLU B 213 -11.01 -15.56 26.05
N GLU B 214 -9.68 -15.46 26.00
CA GLU B 214 -8.99 -14.52 25.15
C GLU B 214 -9.02 -14.79 23.64
N THR B 215 -8.91 -16.04 23.21
CA THR B 215 -8.69 -16.31 21.77
C THR B 215 -9.64 -17.25 21.02
N THR B 216 -9.60 -17.12 19.71
CA THR B 216 -10.45 -17.87 18.78
C THR B 216 -10.51 -19.37 19.02
N THR B 217 -9.35 -19.98 19.26
CA THR B 217 -9.26 -21.42 19.50
C THR B 217 -9.93 -21.80 20.82
N GLY B 218 -9.73 -20.99 21.85
CA GLY B 218 -10.35 -21.23 23.15
C GLY B 218 -11.86 -21.08 23.08
N VAL B 219 -12.31 -20.09 22.34
CA VAL B 219 -13.75 -19.83 22.14
C VAL B 219 -14.42 -20.99 21.42
N LEU B 220 -13.76 -21.49 20.39
CA LEU B 220 -14.28 -22.61 19.64
C LEU B 220 -14.52 -23.76 20.60
N ARG B 221 -13.52 -24.06 21.43
CA ARG B 221 -13.67 -25.10 22.46
C ARG B 221 -14.88 -24.83 23.37
N LEU B 222 -15.06 -23.58 23.79
CA LEU B 222 -16.22 -23.21 24.64
C LEU B 222 -17.54 -23.44 23.93
N LYS B 223 -17.62 -23.04 22.65
CA LYS B 223 -18.84 -23.20 21.85
C LYS B 223 -19.20 -24.67 21.63
N ILE B 224 -18.18 -25.53 21.54
CA ILE B 224 -18.41 -26.95 21.35
C ILE B 224 -19.02 -27.54 22.63
N MET B 225 -18.44 -27.18 23.78
CA MET B 225 -18.97 -27.65 25.06
C MET B 225 -20.40 -27.14 25.29
N GLU B 226 -20.68 -25.91 24.89
CA GLU B 226 -22.03 -25.33 25.07
C GLU B 226 -23.06 -26.08 24.24
N SER B 227 -22.74 -26.30 22.96
CA SER B 227 -23.63 -26.99 22.04
C SER B 227 -23.93 -28.39 22.52
N GLU B 228 -22.98 -28.99 23.23
CA GLU B 228 -23.17 -30.34 23.79
C GLU B 228 -23.80 -30.31 25.18
N GLY B 229 -24.04 -29.11 25.72
CA GLY B 229 -24.62 -28.94 27.05
C GLY B 229 -23.70 -29.42 28.15
N LYS B 230 -22.39 -29.25 27.97
CA LYS B 230 -21.38 -29.72 28.94
C LYS B 230 -20.54 -28.62 29.58
N LEU B 231 -20.84 -27.37 29.25
CA LEU B 231 -20.14 -26.22 29.84
C LEU B 231 -20.55 -26.17 31.32
N LEU B 232 -19.57 -26.09 32.22
CA LEU B 232 -19.83 -26.16 33.68
C LEU B 232 -19.70 -24.84 34.46
N LEU B 233 -19.54 -23.73 33.77
CA LEU B 233 -19.45 -22.43 34.42
C LEU B 233 -19.76 -21.33 33.42
N PRO B 234 -20.15 -20.13 33.91
CA PRO B 234 -20.41 -19.06 32.94
C PRO B 234 -19.15 -18.70 32.18
N ALA B 235 -19.31 -18.25 30.94
CA ALA B 235 -18.16 -17.91 30.13
C ALA B 235 -18.37 -16.62 29.37
N ILE B 236 -17.30 -15.86 29.25
CA ILE B 236 -17.31 -14.63 28.49
C ILE B 236 -16.28 -14.75 27.38
N ASN B 237 -16.77 -14.62 26.15
CA ASN B 237 -15.94 -14.67 24.97
C ASN B 237 -15.34 -13.27 24.78
N VAL B 238 -14.06 -13.15 25.12
CA VAL B 238 -13.34 -11.87 24.99
C VAL B 238 -12.85 -11.69 23.56
N ASN B 239 -12.41 -12.79 22.95
CA ASN B 239 -11.91 -12.73 21.58
C ASN B 239 -12.80 -11.91 20.64
N ASP B 240 -14.12 -12.15 20.71
CA ASP B 240 -15.05 -11.52 19.78
C ASP B 240 -15.59 -10.13 20.12
N SER B 241 -14.96 -9.45 21.08
CA SER B 241 -15.26 -8.03 21.27
C SER B 241 -14.65 -7.41 20.02
N VAL B 242 -15.25 -6.35 19.52
CA VAL B 242 -14.71 -5.67 18.33
C VAL B 242 -13.30 -5.17 18.61
N THR B 243 -13.12 -4.56 19.79
CA THR B 243 -11.81 -4.03 20.22
C THR B 243 -10.75 -5.10 20.53
N LYS B 244 -11.09 -6.37 20.32
CA LYS B 244 -10.11 -7.44 20.47
C LYS B 244 -9.87 -8.02 19.07
N SER B 245 -10.83 -8.81 18.55
CA SER B 245 -10.72 -9.49 17.23
C SER B 245 -10.34 -8.61 16.03
N LYS B 246 -10.85 -7.39 15.95
CA LYS B 246 -10.52 -6.48 14.83
C LYS B 246 -9.26 -5.65 15.06
N PHE B 247 -8.57 -5.87 16.18
CA PHE B 247 -7.34 -5.12 16.49
C PHE B 247 -6.19 -6.04 16.85
N ASP B 248 -6.33 -6.77 17.96
CA ASP B 248 -5.33 -7.78 18.39
C ASP B 248 -5.03 -8.81 17.28
N ASN B 249 -6.05 -9.55 16.87
CA ASN B 249 -5.86 -10.61 15.85
C ASN B 249 -5.30 -10.10 14.51
N THR B 250 -5.72 -8.93 14.06
CA THR B 250 -5.28 -8.37 12.77
C THR B 250 -4.04 -7.48 12.86
N TYR B 251 -4.15 -6.33 13.52
CA TYR B 251 -3.06 -5.37 13.62
C TYR B 251 -1.94 -5.80 14.57
N GLY B 252 -2.26 -6.67 15.53
CA GLY B 252 -1.24 -7.20 16.43
C GLY B 252 -0.31 -8.09 15.63
N CYS B 253 -0.88 -9.03 14.88
CA CYS B 253 -0.10 -9.97 14.07
C CYS B 253 0.66 -9.27 12.94
N ARG B 254 0.10 -8.20 12.39
CA ARG B 254 0.77 -7.46 11.30
C ARG B 254 2.18 -7.05 11.73
N GLN B 255 2.33 -6.60 12.97
CA GLN B 255 3.65 -6.23 13.50
C GLN B 255 4.40 -7.42 14.10
N SER B 256 3.74 -8.16 14.98
CA SER B 256 4.39 -9.26 15.69
C SER B 256 4.74 -10.48 14.80
N LEU B 257 4.04 -10.70 13.69
CA LEU B 257 4.45 -11.78 12.77
C LEU B 257 5.80 -11.38 12.21
N LEU B 258 5.89 -10.16 11.68
CA LEU B 258 7.15 -9.69 11.13
C LEU B 258 8.28 -9.73 12.16
N HIS B 259 7.99 -9.38 13.41
CA HIS B 259 9.01 -9.41 14.44
C HIS B 259 9.50 -10.84 14.62
N GLY B 260 8.57 -11.78 14.68
CA GLY B 260 8.89 -13.20 14.83
C GLY B 260 9.70 -13.75 13.68
N LEU B 261 9.36 -13.33 12.46
CA LEU B 261 10.08 -13.77 11.26
C LEU B 261 11.45 -13.13 11.15
N PHE B 262 11.56 -11.84 11.42
CA PHE B 262 12.88 -11.21 11.35
C PHE B 262 13.85 -11.82 12.38
N ASN B 263 13.35 -12.25 13.54
CA ASN B 263 14.20 -12.88 14.54
C ASN B 263 14.57 -14.32 14.19
N GLY B 264 13.64 -15.07 13.62
CA GLY B 264 13.89 -16.49 13.32
C GLY B 264 14.40 -16.83 11.94
N CYS B 265 14.02 -16.02 10.95
CA CYS B 265 14.37 -16.21 9.56
C CYS B 265 15.34 -15.13 9.10
N ILE B 266 16.54 -15.54 8.72
CA ILE B 266 17.58 -14.61 8.29
C ILE B 266 17.34 -13.97 6.92
N GLN B 267 16.56 -14.64 6.08
CA GLN B 267 16.33 -14.17 4.69
C GLN B 267 15.45 -12.92 4.51
N MET B 268 15.59 -12.33 3.34
CA MET B 268 14.84 -11.16 2.95
C MET B 268 13.46 -11.63 2.53
N LEU B 269 12.42 -10.97 3.03
CA LEU B 269 11.05 -11.37 2.66
C LEU B 269 10.62 -10.82 1.30
N ALA B 270 11.23 -9.70 0.90
CA ALA B 270 10.88 -9.06 -0.37
C ALA B 270 11.11 -9.97 -1.56
N GLY B 271 10.11 -10.03 -2.44
CA GLY B 271 10.19 -10.86 -3.64
C GLY B 271 9.80 -12.30 -3.41
N LYS B 272 9.88 -12.77 -2.17
CA LYS B 272 9.56 -14.16 -1.89
C LYS B 272 8.07 -14.46 -2.03
N LYS B 273 7.79 -15.70 -2.43
CA LYS B 273 6.44 -16.20 -2.49
C LYS B 273 6.16 -16.76 -1.09
N ILE B 274 5.32 -16.06 -0.34
CA ILE B 274 5.01 -16.44 1.03
C ILE B 274 3.58 -16.93 1.11
N VAL B 275 3.38 -18.17 1.56
CA VAL B 275 2.04 -18.71 1.64
C VAL B 275 1.47 -18.49 3.02
N VAL B 276 0.31 -17.84 3.07
CA VAL B 276 -0.41 -17.60 4.30
C VAL B 276 -1.64 -18.48 4.25
N LEU B 277 -1.65 -19.52 5.09
CA LEU B 277 -2.75 -20.46 5.13
C LEU B 277 -3.76 -19.98 6.16
N GLY B 278 -4.92 -19.58 5.66
CA GLY B 278 -5.98 -19.04 6.49
C GLY B 278 -5.96 -17.54 6.32
N TYR B 279 -7.10 -16.98 5.93
CA TYR B 279 -7.23 -15.56 5.71
C TYR B 279 -8.39 -14.99 6.54
N GLY B 280 -8.38 -15.33 7.82
CA GLY B 280 -9.36 -14.82 8.73
C GLY B 280 -8.80 -13.55 9.33
N GLU B 281 -9.19 -13.25 10.56
CA GLU B 281 -8.71 -12.02 11.22
C GLU B 281 -7.18 -12.00 11.33
N VAL B 282 -6.57 -13.11 11.72
CA VAL B 282 -5.10 -13.20 11.85
C VAL B 282 -4.41 -13.16 10.49
N GLY B 283 -4.85 -14.00 9.57
CA GLY B 283 -4.27 -14.07 8.25
C GLY B 283 -4.32 -12.75 7.51
N LYS B 284 -5.41 -11.99 7.69
CA LYS B 284 -5.55 -10.68 7.05
C LYS B 284 -4.41 -9.77 7.46
N GLY B 285 -4.07 -9.77 8.74
CA GLY B 285 -3.00 -8.93 9.25
C GLY B 285 -1.63 -9.39 8.84
N CYS B 286 -1.44 -10.70 8.87
CA CYS B 286 -0.21 -11.32 8.44
C CYS B 286 0.11 -10.93 7.01
N ALA B 287 -0.86 -11.10 6.12
CA ALA B 287 -0.70 -10.75 4.70
C ALA B 287 -0.33 -9.28 4.50
N GLN B 288 -1.04 -8.39 5.16
CA GLN B 288 -0.79 -6.96 5.02
C GLN B 288 0.65 -6.60 5.46
N GLY B 289 1.09 -7.16 6.58
CA GLY B 289 2.45 -6.94 7.06
C GLY B 289 3.49 -7.50 6.10
N LEU B 290 3.20 -8.70 5.53
CA LEU B 290 4.13 -9.34 4.59
C LEU B 290 4.22 -8.54 3.29
N SER B 291 3.07 -8.17 2.73
CA SER B 291 3.05 -7.32 1.53
C SER B 291 3.81 -6.04 1.76
N GLY B 292 3.62 -5.45 2.94
CA GLY B 292 4.27 -4.20 3.34
C GLY B 292 5.79 -4.20 3.28
N VAL B 293 6.40 -5.38 3.34
CA VAL B 293 7.86 -5.49 3.24
C VAL B 293 8.23 -6.14 1.91
N GLY B 294 7.32 -6.07 0.94
CA GLY B 294 7.57 -6.54 -0.43
C GLY B 294 7.37 -8.00 -0.77
N ALA B 295 6.83 -8.79 0.14
CA ALA B 295 6.59 -10.19 -0.16
C ALA B 295 5.40 -10.33 -1.12
N ARG B 296 5.38 -11.43 -1.87
CA ARG B 296 4.27 -11.75 -2.77
C ARG B 296 3.48 -12.84 -2.03
N VAL B 297 2.40 -12.42 -1.38
CA VAL B 297 1.58 -13.31 -0.58
C VAL B 297 0.63 -14.15 -1.42
N ILE B 298 0.56 -15.44 -1.10
CA ILE B 298 -0.35 -16.38 -1.72
C ILE B 298 -1.18 -16.92 -0.60
N VAL B 299 -2.49 -16.94 -0.78
CA VAL B 299 -3.40 -17.40 0.27
C VAL B 299 -4.10 -18.73 -0.03
N THR B 300 -4.24 -19.56 1.02
CA THR B 300 -5.05 -20.76 0.96
C THR B 300 -6.25 -20.48 1.88
N GLU B 301 -7.42 -20.91 1.45
CA GLU B 301 -8.65 -20.76 2.22
C GLU B 301 -9.64 -21.86 1.93
N ILE B 302 -10.47 -22.13 2.94
CA ILE B 302 -11.58 -23.07 2.82
C ILE B 302 -12.90 -22.31 2.66
N ASP B 303 -12.91 -21.06 3.15
CA ASP B 303 -14.10 -20.20 3.14
C ASP B 303 -14.12 -19.36 1.86
N PRO B 304 -15.16 -19.54 1.00
CA PRO B 304 -15.22 -18.79 -0.25
C PRO B 304 -15.31 -17.26 -0.07
N ILE B 305 -15.92 -16.81 1.03
CA ILE B 305 -16.02 -15.37 1.31
C ILE B 305 -14.62 -14.83 1.63
N CYS B 306 -13.90 -15.49 2.55
CA CYS B 306 -12.55 -15.06 2.89
C CYS B 306 -11.62 -15.15 1.67
N ALA B 307 -11.80 -16.19 0.86
CA ALA B 307 -10.99 -16.35 -0.34
C ALA B 307 -11.23 -15.17 -1.30
N LEU B 308 -12.50 -14.82 -1.51
CA LEU B 308 -12.79 -13.64 -2.35
C LEU B 308 -12.18 -12.39 -1.78
N GLN B 309 -12.22 -12.24 -0.45
CA GLN B 309 -11.63 -11.03 0.18
C GLN B 309 -10.15 -10.93 -0.13
N ALA B 310 -9.47 -12.09 -0.11
CA ALA B 310 -8.04 -12.14 -0.39
C ALA B 310 -7.77 -11.76 -1.83
N SER B 311 -8.66 -12.15 -2.72
CA SER B 311 -8.53 -11.86 -4.13
C SER B 311 -8.75 -10.36 -4.34
N MET B 312 -9.67 -9.78 -3.59
CA MET B 312 -9.93 -8.32 -3.68
C MET B 312 -8.74 -7.46 -3.22
N GLU B 313 -7.82 -8.06 -2.46
CA GLU B 313 -6.61 -7.34 -2.03
C GLU B 313 -5.42 -7.61 -2.94
N GLY B 314 -5.64 -8.31 -4.05
CA GLY B 314 -4.56 -8.60 -5.00
C GLY B 314 -3.74 -9.84 -4.70
N TYR B 315 -4.23 -10.71 -3.82
CA TYR B 315 -3.50 -11.92 -3.50
C TYR B 315 -3.99 -13.10 -4.31
N GLN B 316 -3.05 -13.89 -4.80
CA GLN B 316 -3.37 -15.12 -5.48
C GLN B 316 -3.94 -16.06 -4.41
N VAL B 317 -5.01 -16.79 -4.75
CA VAL B 317 -5.60 -17.79 -3.84
C VAL B 317 -5.45 -19.18 -4.45
N SER B 318 -4.67 -20.03 -3.79
CA SER B 318 -4.36 -21.40 -4.27
C SER B 318 -4.49 -22.47 -3.19
N VAL B 319 -4.47 -23.75 -3.62
CA VAL B 319 -4.44 -24.88 -2.70
C VAL B 319 -2.96 -25.13 -2.44
N LEU B 320 -2.61 -25.58 -1.23
CA LEU B 320 -1.21 -25.79 -0.86
C LEU B 320 -0.43 -26.65 -1.85
N GLU B 321 -1.04 -27.72 -2.33
CA GLU B 321 -0.38 -28.65 -3.25
C GLU B 321 0.14 -28.00 -4.55
N ASP B 322 -0.55 -26.97 -5.04
CA ASP B 322 -0.15 -26.30 -6.29
C ASP B 322 0.97 -25.28 -6.13
N VAL B 323 1.36 -25.00 -4.89
CA VAL B 323 2.46 -24.04 -4.66
C VAL B 323 3.50 -24.56 -3.67
N VAL B 324 3.26 -25.73 -3.08
CA VAL B 324 4.16 -26.26 -2.04
C VAL B 324 5.62 -26.41 -2.49
N SER B 325 5.83 -26.70 -3.77
CA SER B 325 7.20 -26.86 -4.30
C SER B 325 7.90 -25.55 -4.70
N GLU B 326 7.10 -24.52 -4.98
CA GLU B 326 7.62 -23.22 -5.44
C GLU B 326 7.69 -22.14 -4.34
N ALA B 327 6.78 -22.18 -3.37
CA ALA B 327 6.77 -21.14 -2.33
C ALA B 327 8.04 -21.16 -1.48
N ASP B 328 8.40 -20.02 -0.94
CA ASP B 328 9.63 -19.90 -0.15
C ASP B 328 9.41 -20.01 1.34
N ILE B 329 8.29 -19.48 1.81
CA ILE B 329 7.96 -19.45 3.23
C ILE B 329 6.48 -19.80 3.42
N PHE B 330 6.18 -20.56 4.47
CA PHE B 330 4.82 -20.99 4.78
C PHE B 330 4.44 -20.55 6.19
N ILE B 331 3.31 -19.86 6.31
CA ILE B 331 2.79 -19.37 7.60
C ILE B 331 1.37 -19.89 7.83
N THR B 332 1.18 -20.73 8.83
CA THR B 332 -0.16 -21.24 9.13
C THR B 332 -0.89 -20.29 10.10
N ALA B 333 -2.14 -19.95 9.76
CA ALA B 333 -2.96 -19.04 10.58
C ALA B 333 -4.41 -19.48 10.50
N THR B 334 -4.64 -20.78 10.68
CA THR B 334 -5.96 -21.37 10.53
C THR B 334 -6.72 -21.71 11.81
N GLY B 335 -5.99 -22.06 12.87
CA GLY B 335 -6.63 -22.53 14.10
C GLY B 335 -7.13 -23.98 13.89
N ASN B 336 -6.74 -24.59 12.77
CA ASN B 336 -7.14 -25.95 12.40
C ASN B 336 -5.95 -26.87 12.71
N LYS B 337 -5.96 -28.10 12.20
CA LYS B 337 -4.84 -29.00 12.39
C LYS B 337 -4.51 -29.75 11.11
N ASP B 338 -3.25 -30.17 11.00
CA ASP B 338 -2.74 -30.91 9.83
C ASP B 338 -2.89 -30.11 8.54
N VAL B 339 -2.60 -28.81 8.65
CA VAL B 339 -2.65 -27.90 7.53
C VAL B 339 -1.39 -28.11 6.67
N ILE B 340 -0.26 -28.32 7.34
CA ILE B 340 1.03 -28.63 6.69
C ILE B 340 1.51 -29.97 7.24
N THR B 341 1.37 -31.00 6.42
CA THR B 341 1.77 -32.36 6.77
C THR B 341 3.25 -32.63 6.49
N VAL B 342 3.74 -33.78 6.97
CA VAL B 342 5.11 -34.23 6.71
C VAL B 342 5.28 -34.42 5.20
N GLU B 343 4.25 -34.93 4.51
CA GLU B 343 4.30 -35.09 3.05
C GLU B 343 4.51 -33.74 2.32
N HIS B 344 3.86 -32.67 2.78
CA HIS B 344 4.05 -31.35 2.18
C HIS B 344 5.49 -30.87 2.38
N MET B 345 5.99 -31.06 3.60
CA MET B 345 7.36 -30.65 3.93
C MET B 345 8.41 -31.35 3.08
N ARG B 346 8.16 -32.61 2.72
CA ARG B 346 9.11 -33.34 1.88
C ARG B 346 9.18 -32.77 0.47
N LYS B 347 8.10 -32.13 0.01
CA LYS B 347 8.07 -31.52 -1.33
C LYS B 347 8.62 -30.07 -1.40
N MET B 348 8.79 -29.43 -0.25
CA MET B 348 9.27 -28.05 -0.26
C MET B 348 10.72 -27.92 -0.73
N LYS B 349 11.05 -26.75 -1.25
CA LYS B 349 12.39 -26.47 -1.77
C LYS B 349 13.40 -26.35 -0.64
N GLU B 350 14.68 -26.40 -1.02
CA GLU B 350 15.81 -26.31 -0.10
C GLU B 350 15.76 -25.02 0.75
N ASN B 351 15.85 -25.20 2.07
CA ASN B 351 15.84 -24.11 3.07
C ASN B 351 14.56 -23.26 3.11
N ALA B 352 13.43 -23.89 2.79
CA ALA B 352 12.13 -23.25 2.92
C ALA B 352 11.89 -23.06 4.41
N TYR B 353 11.17 -22.00 4.76
CA TYR B 353 10.87 -21.71 6.16
C TYR B 353 9.41 -22.02 6.47
N ILE B 354 9.17 -22.56 7.66
CA ILE B 354 7.85 -22.91 8.08
C ILE B 354 7.62 -22.33 9.46
N ALA B 355 6.52 -21.59 9.60
CA ALA B 355 6.15 -21.01 10.89
C ALA B 355 4.64 -21.09 11.06
N ASN B 356 4.22 -21.01 12.31
CA ASN B 356 2.81 -21.02 12.67
C ASN B 356 2.52 -19.86 13.59
N ILE B 357 1.40 -19.19 13.36
CA ILE B 357 0.99 -18.08 14.21
C ILE B 357 -0.36 -18.41 14.90
N GLY B 358 -0.91 -19.60 14.62
CA GLY B 358 -2.14 -20.06 15.26
C GLY B 358 -1.87 -20.48 16.69
N HIS B 359 -2.92 -20.64 17.50
CA HIS B 359 -2.71 -20.96 18.92
C HIS B 359 -1.97 -22.26 19.21
N PHE B 360 -2.33 -23.35 18.54
CA PHE B 360 -1.63 -24.62 18.80
C PHE B 360 -0.59 -24.99 17.74
N ASP B 361 0.38 -25.78 18.19
CA ASP B 361 1.48 -26.24 17.35
C ASP B 361 1.10 -27.31 16.31
N ASP B 362 -0.05 -27.96 16.49
CA ASP B 362 -0.46 -29.03 15.55
C ASP B 362 -1.02 -28.57 14.19
N GLU B 363 -0.86 -27.30 13.84
CA GLU B 363 -1.25 -26.83 12.51
C GLU B 363 -0.24 -27.44 11.53
N ILE B 364 1.00 -27.54 12.00
CA ILE B 364 2.10 -28.15 11.29
C ILE B 364 2.33 -29.48 11.98
N ASP B 365 2.62 -30.55 11.23
CA ASP B 365 2.86 -31.87 11.84
C ASP B 365 4.32 -31.94 12.33
N VAL B 366 4.59 -31.21 13.41
CA VAL B 366 5.93 -31.15 13.99
C VAL B 366 6.32 -32.50 14.56
N TYR B 367 5.38 -33.14 15.26
CA TYR B 367 5.61 -34.44 15.85
C TYR B 367 6.07 -35.44 14.79
N GLY B 368 5.37 -35.48 13.66
CA GLY B 368 5.73 -36.39 12.56
C GLY B 368 7.10 -36.08 11.99
N LEU B 369 7.41 -34.80 11.86
CA LEU B 369 8.72 -34.36 11.36
C LEU B 369 9.84 -34.80 12.30
N GLU B 370 9.71 -34.46 13.58
CA GLU B 370 10.72 -34.82 14.58
C GLU B 370 10.96 -36.31 14.68
N ASN B 371 9.87 -37.09 14.57
CA ASN B 371 9.96 -38.55 14.65
C ASN B 371 10.01 -39.23 13.28
N TYR B 372 10.39 -38.49 12.24
CA TYR B 372 10.50 -39.09 10.89
C TYR B 372 11.75 -39.98 10.89
N PRO B 373 11.65 -41.19 10.27
CA PRO B 373 12.83 -42.11 10.25
C PRO B 373 14.07 -41.59 9.52
N GLY B 374 15.17 -41.40 10.28
CA GLY B 374 16.45 -40.92 9.73
C GLY B 374 16.53 -39.41 9.56
N ILE B 375 15.67 -38.68 10.26
CA ILE B 375 15.64 -37.21 10.16
C ILE B 375 16.82 -36.61 10.92
N LYS B 376 17.58 -35.73 10.26
CA LYS B 376 18.69 -35.05 10.90
C LYS B 376 18.17 -33.70 11.34
N VAL B 377 18.55 -33.24 12.52
CA VAL B 377 18.10 -31.92 13.01
C VAL B 377 19.26 -31.14 13.61
N ILE B 378 19.41 -29.87 13.20
CA ILE B 378 20.43 -29.01 13.79
C ILE B 378 19.78 -27.75 14.33
N GLU B 379 20.29 -27.29 15.47
CA GLU B 379 19.81 -26.07 16.08
C GLU B 379 20.51 -24.90 15.39
N VAL B 380 19.77 -24.21 14.51
CA VAL B 380 20.29 -23.04 13.80
C VAL B 380 20.48 -21.92 14.82
N LYS B 381 19.55 -21.81 15.76
CA LYS B 381 19.66 -20.84 16.83
C LYS B 381 18.60 -21.15 17.88
N GLN B 382 18.50 -20.30 18.88
CA GLN B 382 17.50 -20.43 19.92
C GLN B 382 16.12 -20.52 19.26
N ASN B 383 15.46 -21.66 19.44
CA ASN B 383 14.11 -21.89 18.90
C ASN B 383 13.99 -21.93 17.35
N VAL B 384 15.07 -22.30 16.65
CA VAL B 384 15.01 -22.41 15.17
C VAL B 384 15.76 -23.68 14.82
N HIS B 385 15.11 -24.58 14.09
CA HIS B 385 15.72 -25.86 13.80
C HIS B 385 15.60 -26.27 12.35
N LYS B 386 16.73 -26.70 11.77
CA LYS B 386 16.76 -27.17 10.40
C LYS B 386 16.68 -28.68 10.40
N PHE B 387 15.69 -29.21 9.68
CA PHE B 387 15.45 -30.64 9.57
C PHE B 387 15.80 -31.10 8.17
N THR B 388 16.65 -32.13 8.05
CA THR B 388 17.07 -32.66 6.76
C THR B 388 16.58 -34.11 6.58
N PHE B 389 15.91 -34.36 5.45
CA PHE B 389 15.39 -35.69 5.15
C PHE B 389 16.51 -36.55 4.60
N PRO B 390 16.60 -37.81 5.04
CA PRO B 390 17.71 -38.65 4.62
C PRO B 390 17.64 -39.16 3.17
N ASP B 391 16.43 -39.27 2.61
CA ASP B 391 16.31 -39.77 1.23
C ASP B 391 16.70 -38.73 0.18
N THR B 392 16.22 -37.49 0.32
CA THR B 392 16.50 -36.42 -0.64
C THR B 392 17.67 -35.52 -0.26
N GLN B 393 18.04 -35.51 1.02
CA GLN B 393 19.08 -34.60 1.56
C GLN B 393 18.64 -33.11 1.52
N LYS B 394 17.34 -32.86 1.39
CA LYS B 394 16.80 -31.49 1.38
C LYS B 394 16.45 -31.07 2.79
N SER B 395 16.55 -29.78 3.06
CA SER B 395 16.25 -29.24 4.39
C SER B 395 15.09 -28.23 4.38
N VAL B 396 14.35 -28.22 5.50
CA VAL B 396 13.29 -27.25 5.77
C VAL B 396 13.66 -26.65 7.13
N ILE B 397 13.35 -25.37 7.33
CA ILE B 397 13.70 -24.69 8.59
C ILE B 397 12.43 -24.29 9.32
N LEU B 398 12.29 -24.74 10.57
CA LEU B 398 11.10 -24.52 11.37
C LEU B 398 11.33 -23.48 12.48
N LEU B 399 10.46 -22.49 12.58
CA LEU B 399 10.58 -21.48 13.65
C LEU B 399 9.83 -21.94 14.93
N CYS B 400 10.50 -21.79 16.06
CA CYS B 400 10.04 -22.21 17.41
C CYS B 400 9.17 -23.44 17.50
N LYS B 401 9.63 -24.50 16.81
CA LYS B 401 8.98 -25.80 16.80
C LYS B 401 7.49 -25.74 16.49
N GLY B 402 7.13 -24.83 15.60
CA GLY B 402 5.74 -24.69 15.20
C GLY B 402 4.84 -24.00 16.21
N ARG B 403 5.38 -23.50 17.32
CA ARG B 403 4.57 -22.76 18.29
C ARG B 403 4.39 -21.35 17.76
N LEU B 404 3.30 -20.69 18.17
CA LEU B 404 2.97 -19.34 17.69
C LEU B 404 4.24 -18.46 17.63
N VAL B 405 4.66 -18.20 16.40
CA VAL B 405 5.93 -17.51 16.13
C VAL B 405 6.12 -16.13 16.74
N ASN B 406 5.05 -15.35 16.87
CA ASN B 406 5.19 -13.99 17.43
C ASN B 406 5.53 -14.00 18.91
N LEU B 407 5.11 -15.05 19.63
CA LEU B 407 5.41 -15.16 21.07
C LEU B 407 6.58 -16.10 21.37
N GLY B 408 6.86 -17.02 20.44
CA GLY B 408 7.96 -17.97 20.58
C GLY B 408 9.30 -17.43 20.12
N CYS B 409 9.31 -16.78 18.96
CA CYS B 409 10.52 -16.18 18.39
C CYS B 409 10.59 -14.67 18.60
N ALA B 410 9.60 -14.09 19.25
CA ALA B 410 9.59 -12.65 19.51
C ALA B 410 8.82 -12.33 20.78
N THR B 411 8.47 -11.07 20.96
CA THR B 411 7.81 -10.60 22.19
C THR B 411 6.30 -10.37 22.07
N GLY B 412 5.64 -11.08 21.16
CA GLY B 412 4.19 -10.94 20.97
C GLY B 412 3.74 -9.58 20.49
N HIS B 413 2.43 -9.34 20.56
CA HIS B 413 1.89 -8.05 20.16
C HIS B 413 2.38 -6.93 21.09
N PRO B 414 2.44 -5.70 20.59
CA PRO B 414 2.87 -4.56 21.40
C PRO B 414 1.80 -4.14 22.43
N PRO B 415 2.20 -3.32 23.42
CA PRO B 415 1.28 -2.90 24.49
C PRO B 415 -0.07 -2.33 24.07
N LEU B 416 -0.09 -1.41 23.11
CA LEU B 416 -1.35 -0.77 22.66
C LEU B 416 -2.49 -1.75 22.38
N VAL B 417 -2.28 -2.71 21.49
CA VAL B 417 -3.36 -3.67 21.21
C VAL B 417 -3.63 -4.56 22.41
N MET B 418 -2.60 -4.94 23.17
CA MET B 418 -2.85 -5.79 24.33
C MET B 418 -3.68 -5.07 25.38
N SER B 419 -3.50 -3.75 25.50
CA SER B 419 -4.30 -3.00 26.45
C SER B 419 -5.79 -3.09 26.05
N MET B 420 -6.07 -2.99 24.76
CA MET B 420 -7.44 -3.12 24.28
C MET B 420 -7.96 -4.53 24.60
N SER B 421 -7.16 -5.56 24.33
CA SER B 421 -7.59 -6.91 24.63
C SER B 421 -7.75 -7.07 26.13
N PHE B 422 -6.76 -6.63 26.89
CA PHE B 422 -6.79 -6.82 28.32
C PHE B 422 -7.76 -5.93 29.09
N THR B 423 -8.13 -4.78 28.53
CA THR B 423 -9.15 -3.94 29.16
C THR B 423 -10.47 -4.74 29.11
N ASN B 424 -10.67 -5.50 28.03
CA ASN B 424 -11.86 -6.36 27.89
C ASN B 424 -11.84 -7.50 28.92
N GLN B 425 -10.67 -8.11 29.13
CA GLN B 425 -10.52 -9.18 30.14
C GLN B 425 -10.93 -8.69 31.52
N VAL B 426 -10.35 -7.57 31.95
CA VAL B 426 -10.69 -6.97 33.25
C VAL B 426 -12.19 -6.69 33.34
N LEU B 427 -12.76 -6.11 32.29
CA LEU B 427 -14.20 -5.80 32.28
C LEU B 427 -15.04 -7.06 32.39
N ALA B 428 -14.59 -8.12 31.72
CA ALA B 428 -15.28 -9.41 31.76
C ALA B 428 -15.19 -10.05 33.15
N GLN B 429 -13.98 -10.05 33.74
CA GLN B 429 -13.77 -10.60 35.09
C GLN B 429 -14.66 -9.87 36.10
N MET B 430 -14.76 -8.55 35.97
CA MET B 430 -15.62 -7.77 36.86
C MET B 430 -17.07 -8.14 36.63
N ASP B 431 -17.44 -8.38 35.37
CA ASP B 431 -18.81 -8.78 35.03
C ASP B 431 -19.15 -10.13 35.66
N LEU B 432 -18.29 -11.13 35.48
CA LEU B 432 -18.52 -12.47 36.05
C LEU B 432 -18.57 -12.45 37.57
N TRP B 433 -17.66 -11.69 38.18
CA TRP B 433 -17.59 -11.58 39.63
C TRP B 433 -18.85 -10.94 40.20
N LYS B 434 -19.37 -9.90 39.53
CA LYS B 434 -20.60 -9.19 39.94
C LYS B 434 -21.88 -10.02 39.85
N SER B 435 -21.93 -10.94 38.89
CA SER B 435 -23.12 -11.76 38.65
C SER B 435 -23.30 -12.95 39.59
N ARG B 436 -22.29 -13.25 40.41
CA ARG B 436 -22.39 -14.36 41.38
C ARG B 436 -23.54 -14.16 42.36
N GLU B 437 -23.87 -12.91 42.65
CA GLU B 437 -24.95 -12.56 43.57
C GLU B 437 -26.30 -12.63 42.85
N THR B 445 -28.04 -27.27 35.72
CA THR B 445 -27.88 -25.87 35.36
C THR B 445 -27.12 -25.75 34.06
N ARG B 446 -27.69 -25.01 33.10
CA ARG B 446 -27.02 -24.77 31.83
C ARG B 446 -26.30 -23.43 31.81
N PHE B 447 -25.02 -23.48 31.45
CA PHE B 447 -24.17 -22.30 31.36
C PHE B 447 -23.98 -21.98 29.88
N PHE B 448 -23.84 -20.68 29.59
CA PHE B 448 -23.72 -20.18 28.24
C PHE B 448 -22.49 -19.30 28.08
N VAL B 449 -22.19 -18.99 26.83
CA VAL B 449 -21.07 -18.12 26.46
C VAL B 449 -21.66 -16.78 26.03
N LYS B 450 -21.30 -15.70 26.70
CA LYS B 450 -21.79 -14.39 26.28
C LYS B 450 -20.60 -13.52 25.91
N LYS B 451 -20.89 -12.39 25.27
CA LYS B 451 -19.90 -11.39 24.90
C LYS B 451 -20.20 -10.12 25.67
N LEU B 452 -19.23 -9.23 25.79
CA LEU B 452 -19.46 -7.95 26.46
C LEU B 452 -20.37 -7.08 25.59
N SER B 453 -21.05 -6.13 26.22
CA SER B 453 -21.96 -5.21 25.51
C SER B 453 -21.21 -4.26 24.55
N LYS B 454 -21.91 -3.75 23.56
CA LYS B 454 -21.27 -2.82 22.63
C LYS B 454 -20.92 -1.51 23.36
N GLU B 455 -21.67 -1.16 24.40
CA GLU B 455 -21.36 0.05 25.21
C GLU B 455 -19.93 -0.06 25.74
N LEU B 456 -19.60 -1.18 26.38
CA LEU B 456 -18.26 -1.41 26.94
C LEU B 456 -17.18 -1.56 25.85
N ASP B 457 -17.55 -2.23 24.78
CA ASP B 457 -16.65 -2.46 23.64
C ASP B 457 -16.20 -1.11 23.08
N GLU B 458 -17.15 -0.18 22.89
CA GLU B 458 -16.84 1.19 22.43
C GLU B 458 -16.04 1.95 23.49
N TYR B 459 -16.37 1.72 24.75
CA TYR B 459 -15.66 2.35 25.87
C TYR B 459 -14.16 1.99 25.84
N VAL B 460 -13.86 0.74 25.49
CA VAL B 460 -12.47 0.29 25.39
C VAL B 460 -11.75 1.15 24.36
N ALA B 461 -12.41 1.37 23.22
CA ALA B 461 -11.86 2.21 22.14
C ALA B 461 -11.60 3.65 22.65
N ARG B 462 -12.61 4.26 23.31
CA ARG B 462 -12.46 5.63 23.85
C ARG B 462 -11.24 5.79 24.72
N LEU B 463 -10.97 4.80 25.57
CA LEU B 463 -9.82 4.84 26.47
C LEU B 463 -8.47 4.95 25.78
N HIS B 464 -8.41 4.54 24.51
CA HIS B 464 -7.14 4.56 23.79
C HIS B 464 -6.99 5.64 22.71
N LEU B 465 -8.00 6.49 22.54
CA LEU B 465 -7.92 7.51 21.50
C LEU B 465 -6.80 8.53 21.69
N ASP B 466 -6.62 9.01 22.93
CA ASP B 466 -5.60 10.01 23.25
C ASP B 466 -4.18 9.55 23.00
N VAL B 467 -3.94 8.25 23.05
CA VAL B 467 -2.60 7.69 22.73
C VAL B 467 -2.14 8.14 21.34
N LEU B 468 -3.06 8.09 20.38
CA LEU B 468 -2.76 8.38 19.00
C LEU B 468 -3.18 9.77 18.54
N GLY B 469 -3.59 10.63 19.47
CA GLY B 469 -4.03 12.00 19.12
C GLY B 469 -5.26 12.03 18.23
N ILE B 470 -6.16 11.08 18.46
CA ILE B 470 -7.40 10.97 17.70
C ILE B 470 -8.43 11.94 18.23
N LYS B 471 -9.01 12.73 17.35
CA LYS B 471 -10.05 13.70 17.68
C LYS B 471 -11.37 13.14 17.17
N LEU B 472 -12.26 12.80 18.10
CA LEU B 472 -13.56 12.23 17.77
C LEU B 472 -14.57 13.34 17.44
N THR B 473 -15.44 13.09 16.46
CA THR B 473 -16.48 14.07 16.10
C THR B 473 -17.70 13.76 16.95
N LYS B 474 -18.39 14.81 17.40
CA LYS B 474 -19.57 14.64 18.22
C LYS B 474 -20.85 14.92 17.41
N LEU B 475 -21.82 14.03 17.50
CA LEU B 475 -23.10 14.20 16.78
C LEU B 475 -23.95 15.34 17.35
N THR B 476 -24.73 15.99 16.50
CA THR B 476 -25.68 17.00 16.95
C THR B 476 -26.98 16.22 17.25
N GLU B 477 -27.92 16.86 17.95
CA GLU B 477 -29.20 16.21 18.29
C GLU B 477 -29.92 15.78 17.03
N THR B 478 -30.03 16.70 16.08
CA THR B 478 -30.71 16.44 14.81
C THR B 478 -30.08 15.24 14.06
N GLN B 479 -28.75 15.17 14.06
CA GLN B 479 -28.01 14.08 13.40
C GLN B 479 -28.22 12.76 14.14
N ALA B 480 -28.14 12.83 15.47
CA ALA B 480 -28.35 11.68 16.34
C ALA B 480 -29.72 11.05 16.05
N LYS B 481 -30.75 11.87 15.96
CA LYS B 481 -32.09 11.36 15.71
C LYS B 481 -32.25 10.83 14.28
N TYR B 482 -31.57 11.46 13.33
CA TYR B 482 -31.67 11.06 11.94
C TYR B 482 -31.10 9.67 11.72
N ILE B 483 -29.94 9.39 12.30
CA ILE B 483 -29.34 8.06 12.18
C ILE B 483 -29.80 7.12 13.32
N ASN B 484 -30.66 7.63 14.20
CA ASN B 484 -31.28 6.84 15.28
C ASN B 484 -30.28 6.17 16.27
N VAL B 485 -29.44 7.01 16.85
CA VAL B 485 -28.50 6.56 17.87
C VAL B 485 -28.45 7.64 18.92
N SER B 486 -27.93 7.29 20.08
CA SER B 486 -27.72 8.26 21.11
C SER B 486 -26.42 8.97 20.75
N ILE B 487 -26.30 10.22 21.20
CA ILE B 487 -25.10 11.04 21.00
C ILE B 487 -23.86 10.37 21.63
N ASN B 488 -24.09 9.57 22.66
CA ASN B 488 -23.03 8.88 23.39
C ASN B 488 -22.93 7.40 23.04
N GLY B 489 -23.51 6.99 21.92
CA GLY B 489 -23.43 5.59 21.49
C GLY B 489 -24.40 4.71 22.25
N PRO B 490 -24.44 3.41 21.93
CA PRO B 490 -23.66 2.78 20.88
C PRO B 490 -24.05 3.28 19.49
N TYR B 491 -23.08 3.36 18.58
CA TYR B 491 -23.31 3.93 17.24
C TYR B 491 -23.62 2.92 16.14
N LYS B 492 -23.50 1.62 16.43
CA LYS B 492 -23.75 0.58 15.43
C LYS B 492 -24.66 -0.47 15.99
N SER B 493 -25.40 -1.15 15.12
CA SER B 493 -26.26 -2.24 15.56
C SER B 493 -25.38 -3.44 15.89
N GLU B 494 -25.92 -4.41 16.64
CA GLU B 494 -25.20 -5.63 17.07
C GLU B 494 -24.54 -6.44 15.98
N ASP B 495 -25.18 -6.57 14.85
CA ASP B 495 -24.61 -7.37 13.75
C ASP B 495 -23.61 -6.61 12.87
N TYR B 496 -23.26 -5.38 13.24
CA TYR B 496 -22.33 -4.58 12.42
C TYR B 496 -20.93 -5.22 12.42
N ARG B 497 -20.34 -5.36 11.23
CA ARG B 497 -19.06 -6.06 11.08
C ARG B 497 -17.78 -5.22 11.10
N TYR B 498 -17.91 -3.90 11.09
CA TYR B 498 -16.73 -3.02 11.10
C TYR B 498 -15.73 -3.36 10.03
N MET C 6 45.05 -17.17 15.80
CA MET C 6 46.22 -16.96 16.71
C MET C 6 46.41 -15.46 16.96
N GLU C 7 46.45 -14.69 15.88
N GLU C 7 46.46 -14.66 15.90
CA GLU C 7 46.62 -13.23 15.95
CA GLU C 7 46.60 -13.20 16.04
C GLU C 7 45.28 -12.46 16.00
C GLU C 7 45.25 -12.49 16.13
N SER C 8 44.17 -13.17 15.77
CA SER C 8 42.83 -12.55 15.82
C SER C 8 42.38 -12.23 17.24
N ARG C 9 41.55 -11.20 17.36
CA ARG C 9 41.01 -10.78 18.65
C ARG C 9 39.49 -10.65 18.48
N ILE C 10 38.79 -11.68 18.94
CA ILE C 10 37.32 -11.78 18.84
C ILE C 10 36.76 -12.13 20.21
N LYS C 11 35.44 -12.28 20.33
CA LYS C 11 34.87 -12.57 21.65
C LYS C 11 34.97 -14.04 22.03
N ASP C 12 34.53 -14.92 21.13
CA ASP C 12 34.48 -16.34 21.44
C ASP C 12 34.49 -17.18 20.17
N ILE C 13 35.56 -17.94 19.97
CA ILE C 13 35.71 -18.80 18.78
C ILE C 13 34.79 -20.04 18.80
N SER C 14 34.25 -20.38 19.97
CA SER C 14 33.34 -21.54 20.10
C SER C 14 32.01 -21.33 19.37
N LEU C 15 31.67 -20.06 19.10
CA LEU C 15 30.45 -19.71 18.39
C LEU C 15 30.55 -20.04 16.90
N ALA C 16 31.78 -20.29 16.43
CA ALA C 16 32.06 -20.59 15.02
C ALA C 16 31.02 -21.44 14.31
N GLU C 17 30.64 -22.57 14.91
CA GLU C 17 29.69 -23.47 14.27
C GLU C 17 28.36 -22.77 13.99
N PHE C 18 27.87 -21.96 14.93
CA PHE C 18 26.62 -21.21 14.72
C PHE C 18 26.77 -20.18 13.58
N GLY C 19 27.99 -19.72 13.36
CA GLY C 19 28.26 -18.79 12.27
C GLY C 19 28.35 -19.52 10.93
N LEU C 20 29.01 -20.67 10.91
CA LEU C 20 29.17 -21.46 9.68
C LEU C 20 27.84 -21.98 9.15
N GLN C 21 26.90 -22.28 10.04
CA GLN C 21 25.56 -22.72 9.67
C GLN C 21 24.78 -21.55 9.07
N ASP C 22 24.86 -20.39 9.70
CA ASP C 22 24.18 -19.20 9.19
C ASP C 22 24.72 -18.81 7.81
N MET C 23 26.04 -18.91 7.63
CA MET C 23 26.65 -18.59 6.33
C MET C 23 26.08 -19.47 5.21
N GLU C 24 25.98 -20.77 5.46
CA GLU C 24 25.42 -21.69 4.45
C GLU C 24 23.97 -21.36 4.14
N ILE C 25 23.17 -21.13 5.17
CA ILE C 25 21.77 -20.75 5.00
C ILE C 25 21.72 -19.45 4.21
N ALA C 26 22.51 -18.47 4.65
CA ALA C 26 22.55 -17.18 3.96
C ALA C 26 22.95 -17.36 2.48
N LYS C 27 23.83 -18.31 2.18
CA LYS C 27 24.26 -18.56 0.79
C LYS C 27 23.15 -19.03 -0.16
N THR C 28 22.03 -19.49 0.38
CA THR C 28 20.90 -19.87 -0.46
C THR C 28 20.48 -18.69 -1.35
N ASP C 29 20.45 -17.50 -0.75
CA ASP C 29 20.06 -16.26 -1.45
C ASP C 29 21.20 -15.42 -1.98
N MET C 30 22.43 -15.65 -1.51
CA MET C 30 23.57 -14.85 -1.96
C MET C 30 24.20 -15.47 -3.20
N MET C 31 23.41 -15.61 -4.26
CA MET C 31 23.85 -16.24 -5.50
C MET C 31 24.96 -15.52 -6.24
N GLY C 32 25.08 -14.22 -6.05
CA GLY C 32 26.12 -13.45 -6.72
C GLY C 32 27.47 -13.86 -6.18
N LEU C 33 27.56 -14.03 -4.87
CA LEU C 33 28.82 -14.41 -4.25
C LEU C 33 29.11 -15.88 -4.48
N VAL C 34 28.07 -16.71 -4.53
CA VAL C 34 28.23 -18.15 -4.80
C VAL C 34 28.80 -18.29 -6.21
N GLU C 35 28.26 -17.52 -7.14
CA GLU C 35 28.70 -17.56 -8.53
C GLU C 35 30.17 -17.13 -8.71
N LEU C 36 30.57 -16.06 -8.04
CA LEU C 36 31.96 -15.58 -8.14
C LEU C 36 32.96 -16.61 -7.58
N GLN C 37 32.55 -17.30 -6.50
CA GLN C 37 33.36 -18.33 -5.89
C GLN C 37 33.52 -19.51 -6.85
N ARG C 38 32.39 -19.98 -7.38
CA ARG C 38 32.41 -21.10 -8.32
C ARG C 38 33.27 -20.76 -9.54
N LYS C 39 33.03 -19.60 -10.14
CA LYS C 39 33.70 -19.17 -11.37
C LYS C 39 35.17 -18.83 -11.27
N TYR C 40 35.60 -18.25 -10.16
CA TYR C 40 36.97 -17.80 -10.03
C TYR C 40 37.87 -18.48 -9.00
N ARG C 41 37.37 -19.47 -8.26
CA ARG C 41 38.22 -20.12 -7.25
C ARG C 41 39.42 -20.90 -7.81
N ASP C 42 39.35 -21.36 -9.06
CA ASP C 42 40.49 -22.10 -9.68
C ASP C 42 41.59 -21.16 -10.13
N SER C 43 41.22 -20.12 -10.87
CA SER C 43 42.17 -19.15 -11.39
C SER C 43 42.68 -18.19 -10.31
N LYS C 44 41.85 -17.92 -9.31
CA LYS C 44 42.22 -17.02 -8.19
C LYS C 44 42.77 -15.65 -8.65
N PRO C 45 41.90 -14.78 -9.20
CA PRO C 45 42.36 -13.48 -9.70
C PRO C 45 42.97 -12.54 -8.64
N LEU C 46 42.60 -12.72 -7.38
CA LEU C 46 43.14 -11.90 -6.29
C LEU C 46 44.37 -12.55 -5.64
N LYS C 47 44.87 -13.64 -6.24
CA LYS C 47 46.06 -14.35 -5.73
C LYS C 47 47.18 -13.38 -5.35
N GLY C 48 47.64 -13.49 -4.10
CA GLY C 48 48.72 -12.67 -3.58
C GLY C 48 48.34 -11.29 -3.08
N ALA C 49 47.07 -10.92 -3.17
CA ALA C 49 46.64 -9.59 -2.74
C ALA C 49 46.38 -9.53 -1.24
N ARG C 50 46.85 -8.45 -0.62
CA ARG C 50 46.66 -8.19 0.83
C ARG C 50 45.49 -7.25 0.96
N ILE C 51 44.36 -7.76 1.48
CA ILE C 51 43.14 -6.97 1.63
C ILE C 51 42.78 -6.69 3.08
N THR C 52 42.64 -5.40 3.41
CA THR C 52 42.18 -4.96 4.73
C THR C 52 40.76 -4.46 4.58
N GLY C 53 39.86 -4.97 5.41
CA GLY C 53 38.46 -4.56 5.39
C GLY C 53 37.99 -3.87 6.68
N SER C 54 37.21 -2.80 6.51
CA SER C 54 36.59 -2.06 7.61
C SER C 54 35.11 -1.99 7.20
N LEU C 55 34.38 -3.03 7.59
CA LEU C 55 32.98 -3.17 7.22
C LEU C 55 32.28 -4.11 8.19
N HIS C 56 31.17 -3.62 8.78
CA HIS C 56 30.32 -4.37 9.75
C HIS C 56 30.47 -5.88 9.54
N LEU C 57 31.11 -6.56 10.48
CA LEU C 57 31.35 -7.99 10.31
C LEU C 57 30.13 -8.82 10.73
N THR C 58 29.21 -8.92 9.78
CA THR C 58 27.98 -9.67 9.94
C THR C 58 28.14 -10.98 9.21
N ILE C 59 27.12 -11.84 9.30
CA ILE C 59 27.13 -13.12 8.60
C ILE C 59 27.30 -12.89 7.09
N GLU C 60 26.62 -11.88 6.57
CA GLU C 60 26.69 -11.56 5.15
C GLU C 60 28.14 -11.15 4.79
N THR C 61 28.75 -10.32 5.64
CA THR C 61 30.13 -9.89 5.44
C THR C 61 31.07 -11.10 5.43
N SER C 62 30.81 -12.10 6.28
CA SER C 62 31.63 -13.32 6.30
C SER C 62 31.66 -14.04 4.95
N VAL C 63 30.54 -14.00 4.22
CA VAL C 63 30.46 -14.63 2.91
C VAL C 63 31.27 -13.81 1.91
N LEU C 64 31.23 -12.49 2.06
CA LEU C 64 32.05 -11.60 1.23
C LEU C 64 33.53 -11.93 1.45
N VAL C 65 33.92 -12.01 2.72
CA VAL C 65 35.31 -12.31 3.09
C VAL C 65 35.72 -13.70 2.62
N GLU C 66 34.80 -14.66 2.67
CA GLU C 66 35.05 -16.02 2.20
C GLU C 66 35.30 -15.99 0.68
N THR C 67 34.52 -15.18 -0.03
CA THR C 67 34.63 -15.08 -1.48
C THR C 67 35.98 -14.47 -1.87
N LEU C 68 36.38 -13.39 -1.20
CA LEU C 68 37.69 -12.78 -1.46
C LEU C 68 38.79 -13.82 -1.21
N TYR C 69 38.61 -14.61 -0.14
CA TYR C 69 39.56 -15.66 0.20
C TYR C 69 39.64 -16.77 -0.86
N GLU C 70 38.50 -17.33 -1.24
CA GLU C 70 38.49 -18.38 -2.28
C GLU C 70 39.11 -17.90 -3.59
N LEU C 71 39.07 -16.59 -3.81
CA LEU C 71 39.66 -15.96 -5.01
C LEU C 71 41.16 -15.63 -4.87
N GLY C 72 41.80 -16.16 -3.82
CA GLY C 72 43.25 -16.02 -3.61
C GLY C 72 43.76 -14.92 -2.71
N ALA C 73 42.88 -14.08 -2.18
CA ALA C 73 43.33 -12.98 -1.32
C ALA C 73 43.67 -13.42 0.10
N GLU C 74 44.55 -12.64 0.72
CA GLU C 74 44.92 -12.82 2.12
C GLU C 74 44.17 -11.66 2.75
N ILE C 75 43.52 -11.88 3.90
CA ILE C 75 42.61 -10.89 4.44
C ILE C 75 42.73 -10.54 5.94
N ARG C 76 42.54 -9.26 6.26
CA ARG C 76 42.52 -8.75 7.64
C ARG C 76 41.26 -7.91 7.77
N TRP C 77 40.42 -8.17 8.77
CA TRP C 77 39.13 -7.48 8.86
C TRP C 77 38.79 -6.89 10.22
N CYS C 78 38.01 -5.82 10.20
CA CYS C 78 37.49 -5.16 11.40
C CYS C 78 36.12 -4.59 11.04
N SER C 79 35.28 -4.29 12.03
CA SER C 79 33.98 -3.68 11.73
C SER C 79 34.08 -2.18 11.67
N CYS C 80 33.15 -1.56 10.96
CA CYS C 80 33.14 -0.10 10.84
C CYS C 80 32.18 0.54 11.86
N ASN C 81 31.80 -0.24 12.87
CA ASN C 81 30.95 0.27 13.95
C ASN C 81 31.19 -0.58 15.19
N ILE C 82 31.19 0.07 16.34
CA ILE C 82 31.43 -0.61 17.61
C ILE C 82 30.35 -1.60 18.03
N TYR C 83 29.12 -1.47 17.51
CA TYR C 83 28.02 -2.37 17.89
C TYR C 83 27.57 -3.35 16.82
N SER C 84 28.01 -3.16 15.58
CA SER C 84 27.50 -3.96 14.45
C SER C 84 28.06 -5.37 14.22
N THR C 85 29.16 -5.72 14.89
CA THR C 85 29.76 -7.04 14.71
C THR C 85 28.89 -8.17 15.26
N GLN C 86 28.81 -9.27 14.50
CA GLN C 86 28.10 -10.45 14.94
C GLN C 86 29.19 -11.45 15.33
N ASP C 87 29.29 -11.71 16.64
CA ASP C 87 30.36 -12.56 17.18
C ASP C 87 30.46 -13.94 16.56
N HIS C 88 29.33 -14.57 16.31
CA HIS C 88 29.35 -15.90 15.68
C HIS C 88 29.92 -15.82 14.25
N ALA C 89 29.71 -14.69 13.59
CA ALA C 89 30.22 -14.47 12.23
C ALA C 89 31.75 -14.29 12.23
N ALA C 90 32.24 -13.51 13.20
CA ALA C 90 33.68 -13.28 13.34
C ALA C 90 34.38 -14.58 13.71
N ALA C 91 33.73 -15.38 14.56
CA ALA C 91 34.28 -16.66 14.98
C ALA C 91 34.46 -17.61 13.79
N ALA C 92 33.44 -17.69 12.93
CA ALA C 92 33.47 -18.55 11.75
C ALA C 92 34.71 -18.28 10.88
N LEU C 93 35.05 -17.01 10.69
CA LEU C 93 36.20 -16.62 9.87
C LEU C 93 37.53 -17.03 10.51
N VAL C 94 37.62 -16.83 11.81
CA VAL C 94 38.84 -17.16 12.54
C VAL C 94 39.00 -18.67 12.61
N LYS C 95 37.92 -19.37 12.96
CA LYS C 95 37.94 -20.84 13.09
C LYS C 95 38.48 -21.51 11.81
N LYS C 96 37.97 -21.09 10.65
CA LYS C 96 38.42 -21.67 9.36
C LYS C 96 39.66 -20.98 8.73
N ASN C 97 40.31 -20.10 9.47
CA ASN C 97 41.50 -19.40 8.97
C ASN C 97 41.26 -18.72 7.62
N ILE C 98 40.12 -18.05 7.49
CA ILE C 98 39.74 -17.34 6.27
C ILE C 98 40.33 -15.92 6.30
N ALA C 99 40.45 -15.36 7.49
CA ALA C 99 40.98 -14.02 7.64
C ALA C 99 41.40 -13.77 9.09
N THR C 100 42.25 -12.77 9.30
CA THR C 100 42.64 -12.36 10.63
C THR C 100 41.60 -11.33 11.02
N VAL C 101 40.95 -11.52 12.17
CA VAL C 101 39.87 -10.63 12.58
C VAL C 101 40.14 -9.86 13.87
N PHE C 102 39.84 -8.58 13.84
CA PHE C 102 39.93 -7.69 14.99
C PHE C 102 38.55 -7.07 15.13
N ALA C 103 37.62 -7.81 15.73
CA ALA C 103 36.24 -7.33 15.88
C ALA C 103 35.36 -8.14 16.85
N TRP C 104 34.51 -7.43 17.58
CA TRP C 104 33.57 -8.01 18.51
C TRP C 104 32.48 -7.00 18.80
N LYS C 105 31.30 -7.46 19.19
CA LYS C 105 30.19 -6.59 19.50
C LYS C 105 30.47 -5.86 20.81
N ASN C 106 30.06 -4.59 20.89
CA ASN C 106 30.25 -3.73 22.08
C ASN C 106 31.71 -3.41 22.41
N GLU C 107 32.48 -3.05 21.38
CA GLU C 107 33.86 -2.63 21.56
C GLU C 107 33.79 -1.24 22.13
N THR C 108 34.88 -0.79 22.75
CA THR C 108 34.96 0.58 23.20
C THR C 108 35.43 1.34 21.97
N ILE C 109 35.32 2.67 21.99
CA ILE C 109 35.79 3.45 20.87
C ILE C 109 37.33 3.31 20.77
N GLU C 110 38.02 3.27 21.90
CA GLU C 110 39.48 3.11 21.88
C GLU C 110 39.85 1.83 21.12
N ASP C 111 39.24 0.71 21.51
CA ASP C 111 39.50 -0.58 20.86
C ASP C 111 39.11 -0.58 19.37
N TYR C 112 38.09 0.21 19.00
CA TYR C 112 37.67 0.31 17.60
C TYR C 112 38.83 0.75 16.74
N TRP C 113 39.48 1.84 17.15
CA TRP C 113 40.62 2.39 16.40
C TRP C 113 41.85 1.50 16.48
N VAL C 114 42.06 0.84 17.61
CA VAL C 114 43.18 -0.09 17.74
C VAL C 114 42.93 -1.28 16.78
N CYS C 115 41.70 -1.79 16.75
CA CYS C 115 41.35 -2.91 15.83
C CYS C 115 41.58 -2.53 14.36
N LEU C 116 41.19 -1.31 13.99
CA LEU C 116 41.35 -0.83 12.62
C LEU C 116 42.82 -0.74 12.26
N ASN C 117 43.58 -0.09 13.15
CA ASN C 117 45.01 0.10 12.94
C ASN C 117 45.72 -1.23 12.79
N ASP C 118 45.29 -2.24 13.56
CA ASP C 118 45.86 -3.58 13.46
C ASP C 118 45.47 -4.23 12.14
N ALA C 119 44.24 -4.00 11.70
CA ALA C 119 43.79 -4.55 10.42
C ALA C 119 44.65 -4.01 9.25
N MET C 120 45.08 -2.76 9.39
CA MET C 120 45.93 -2.11 8.38
C MET C 120 47.40 -2.57 8.45
N THR C 121 47.79 -3.17 9.59
CA THR C 121 49.18 -3.62 9.78
C THR C 121 49.44 -5.04 9.25
N TRP C 122 50.23 -5.12 8.19
CA TRP C 122 50.62 -6.39 7.56
C TRP C 122 52.11 -6.63 7.75
N ARG C 123 52.50 -7.90 7.72
CA ARG C 123 53.92 -8.25 7.82
C ARG C 123 54.45 -8.56 6.42
N ASN C 124 55.68 -8.14 6.17
CA ASN C 124 56.33 -8.33 4.88
C ASN C 124 56.63 -9.83 4.70
N PRO C 125 56.03 -10.48 3.67
CA PRO C 125 56.24 -11.94 3.47
C PRO C 125 57.70 -12.41 3.38
N ASN C 126 58.57 -11.56 2.84
CA ASN C 126 60.00 -11.89 2.69
C ASN C 126 60.73 -11.76 4.04
N ASP C 127 60.60 -10.59 4.65
CA ASP C 127 61.23 -10.27 5.93
C ASP C 127 60.13 -9.83 6.91
N LYS C 128 59.54 -10.78 7.62
CA LYS C 128 58.44 -10.50 8.57
C LYS C 128 58.80 -9.63 9.79
N ASP C 129 60.07 -9.31 9.97
CA ASP C 129 60.50 -8.42 11.05
C ASP C 129 60.17 -6.95 10.72
N LYS C 130 59.66 -6.70 9.51
CA LYS C 130 59.27 -5.35 9.07
C LYS C 130 57.78 -5.29 8.66
N ILE C 131 57.17 -4.14 8.91
CA ILE C 131 55.75 -3.88 8.62
C ILE C 131 55.53 -3.27 7.23
N CYS C 132 54.35 -3.56 6.66
CA CYS C 132 53.88 -3.02 5.39
C CYS C 132 52.35 -2.86 5.50
N GLY C 133 51.71 -2.28 4.50
CA GLY C 133 50.25 -2.06 4.54
C GLY C 133 49.50 -2.96 3.58
N PRO C 134 48.17 -2.75 3.45
CA PRO C 134 47.41 -3.56 2.51
C PRO C 134 47.58 -3.09 1.06
N ASN C 135 47.29 -3.99 0.12
CA ASN C 135 47.30 -3.68 -1.30
C ASN C 135 45.95 -3.09 -1.70
N LEU C 136 44.89 -3.57 -1.03
CA LEU C 136 43.54 -3.15 -1.31
C LEU C 136 42.78 -2.96 -0.02
N ILE C 137 41.78 -2.09 -0.07
CA ILE C 137 40.96 -1.79 1.09
C ILE C 137 39.48 -1.90 0.73
N VAL C 138 38.72 -2.58 1.60
CA VAL C 138 37.26 -2.64 1.49
C VAL C 138 36.83 -1.73 2.65
N ASP C 139 36.09 -0.68 2.35
CA ASP C 139 35.74 0.29 3.37
C ASP C 139 34.25 0.59 3.38
N ASP C 140 33.73 0.92 4.57
CA ASP C 140 32.32 1.27 4.72
C ASP C 140 32.29 2.42 5.70
N GLY C 141 32.15 3.64 5.18
CA GLY C 141 32.12 4.84 5.98
C GLY C 141 33.38 5.67 5.89
N GLY C 142 34.43 5.10 5.31
CA GLY C 142 35.70 5.80 5.12
C GLY C 142 36.72 5.86 6.26
N ASP C 143 36.51 5.14 7.36
CA ASP C 143 37.46 5.19 8.47
C ASP C 143 38.86 4.63 8.10
N ALA C 144 38.91 3.57 7.29
CA ALA C 144 40.22 3.01 6.87
C ALA C 144 40.94 4.03 5.99
N THR C 145 40.15 4.68 5.14
CA THR C 145 40.68 5.70 4.25
C THR C 145 41.07 6.94 5.06
N LEU C 146 40.33 7.25 6.11
CA LEU C 146 40.63 8.43 6.94
C LEU C 146 41.94 8.29 7.73
N ILE C 147 42.16 7.12 8.35
CA ILE C 147 43.38 6.92 9.14
C ILE C 147 44.61 6.93 8.24
N LEU C 148 44.47 6.39 7.03
CA LEU C 148 45.58 6.41 6.07
C LEU C 148 45.97 7.86 5.77
N HIS C 149 45.01 8.65 5.31
CA HIS C 149 45.22 10.06 4.97
C HIS C 149 45.61 10.97 6.15
N GLU C 150 45.01 10.76 7.31
CA GLU C 150 45.38 11.54 8.49
C GLU C 150 46.75 11.13 9.00
N GLY C 151 47.08 9.85 8.80
CA GLY C 151 48.37 9.31 9.19
C GLY C 151 49.47 9.92 8.34
N VAL C 152 49.21 10.01 7.04
CA VAL C 152 50.17 10.62 6.10
C VAL C 152 50.33 12.11 6.42
N LYS C 153 49.21 12.80 6.65
CA LYS C 153 49.26 14.21 7.02
C LYS C 153 50.09 14.40 8.31
N ALA C 154 49.87 13.54 9.30
CA ALA C 154 50.58 13.58 10.59
C ALA C 154 52.08 13.33 10.46
N GLU C 155 52.45 12.35 9.64
CA GLU C 155 53.85 12.05 9.37
C GLU C 155 54.59 13.21 8.72
N ILE C 156 53.93 13.85 7.75
CA ILE C 156 54.51 14.99 7.03
C ILE C 156 54.69 16.15 8.00
N GLU C 157 53.67 16.38 8.83
CA GLU C 157 53.71 17.45 9.81
C GLU C 157 54.80 17.13 10.85
N TYR C 158 54.88 15.87 11.27
CA TYR C 158 55.89 15.41 12.21
C TYR C 158 57.32 15.76 11.75
N GLU C 159 57.60 15.58 10.46
CA GLU C 159 58.95 15.88 9.92
C GLU C 159 59.32 17.34 9.85
N LYS C 160 58.35 18.19 9.53
CA LYS C 160 58.62 19.63 9.41
C LYS C 160 59.11 20.30 10.70
N TYR C 161 58.75 19.75 11.85
CA TYR C 161 59.17 20.32 13.14
C TYR C 161 59.81 19.29 14.08
N ASN C 162 60.01 18.07 13.56
CA ASN C 162 60.62 16.94 14.29
C ASN C 162 59.99 16.70 15.68
N LYS C 163 58.67 16.71 15.72
CA LYS C 163 57.92 16.45 16.95
C LYS C 163 56.47 16.13 16.64
N ILE C 164 55.76 15.60 17.63
CA ILE C 164 54.36 15.28 17.47
C ILE C 164 53.59 16.58 17.22
N PRO C 165 52.73 16.63 16.18
CA PRO C 165 51.96 17.86 15.94
C PRO C 165 51.00 18.16 17.11
N GLU C 166 50.89 19.42 17.51
CA GLU C 166 50.02 19.80 18.63
C GLU C 166 48.53 19.50 18.44
N TYR C 167 48.06 19.33 17.20
CA TYR C 167 46.64 19.02 16.97
C TYR C 167 46.28 17.59 17.43
N LEU C 168 47.28 16.69 17.47
CA LEU C 168 47.07 15.30 17.92
C LEU C 168 47.05 15.15 19.43
N GLU C 169 47.58 16.14 20.15
CA GLU C 169 47.64 16.09 21.61
C GLU C 169 46.51 16.88 22.29
N THR C 170 46.01 17.93 21.62
CA THR C 170 44.90 18.73 22.17
C THR C 170 43.59 17.95 22.01
N GLU C 171 42.50 18.50 22.54
CA GLU C 171 41.22 17.81 22.45
C GLU C 171 39.97 18.72 22.33
N LEU C 172 40.19 19.95 21.86
CA LEU C 172 39.10 20.90 21.63
C LEU C 172 39.04 21.19 20.13
N ASP C 173 40.04 21.94 19.64
CA ASP C 173 40.18 22.30 18.23
C ASP C 173 39.12 23.29 17.68
N GLU C 174 39.62 24.42 17.16
CA GLU C 174 38.82 25.47 16.52
C GLU C 174 37.87 26.26 17.43
N ASN C 175 36.59 25.86 17.52
CA ASN C 175 35.60 26.59 18.34
C ASN C 175 35.78 26.47 19.85
N GLY C 176 36.72 25.62 20.30
CA GLY C 176 36.91 25.36 21.73
C GLY C 176 35.95 24.28 22.21
N LYS C 177 35.20 23.70 21.26
CA LYS C 177 34.24 22.64 21.54
C LYS C 177 35.00 21.34 21.72
N GLN C 178 34.56 20.49 22.65
CA GLN C 178 35.25 19.23 22.88
C GLN C 178 35.25 18.39 21.60
N LEU C 179 36.41 17.83 21.28
CA LEU C 179 36.60 17.02 20.07
C LEU C 179 35.87 15.69 20.25
N SER C 180 35.40 15.08 19.16
CA SER C 180 34.69 13.80 19.27
C SER C 180 35.63 12.71 19.75
N MET C 181 35.08 11.74 20.46
CA MET C 181 35.87 10.63 21.00
C MET C 181 36.61 9.88 19.89
N ASP C 182 35.94 9.68 18.76
CA ASP C 182 36.54 8.99 17.62
C ASP C 182 37.83 9.66 17.12
N LEU C 183 37.85 11.00 17.10
CA LEU C 183 39.07 11.71 16.67
C LEU C 183 40.16 11.59 17.74
N LYS C 184 39.78 11.73 19.01
CA LYS C 184 40.75 11.62 20.11
C LYS C 184 41.36 10.23 20.13
N CYS C 185 40.53 9.19 19.97
CA CYS C 185 41.05 7.82 19.96
C CYS C 185 41.88 7.53 18.70
N MET C 186 41.52 8.15 17.58
CA MET C 186 42.31 7.96 16.35
C MET C 186 43.65 8.68 16.51
N TYR C 187 43.59 9.92 17.01
CA TYR C 187 44.81 10.69 17.22
C TYR C 187 45.76 10.02 18.20
N LYS C 188 45.20 9.34 19.21
CA LYS C 188 46.01 8.63 20.20
C LYS C 188 46.81 7.53 19.48
N VAL C 189 46.15 6.81 18.57
CA VAL C 189 46.79 5.75 17.79
C VAL C 189 47.84 6.35 16.84
N LEU C 190 47.51 7.46 16.18
CA LEU C 190 48.48 8.11 15.27
C LEU C 190 49.73 8.57 16.04
N LYS C 191 49.52 9.21 17.19
CA LYS C 191 50.66 9.64 18.02
C LYS C 191 51.55 8.44 18.36
N MET C 192 50.92 7.35 18.78
CA MET C 192 51.61 6.14 19.19
C MET C 192 52.41 5.53 18.03
N GLU C 193 51.85 5.59 16.82
CA GLU C 193 52.53 5.05 15.63
C GLU C 193 53.68 5.95 15.10
N LEU C 194 53.56 7.28 15.29
CA LEU C 194 54.63 8.20 14.84
C LEU C 194 55.93 7.93 15.61
N LEU C 195 55.77 7.74 16.92
CA LEU C 195 56.86 7.46 17.83
C LEU C 195 57.54 6.10 17.55
N LYS C 196 56.78 5.15 17.00
CA LYS C 196 57.28 3.80 16.68
C LYS C 196 57.89 3.74 15.28
N ASN C 197 57.27 4.44 14.33
CA ASN C 197 57.76 4.53 12.96
C ASN C 197 57.02 5.66 12.22
N PRO C 198 57.71 6.80 11.97
CA PRO C 198 57.10 7.94 11.29
C PRO C 198 57.03 7.80 9.75
N PHE C 199 57.34 6.62 9.22
CA PHE C 199 57.24 6.38 7.77
C PHE C 199 56.21 5.28 7.45
N ARG C 200 55.52 4.79 8.49
CA ARG C 200 54.51 3.76 8.37
C ARG C 200 53.45 4.00 7.29
N TRP C 201 52.73 5.12 7.41
CA TRP C 201 51.65 5.45 6.48
C TRP C 201 52.13 5.74 5.07
N ARG C 202 53.11 6.63 4.93
CA ARG C 202 53.63 6.96 3.60
C ARG C 202 54.27 5.76 2.90
N GLY C 203 54.78 4.82 3.69
CA GLY C 203 55.39 3.60 3.16
C GLY C 203 54.39 2.66 2.48
N MET C 204 53.11 2.79 2.83
CA MET C 204 52.03 1.97 2.26
C MET C 204 51.55 2.45 0.89
N LEU C 205 51.82 3.72 0.56
CA LEU C 205 51.28 4.32 -0.67
C LEU C 205 51.69 3.66 -1.99
N LYS C 206 52.95 3.31 -2.15
CA LYS C 206 53.40 2.69 -3.39
C LYS C 206 52.61 1.40 -3.71
N ASP C 207 52.41 0.54 -2.70
CA ASP C 207 51.71 -0.74 -2.88
C ASP C 207 50.18 -0.74 -2.74
N LEU C 208 49.60 0.38 -2.31
CA LEU C 208 48.12 0.49 -2.23
C LEU C 208 47.55 0.70 -3.62
N TYR C 209 46.77 -0.26 -4.12
CA TYR C 209 46.15 -0.16 -5.46
C TYR C 209 44.72 0.43 -5.44
N GLY C 210 44.18 0.68 -4.25
CA GLY C 210 42.88 1.31 -4.13
C GLY C 210 41.97 0.86 -3.01
N VAL C 211 40.88 1.62 -2.88
CA VAL C 211 39.83 1.35 -1.91
C VAL C 211 38.49 1.27 -2.64
N SER C 212 37.62 0.36 -2.22
CA SER C 212 36.27 0.24 -2.77
C SER C 212 35.37 0.63 -1.60
N GLU C 213 34.64 1.74 -1.75
CA GLU C 213 33.80 2.28 -0.68
C GLU C 213 32.31 1.89 -0.81
N GLU C 214 31.78 1.36 0.28
CA GLU C 214 30.43 0.81 0.37
C GLU C 214 29.27 1.79 0.52
N THR C 215 29.45 2.87 1.30
CA THR C 215 28.30 3.72 1.62
C THR C 215 28.38 5.21 1.29
N THR C 216 27.21 5.81 1.28
CA THR C 216 27.02 7.20 0.92
C THR C 216 27.95 8.14 1.66
N THR C 217 28.03 7.97 2.98
CA THR C 217 28.88 8.80 3.82
C THR C 217 30.36 8.64 3.47
N GLY C 218 30.75 7.41 3.14
CA GLY C 218 32.14 7.15 2.76
C GLY C 218 32.48 7.77 1.42
N VAL C 219 31.54 7.70 0.47
CA VAL C 219 31.71 8.28 -0.87
C VAL C 219 31.82 9.79 -0.75
N LEU C 220 30.98 10.39 0.07
CA LEU C 220 31.01 11.83 0.30
C LEU C 220 32.42 12.25 0.75
N ARG C 221 33.00 11.50 1.67
CA ARG C 221 34.37 11.77 2.16
C ARG C 221 35.41 11.61 1.04
N LEU C 222 35.16 10.70 0.10
CA LEU C 222 36.07 10.51 -1.03
C LEU C 222 35.97 11.66 -2.00
N LYS C 223 34.75 12.09 -2.30
CA LYS C 223 34.55 13.21 -3.22
C LYS C 223 35.18 14.49 -2.71
N ILE C 224 35.16 14.71 -1.40
CA ILE C 224 35.76 15.91 -0.81
C ILE C 224 37.27 15.86 -1.01
N MET C 225 37.86 14.68 -0.76
CA MET C 225 39.31 14.50 -0.95
C MET C 225 39.74 14.71 -2.40
N GLU C 226 38.92 14.28 -3.35
CA GLU C 226 39.25 14.42 -4.76
C GLU C 226 39.18 15.88 -5.21
N SER C 227 38.13 16.59 -4.81
CA SER C 227 37.98 18.01 -5.15
C SER C 227 39.12 18.88 -4.59
N GLU C 228 39.74 18.44 -3.51
CA GLU C 228 40.87 19.15 -2.89
C GLU C 228 42.21 18.64 -3.39
N GLY C 229 42.20 17.59 -4.23
CA GLY C 229 43.42 17.00 -4.77
C GLY C 229 44.25 16.25 -3.75
N LYS C 230 43.60 15.78 -2.67
CA LYS C 230 44.27 15.07 -1.57
C LYS C 230 44.06 13.56 -1.53
N LEU C 231 43.35 13.02 -2.51
CA LEU C 231 43.12 11.59 -2.57
C LEU C 231 44.46 10.91 -2.93
N LEU C 232 44.89 9.99 -2.09
CA LEU C 232 46.20 9.32 -2.23
C LEU C 232 46.22 7.93 -2.88
N LEU C 233 45.07 7.46 -3.37
CA LEU C 233 45.02 6.17 -4.03
C LEU C 233 43.74 6.09 -4.86
N PRO C 234 43.68 5.17 -5.84
CA PRO C 234 42.45 5.06 -6.64
C PRO C 234 41.26 4.63 -5.79
N ALA C 235 40.06 5.03 -6.18
CA ALA C 235 38.88 4.64 -5.44
C ALA C 235 37.76 4.23 -6.36
N ILE C 236 36.99 3.25 -5.90
CA ILE C 236 35.78 2.86 -6.61
C ILE C 236 34.60 3.09 -5.68
N ASN C 237 33.63 3.82 -6.19
CA ASN C 237 32.41 4.13 -5.48
C ASN C 237 31.42 3.00 -5.74
N VAL C 238 31.29 2.09 -4.78
CA VAL C 238 30.38 0.95 -4.88
C VAL C 238 28.94 1.33 -4.53
N ASN C 239 28.78 2.28 -3.60
CA ASN C 239 27.45 2.72 -3.19
C ASN C 239 26.57 3.13 -4.37
N ASP C 240 27.14 3.84 -5.33
CA ASP C 240 26.36 4.33 -6.49
C ASP C 240 26.17 3.36 -7.67
N SER C 241 26.54 2.10 -7.49
CA SER C 241 26.14 1.11 -8.49
C SER C 241 24.63 1.10 -8.33
N VAL C 242 23.90 0.89 -9.41
CA VAL C 242 22.43 0.86 -9.30
C VAL C 242 22.01 -0.30 -8.38
N THR C 243 22.69 -1.45 -8.52
CA THR C 243 22.39 -2.66 -7.75
C THR C 243 22.84 -2.59 -6.29
N LYS C 244 23.29 -1.42 -5.85
CA LYS C 244 23.63 -1.21 -4.47
C LYS C 244 22.66 -0.12 -3.97
N SER C 245 22.85 1.12 -4.40
CA SER C 245 22.01 2.25 -3.95
C SER C 245 20.49 2.08 -4.09
N LYS C 246 20.03 1.50 -5.18
CA LYS C 246 18.59 1.33 -5.39
C LYS C 246 18.02 0.06 -4.76
N PHE C 247 18.87 -0.75 -4.14
CA PHE C 247 18.40 -1.98 -3.50
C PHE C 247 18.74 -2.01 -2.02
N ASP C 248 20.03 -2.07 -1.70
CA ASP C 248 20.53 -2.07 -0.34
C ASP C 248 20.01 -0.87 0.47
N ASN C 249 20.24 0.34 -0.05
CA ASN C 249 19.87 1.55 0.70
C ASN C 249 18.39 1.64 0.97
N THR C 250 17.59 1.26 -0.02
CA THR C 250 16.14 1.32 0.05
C THR C 250 15.46 0.06 0.58
N TYR C 251 15.56 -1.06 -0.15
CA TYR C 251 14.89 -2.29 0.26
C TYR C 251 15.51 -2.94 1.47
N GLY C 252 16.81 -2.76 1.64
CA GLY C 252 17.50 -3.33 2.78
C GLY C 252 16.97 -2.67 4.03
N CYS C 253 16.89 -1.35 4.00
CA CYS C 253 16.39 -0.57 5.15
C CYS C 253 14.92 -0.78 5.42
N ARG C 254 14.14 -1.03 4.38
CA ARG C 254 12.70 -1.26 4.56
C ARG C 254 12.46 -2.40 5.54
N GLN C 255 13.29 -3.45 5.46
CA GLN C 255 13.19 -4.59 6.38
C GLN C 255 14.03 -4.41 7.65
N SER C 256 15.32 -4.09 7.50
CA SER C 256 16.20 -3.98 8.67
C SER C 256 15.86 -2.83 9.64
N LEU C 257 15.27 -1.73 9.17
CA LEU C 257 14.88 -0.64 10.10
C LEU C 257 13.84 -1.16 11.05
N LEU C 258 12.81 -1.77 10.50
CA LEU C 258 11.72 -2.34 11.27
C LEU C 258 12.23 -3.35 12.27
N HIS C 259 13.11 -4.24 11.81
CA HIS C 259 13.69 -5.23 12.68
C HIS C 259 14.41 -4.56 13.86
N GLY C 260 15.12 -3.48 13.56
CA GLY C 260 15.85 -2.73 14.57
C GLY C 260 14.89 -2.05 15.54
N LEU C 261 13.81 -1.48 15.00
CA LEU C 261 12.79 -0.81 15.83
C LEU C 261 12.02 -1.81 16.68
N PHE C 262 11.76 -2.99 16.12
CA PHE C 262 11.02 -4.00 16.85
C PHE C 262 11.79 -4.54 18.04
N ASN C 263 13.12 -4.64 17.94
CA ASN C 263 13.95 -5.13 19.05
C ASN C 263 14.14 -4.10 20.14
N GLY C 264 14.28 -2.84 19.76
CA GLY C 264 14.55 -1.78 20.72
C GLY C 264 13.36 -1.03 21.27
N CYS C 265 12.33 -0.82 20.44
CA CYS C 265 11.14 -0.10 20.83
C CYS C 265 10.01 -1.11 21.03
N ILE C 266 9.52 -1.19 22.27
CA ILE C 266 8.47 -2.12 22.62
C ILE C 266 7.09 -1.71 22.09
N GLN C 267 6.91 -0.42 21.81
CA GLN C 267 5.62 0.10 21.40
C GLN C 267 5.18 -0.27 19.99
N MET C 268 3.86 -0.23 19.81
CA MET C 268 3.23 -0.51 18.52
C MET C 268 3.55 0.66 17.61
N LEU C 269 3.88 0.36 16.35
CA LEU C 269 4.18 1.41 15.39
C LEU C 269 2.93 1.96 14.71
N ALA C 270 1.92 1.09 14.53
CA ALA C 270 0.67 1.48 13.90
C ALA C 270 0.03 2.68 14.61
N GLY C 271 -0.39 3.67 13.84
CA GLY C 271 -1.03 4.86 14.42
C GLY C 271 -0.09 5.95 14.92
N LYS C 272 1.16 5.62 15.19
CA LYS C 272 2.11 6.61 15.70
C LYS C 272 2.55 7.56 14.59
N LYS C 273 2.82 8.80 14.99
CA LYS C 273 3.39 9.80 14.08
C LYS C 273 4.91 9.58 14.12
N ILE C 274 5.46 9.03 13.04
CA ILE C 274 6.89 8.73 13.00
C ILE C 274 7.56 9.68 12.02
N VAL C 275 8.49 10.48 12.54
CA VAL C 275 9.20 11.43 11.72
C VAL C 275 10.44 10.79 11.14
N VAL C 276 10.55 10.79 9.82
CA VAL C 276 11.72 10.27 9.13
C VAL C 276 12.45 11.48 8.58
N LEU C 277 13.61 11.80 9.17
CA LEU C 277 14.40 12.94 8.73
C LEU C 277 15.36 12.50 7.61
N GLY C 278 15.10 13.00 6.41
CA GLY C 278 15.89 12.66 5.23
C GLY C 278 15.11 11.66 4.40
N TYR C 279 14.80 12.03 3.16
CA TYR C 279 14.03 11.17 2.26
C TYR C 279 14.84 10.87 1.00
N GLY C 280 16.00 10.27 1.22
CA GLY C 280 16.90 9.85 0.15
C GLY C 280 16.69 8.39 -0.09
N GLU C 281 17.71 7.71 -0.58
CA GLU C 281 17.58 6.29 -0.88
C GLU C 281 17.19 5.50 0.37
N VAL C 282 17.78 5.86 1.52
CA VAL C 282 17.47 5.21 2.80
C VAL C 282 16.11 5.63 3.35
N GLY C 283 15.88 6.94 3.39
CA GLY C 283 14.62 7.50 3.87
C GLY C 283 13.41 6.92 3.16
N LYS C 284 13.50 6.83 1.82
CA LYS C 284 12.40 6.25 1.01
C LYS C 284 12.06 4.85 1.50
N GLY C 285 13.08 4.03 1.74
CA GLY C 285 12.90 2.68 2.22
C GLY C 285 12.36 2.62 3.62
N CYS C 286 12.84 3.50 4.49
CA CYS C 286 12.36 3.54 5.87
C CYS C 286 10.89 3.86 5.89
N ALA C 287 10.50 4.89 5.14
CA ALA C 287 9.11 5.32 5.07
C ALA C 287 8.18 4.21 4.61
N GLN C 288 8.58 3.53 3.55
CA GLN C 288 7.80 2.44 2.96
C GLN C 288 7.54 1.34 4.02
N GLY C 289 8.59 0.96 4.75
CA GLY C 289 8.45 -0.06 5.80
C GLY C 289 7.55 0.38 6.94
N LEU C 290 7.72 1.62 7.41
CA LEU C 290 6.91 2.16 8.51
C LEU C 290 5.43 2.24 8.11
N SER C 291 5.15 2.75 6.91
CA SER C 291 3.77 2.80 6.39
C SER C 291 3.16 1.40 6.28
N GLY C 292 3.98 0.43 5.93
CA GLY C 292 3.57 -0.97 5.80
C GLY C 292 3.01 -1.58 7.07
N VAL C 293 3.47 -1.13 8.23
CA VAL C 293 2.94 -1.62 9.51
C VAL C 293 2.01 -0.59 10.18
N GLY C 294 1.41 0.29 9.38
CA GLY C 294 0.42 1.25 9.86
C GLY C 294 0.84 2.58 10.46
N ALA C 295 2.12 2.91 10.43
CA ALA C 295 2.57 4.18 10.99
C ALA C 295 2.21 5.34 10.05
N ARG C 296 2.05 6.52 10.62
CA ARG C 296 1.82 7.72 9.87
C ARG C 296 3.19 8.42 9.81
N VAL C 297 3.82 8.34 8.65
CA VAL C 297 5.15 8.90 8.44
C VAL C 297 5.11 10.38 8.09
N ILE C 298 5.96 11.15 8.77
CA ILE C 298 6.11 12.57 8.51
C ILE C 298 7.55 12.71 8.10
N VAL C 299 7.79 13.37 6.97
CA VAL C 299 9.14 13.54 6.44
C VAL C 299 9.71 14.96 6.58
N THR C 300 11.02 15.05 6.82
CA THR C 300 11.71 16.35 6.80
C THR C 300 12.74 16.24 5.68
N GLU C 301 12.93 17.34 4.95
CA GLU C 301 13.88 17.42 3.87
C GLU C 301 14.39 18.81 3.60
N ILE C 302 15.61 18.86 3.06
CA ILE C 302 16.26 20.10 2.63
C ILE C 302 16.17 20.24 1.12
N ASP C 303 16.02 19.11 0.42
CA ASP C 303 15.97 19.06 -1.02
C ASP C 303 14.51 19.10 -1.48
N PRO C 304 14.14 20.15 -2.23
CA PRO C 304 12.75 20.25 -2.68
C PRO C 304 12.31 19.07 -3.57
N ILE C 305 13.21 18.50 -4.37
CA ILE C 305 12.82 17.38 -5.24
C ILE C 305 12.41 16.18 -4.39
N CYS C 306 13.25 15.84 -3.41
CA CYS C 306 12.96 14.75 -2.49
C CYS C 306 11.70 15.01 -1.68
N ALA C 307 11.48 16.28 -1.29
CA ALA C 307 10.30 16.63 -0.52
C ALA C 307 9.05 16.38 -1.38
N LEU C 308 9.07 16.81 -2.64
CA LEU C 308 7.95 16.54 -3.55
C LEU C 308 7.72 15.05 -3.77
N GLN C 309 8.77 14.25 -3.82
CA GLN C 309 8.57 12.80 -3.98
C GLN C 309 7.84 12.23 -2.76
N ALA C 310 8.19 12.70 -1.58
CA ALA C 310 7.53 12.26 -0.35
C ALA C 310 6.04 12.59 -0.39
N SER C 311 5.74 13.78 -0.88
CA SER C 311 4.36 14.26 -0.96
C SER C 311 3.57 13.38 -1.94
N MET C 312 4.16 13.07 -3.08
CA MET C 312 3.53 12.20 -4.08
C MET C 312 3.25 10.79 -3.54
N GLU C 313 3.95 10.37 -2.48
CA GLU C 313 3.68 9.07 -1.86
C GLU C 313 2.74 9.21 -0.65
N GLY C 314 2.14 10.39 -0.49
CA GLY C 314 1.18 10.63 0.58
C GLY C 314 1.73 11.05 1.93
N TYR C 315 3.02 11.36 2.01
CA TYR C 315 3.58 11.75 3.29
C TYR C 315 3.59 13.25 3.50
N GLN C 316 3.22 13.67 4.71
CA GLN C 316 3.31 15.07 5.12
C GLN C 316 4.80 15.38 5.19
N VAL C 317 5.18 16.57 4.75
CA VAL C 317 6.57 17.01 4.80
C VAL C 317 6.60 18.31 5.61
N SER C 318 7.25 18.26 6.77
CA SER C 318 7.34 19.41 7.68
C SER C 318 8.77 19.60 8.16
N VAL C 319 9.00 20.71 8.86
CA VAL C 319 10.27 21.01 9.48
C VAL C 319 10.14 20.43 10.89
N LEU C 320 11.23 19.91 11.43
CA LEU C 320 11.24 19.28 12.75
C LEU C 320 10.62 20.14 13.86
N GLU C 321 10.92 21.44 13.90
CA GLU C 321 10.36 22.33 14.95
C GLU C 321 8.83 22.36 15.00
N ASP C 322 8.18 22.08 13.88
CA ASP C 322 6.70 22.12 13.84
C ASP C 322 6.02 20.80 14.23
N VAL C 323 6.81 19.76 14.49
CA VAL C 323 6.25 18.47 14.88
C VAL C 323 7.01 17.82 16.02
N VAL C 324 8.10 18.44 16.47
CA VAL C 324 8.94 17.87 17.53
C VAL C 324 8.15 17.60 18.81
N SER C 325 7.12 18.39 19.10
CA SER C 325 6.31 18.18 20.31
C SER C 325 5.19 17.15 20.13
N GLU C 326 4.74 16.91 18.89
CA GLU C 326 3.64 15.98 18.62
C GLU C 326 4.06 14.56 18.25
N ALA C 327 5.13 14.42 17.49
CA ALA C 327 5.57 13.11 17.02
C ALA C 327 5.97 12.14 18.13
N ASP C 328 5.80 10.85 17.85
CA ASP C 328 6.10 9.79 18.82
C ASP C 328 7.49 9.20 18.65
N ILE C 329 7.93 9.08 17.40
CA ILE C 329 9.20 8.47 17.07
C ILE C 329 9.93 9.30 16.01
N PHE C 330 11.25 9.43 16.18
CA PHE C 330 12.11 10.19 15.28
C PHE C 330 13.21 9.27 14.75
N ILE C 331 13.32 9.17 13.42
CA ILE C 331 14.33 8.34 12.73
C ILE C 331 15.19 9.21 11.80
N THR C 332 16.45 9.46 12.15
CA THR C 332 17.33 10.25 11.29
C THR C 332 17.93 9.37 10.19
N ALA C 333 17.92 9.85 8.95
CA ALA C 333 18.45 9.11 7.78
C ALA C 333 19.08 10.06 6.74
N THR C 334 19.82 11.06 7.23
CA THR C 334 20.38 12.12 6.39
C THR C 334 21.82 12.00 5.98
N GLY C 335 22.62 11.32 6.79
CA GLY C 335 24.06 11.28 6.57
C GLY C 335 24.66 12.64 6.93
N ASN C 336 23.93 13.46 7.68
CA ASN C 336 24.35 14.82 8.06
C ASN C 336 24.66 14.80 9.56
N LYS C 337 24.84 15.96 10.18
CA LYS C 337 25.10 16.01 11.63
C LYS C 337 24.26 17.11 12.26
N ASP C 338 23.95 16.95 13.55
CA ASP C 338 23.17 17.93 14.32
C ASP C 338 21.74 18.08 13.79
N VAL C 339 21.13 16.96 13.44
CA VAL C 339 19.77 16.96 12.92
C VAL C 339 18.77 16.93 14.08
N ILE C 340 19.11 16.20 15.13
CA ILE C 340 18.29 16.18 16.34
C ILE C 340 19.20 16.65 17.47
N THR C 341 18.91 17.86 17.94
CA THR C 341 19.70 18.53 18.98
C THR C 341 19.08 18.31 20.34
N VAL C 342 19.84 18.64 21.39
CA VAL C 342 19.35 18.53 22.76
C VAL C 342 18.16 19.45 22.95
N GLU C 343 18.17 20.60 22.28
CA GLU C 343 17.06 21.52 22.34
C GLU C 343 15.78 20.87 21.74
N HIS C 344 15.94 20.09 20.67
CA HIS C 344 14.78 19.38 20.09
C HIS C 344 14.26 18.32 21.06
N MET C 345 15.20 17.58 21.64
CA MET C 345 14.87 16.50 22.57
C MET C 345 14.13 16.97 23.82
N ARG C 346 14.43 18.19 24.30
CA ARG C 346 13.75 18.73 25.48
C ARG C 346 12.27 19.04 25.23
N LYS C 347 11.89 19.31 23.97
CA LYS C 347 10.49 19.61 23.62
C LYS C 347 9.69 18.36 23.27
N MET C 348 10.33 17.20 23.21
CA MET C 348 9.64 15.96 22.85
C MET C 348 8.71 15.50 23.95
N LYS C 349 7.68 14.75 23.55
CA LYS C 349 6.70 14.23 24.48
C LYS C 349 7.32 13.09 25.28
N GLU C 350 6.64 12.75 26.37
CA GLU C 350 7.07 11.69 27.29
C GLU C 350 7.28 10.32 26.60
N ASN C 351 8.46 9.75 26.81
CA ASN C 351 8.82 8.42 26.26
C ASN C 351 8.86 8.33 24.74
N ALA C 352 9.18 9.45 24.11
CA ALA C 352 9.35 9.51 22.67
C ALA C 352 10.61 8.73 22.35
N TYR C 353 10.59 7.97 21.26
CA TYR C 353 11.74 7.18 20.82
C TYR C 353 12.55 7.93 19.77
N ILE C 354 13.87 7.86 19.90
CA ILE C 354 14.79 8.52 18.96
C ILE C 354 15.76 7.45 18.48
N ALA C 355 15.95 7.35 17.17
CA ALA C 355 16.87 6.37 16.57
C ALA C 355 17.51 6.94 15.32
N ASN C 356 18.62 6.33 14.92
CA ASN C 356 19.38 6.73 13.73
C ASN C 356 19.69 5.54 12.85
N ILE C 357 19.59 5.72 11.54
CA ILE C 357 19.90 4.67 10.58
C ILE C 357 21.06 5.12 9.66
N GLY C 358 21.47 6.37 9.78
CA GLY C 358 22.61 6.88 9.01
C GLY C 358 23.87 6.24 9.52
N HIS C 359 24.95 6.38 8.76
CA HIS C 359 26.22 5.73 9.11
C HIS C 359 26.83 6.15 10.43
N PHE C 360 26.85 7.46 10.69
CA PHE C 360 27.43 7.98 11.94
C PHE C 360 26.38 8.35 12.98
N ASP C 361 26.83 8.33 14.23
CA ASP C 361 26.00 8.59 15.39
C ASP C 361 25.81 10.07 15.76
N ASP C 362 26.46 10.97 15.02
CA ASP C 362 26.31 12.40 15.32
C ASP C 362 25.12 13.07 14.57
N GLU C 363 24.23 12.27 13.97
CA GLU C 363 23.01 12.83 13.37
C GLU C 363 22.16 13.32 14.55
N ILE C 364 22.24 12.56 15.65
CA ILE C 364 21.58 12.88 16.91
C ILE C 364 22.69 13.37 17.83
N ASP C 365 22.43 14.43 18.59
CA ASP C 365 23.42 14.97 19.51
C ASP C 365 23.45 14.12 20.79
N VAL C 366 24.04 12.93 20.67
CA VAL C 366 24.17 11.98 21.79
C VAL C 366 25.13 12.50 22.86
N TYR C 367 26.31 12.96 22.42
CA TYR C 367 27.29 13.49 23.34
C TYR C 367 26.64 14.57 24.23
N GLY C 368 25.91 15.49 23.60
CA GLY C 368 25.22 16.57 24.32
C GLY C 368 24.16 16.07 25.29
N LEU C 369 23.44 15.03 24.90
CA LEU C 369 22.41 14.46 25.76
C LEU C 369 23.04 13.80 26.99
N GLU C 370 23.99 12.90 26.76
CA GLU C 370 24.67 12.19 27.84
C GLU C 370 25.34 13.12 28.86
N ASN C 371 25.88 14.23 28.37
CA ASN C 371 26.59 15.19 29.23
C ASN C 371 25.77 16.42 29.63
N TYR C 372 24.45 16.32 29.57
CA TYR C 372 23.58 17.41 29.96
C TYR C 372 23.59 17.56 31.50
N PRO C 373 23.72 18.80 32.02
CA PRO C 373 23.74 18.98 33.50
C PRO C 373 22.47 18.50 34.21
N GLY C 374 22.62 17.52 35.11
CA GLY C 374 21.50 16.95 35.85
C GLY C 374 20.72 15.84 35.15
N ILE C 375 21.19 15.37 34.00
CA ILE C 375 20.50 14.31 33.25
C ILE C 375 20.61 12.96 33.99
N LYS C 376 19.52 12.20 33.98
CA LYS C 376 19.51 10.85 34.57
C LYS C 376 19.35 9.85 33.44
N VAL C 377 20.10 8.76 33.51
CA VAL C 377 20.09 7.72 32.49
C VAL C 377 19.89 6.33 33.09
N ILE C 378 18.95 5.57 32.55
CA ILE C 378 18.72 4.19 33.00
C ILE C 378 18.59 3.29 31.80
N GLU C 379 19.32 2.18 31.83
CA GLU C 379 19.33 1.24 30.74
C GLU C 379 18.08 0.35 30.79
N VAL C 380 17.22 0.50 29.79
CA VAL C 380 16.00 -0.29 29.66
C VAL C 380 16.38 -1.74 29.28
N LYS C 381 17.32 -1.86 28.34
CA LYS C 381 17.86 -3.15 27.93
C LYS C 381 19.18 -2.84 27.23
N GLN C 382 19.89 -3.87 26.73
CA GLN C 382 21.15 -3.58 26.04
C GLN C 382 20.83 -2.70 24.83
N ASN C 383 21.67 -1.69 24.63
CA ASN C 383 21.52 -0.76 23.51
C ASN C 383 20.19 0.04 23.53
N VAL C 384 19.57 0.20 24.69
CA VAL C 384 18.33 1.00 24.79
C VAL C 384 18.38 1.78 26.10
N HIS C 385 18.36 3.10 26.03
CA HIS C 385 18.51 3.94 27.22
C HIS C 385 17.49 5.05 27.34
N LYS C 386 16.98 5.26 28.55
CA LYS C 386 16.03 6.35 28.80
C LYS C 386 16.76 7.48 29.51
N PHE C 387 16.66 8.68 28.94
CA PHE C 387 17.27 9.87 29.49
C PHE C 387 16.17 10.76 30.03
N THR C 388 16.33 11.21 31.27
CA THR C 388 15.34 12.05 31.93
C THR C 388 15.92 13.41 32.28
N PHE C 389 15.29 14.48 31.79
CA PHE C 389 15.77 15.84 32.06
C PHE C 389 15.38 16.28 33.48
N PRO C 390 16.25 17.07 34.15
CA PRO C 390 15.97 17.48 35.54
C PRO C 390 14.84 18.49 35.74
N ASP C 391 14.77 19.51 34.89
CA ASP C 391 13.75 20.57 34.99
C ASP C 391 12.31 20.11 34.71
N THR C 392 12.10 19.51 33.55
CA THR C 392 10.76 19.06 33.14
C THR C 392 10.39 17.72 33.75
N GLN C 393 11.41 16.90 34.01
CA GLN C 393 11.25 15.54 34.53
C GLN C 393 10.75 14.60 33.41
N LYS C 394 10.72 15.10 32.16
CA LYS C 394 10.27 14.28 31.03
C LYS C 394 11.41 13.43 30.52
N SER C 395 11.07 12.34 29.84
CA SER C 395 12.07 11.41 29.31
C SER C 395 11.93 11.12 27.83
N VAL C 396 13.05 10.74 27.22
CA VAL C 396 13.15 10.33 25.82
C VAL C 396 13.90 9.01 25.86
N ILE C 397 13.68 8.15 24.87
CA ILE C 397 14.30 6.84 24.84
C ILE C 397 15.13 6.74 23.58
N LEU C 398 16.42 6.48 23.75
CA LEU C 398 17.38 6.39 22.65
C LEU C 398 17.74 4.95 22.31
N LEU C 399 17.63 4.58 21.05
CA LEU C 399 17.99 3.24 20.63
C LEU C 399 19.45 3.25 20.18
N CYS C 400 20.22 2.27 20.62
CA CYS C 400 21.62 2.12 20.20
C CYS C 400 22.60 3.23 20.39
N LYS C 401 22.34 4.15 21.33
CA LYS C 401 23.24 5.29 21.55
C LYS C 401 23.43 6.05 20.22
N GLY C 402 22.35 6.16 19.45
CA GLY C 402 22.38 6.84 18.16
C GLY C 402 23.15 6.13 17.04
N ARG C 403 23.65 4.91 17.27
CA ARG C 403 24.37 4.17 16.21
C ARG C 403 23.35 3.57 15.25
N LEU C 404 23.75 3.32 14.01
CA LEU C 404 22.82 2.78 13.04
C LEU C 404 22.03 1.62 13.67
N VAL C 405 20.76 1.89 13.91
CA VAL C 405 19.84 1.00 14.62
C VAL C 405 19.62 -0.36 13.98
N ASN C 406 19.65 -0.45 12.65
CA ASN C 406 19.43 -1.74 12.01
C ASN C 406 20.59 -2.72 12.26
N LEU C 407 21.80 -2.20 12.46
CA LEU C 407 22.97 -3.06 12.72
C LEU C 407 23.32 -3.13 14.20
N GLY C 408 23.03 -2.06 14.93
CA GLY C 408 23.30 -2.01 16.37
C GLY C 408 22.28 -2.75 17.23
N CYS C 409 21.00 -2.63 16.88
CA CYS C 409 19.91 -3.31 17.63
C CYS C 409 19.40 -4.56 16.90
N ALA C 410 19.88 -4.82 15.70
CA ALA C 410 19.43 -5.96 14.91
C ALA C 410 20.58 -6.54 14.10
N THR C 411 20.26 -7.43 13.16
CA THR C 411 21.26 -8.11 12.32
C THR C 411 21.56 -7.45 10.96
N GLY C 412 21.04 -6.24 10.73
CA GLY C 412 21.28 -5.51 9.47
C GLY C 412 20.44 -6.02 8.32
N HIS C 413 20.78 -5.59 7.10
CA HIS C 413 20.05 -6.06 5.91
C HIS C 413 20.20 -7.57 5.71
N PRO C 414 19.18 -8.21 5.12
CA PRO C 414 19.22 -9.64 4.87
C PRO C 414 20.18 -10.05 3.72
N PRO C 415 20.49 -11.36 3.61
CA PRO C 415 21.44 -11.84 2.62
C PRO C 415 21.24 -11.38 1.17
N LEU C 416 20.03 -11.46 0.66
CA LEU C 416 19.77 -11.13 -0.75
C LEU C 416 20.33 -9.79 -1.20
N VAL C 417 19.99 -8.72 -0.49
CA VAL C 417 20.49 -7.39 -0.91
C VAL C 417 21.98 -7.22 -0.62
N MET C 418 22.48 -7.84 0.44
CA MET C 418 23.90 -7.72 0.73
C MET C 418 24.72 -8.43 -0.34
N SER C 419 24.22 -9.53 -0.89
CA SER C 419 24.92 -10.23 -1.98
C SER C 419 25.10 -9.31 -3.17
N MET C 420 24.05 -8.58 -3.53
CA MET C 420 24.12 -7.61 -4.63
C MET C 420 25.20 -6.56 -4.31
N SER C 421 25.14 -5.97 -3.11
CA SER C 421 26.13 -4.99 -2.69
C SER C 421 27.53 -5.59 -2.69
N PHE C 422 27.67 -6.80 -2.12
CA PHE C 422 28.98 -7.46 -2.00
C PHE C 422 29.51 -8.05 -3.31
N THR C 423 28.62 -8.34 -4.25
CA THR C 423 29.02 -8.76 -5.57
C THR C 423 29.68 -7.54 -6.21
N ASN C 424 29.12 -6.34 -6.00
CA ASN C 424 29.75 -5.12 -6.52
C ASN C 424 31.15 -4.94 -5.88
N GLN C 425 31.27 -5.19 -4.57
CA GLN C 425 32.58 -5.10 -3.88
C GLN C 425 33.65 -6.02 -4.45
N VAL C 426 33.32 -7.29 -4.61
CA VAL C 426 34.29 -8.24 -5.18
C VAL C 426 34.72 -7.76 -6.56
N LEU C 427 33.76 -7.38 -7.39
CA LEU C 427 34.07 -6.89 -8.75
C LEU C 427 34.96 -5.66 -8.67
N ALA C 428 34.68 -4.76 -7.72
CA ALA C 428 35.51 -3.56 -7.56
C ALA C 428 36.95 -3.95 -7.18
N GLN C 429 37.09 -4.82 -6.18
CA GLN C 429 38.40 -5.31 -5.74
C GLN C 429 39.20 -5.91 -6.90
N MET C 430 38.54 -6.73 -7.73
CA MET C 430 39.18 -7.33 -8.90
C MET C 430 39.61 -6.27 -9.92
N ASP C 431 38.78 -5.25 -10.12
CA ASP C 431 39.11 -4.16 -11.05
C ASP C 431 40.36 -3.39 -10.57
N LEU C 432 40.38 -2.99 -9.30
CA LEU C 432 41.51 -2.26 -8.74
C LEU C 432 42.80 -3.09 -8.76
N TRP C 433 42.68 -4.39 -8.50
CA TRP C 433 43.83 -5.31 -8.50
C TRP C 433 44.42 -5.44 -9.91
N LYS C 434 43.53 -5.67 -10.87
CA LYS C 434 43.88 -5.79 -12.30
C LYS C 434 44.61 -4.57 -12.87
N SER C 435 44.20 -3.38 -12.43
CA SER C 435 44.77 -2.12 -12.93
C SER C 435 46.13 -1.74 -12.37
N ARG C 436 46.60 -2.44 -11.34
CA ARG C 436 47.90 -2.13 -10.73
C ARG C 436 49.03 -2.25 -11.74
N ASN C 444 52.21 9.14 -11.03
CA ASN C 444 50.85 9.67 -11.05
C ASN C 444 50.47 10.23 -9.67
N THR C 445 50.46 11.56 -9.56
CA THR C 445 50.12 12.24 -8.30
C THR C 445 48.60 12.32 -8.03
N ARG C 446 47.79 12.43 -9.08
CA ARG C 446 46.34 12.58 -8.91
C ARG C 446 45.54 11.27 -9.10
N PHE C 447 44.71 10.97 -8.12
CA PHE C 447 43.84 9.80 -8.10
C PHE C 447 42.39 10.26 -8.09
N PHE C 448 41.50 9.45 -8.65
CA PHE C 448 40.09 9.81 -8.74
C PHE C 448 39.15 8.72 -8.23
N VAL C 449 37.86 9.06 -8.20
CA VAL C 449 36.81 8.16 -7.77
C VAL C 449 36.00 7.81 -9.01
N LYS C 450 35.84 6.53 -9.28
CA LYS C 450 35.04 6.08 -10.40
C LYS C 450 34.06 5.04 -9.91
N LYS C 451 33.16 4.63 -10.80
CA LYS C 451 32.17 3.61 -10.50
C LYS C 451 32.32 2.46 -11.49
N LEU C 452 31.70 1.34 -11.17
CA LEU C 452 31.72 0.20 -12.06
C LEU C 452 30.86 0.53 -13.29
N SER C 453 31.14 -0.15 -14.38
CA SER C 453 30.39 0.03 -15.61
C SER C 453 28.95 -0.46 -15.42
N LYS C 454 28.04 0.02 -16.26
CA LYS C 454 26.65 -0.42 -16.26
C LYS C 454 26.57 -1.90 -16.70
N GLU C 455 27.53 -2.35 -17.53
CA GLU C 455 27.52 -3.78 -17.93
C GLU C 455 27.64 -4.67 -16.70
N LEU C 456 28.57 -4.31 -15.81
CA LEU C 456 28.78 -5.07 -14.57
C LEU C 456 27.63 -4.89 -13.58
N ASP C 457 27.01 -3.70 -13.62
CA ASP C 457 25.89 -3.38 -12.73
C ASP C 457 24.73 -4.30 -13.14
N GLU C 458 24.43 -4.34 -14.43
CA GLU C 458 23.39 -5.23 -14.93
C GLU C 458 23.73 -6.69 -14.65
N TYR C 459 25.02 -7.03 -14.74
CA TYR C 459 25.49 -8.39 -14.44
C TYR C 459 25.15 -8.77 -12.99
N VAL C 460 25.38 -7.87 -12.03
CA VAL C 460 25.02 -8.13 -10.63
C VAL C 460 23.53 -8.52 -10.54
N ALA C 461 22.68 -7.76 -11.24
CA ALA C 461 21.25 -8.05 -11.23
C ALA C 461 20.97 -9.44 -11.84
N ARG C 462 21.57 -9.76 -12.99
CA ARG C 462 21.36 -11.07 -13.64
C ARG C 462 21.67 -12.25 -12.76
N LEU C 463 22.70 -12.12 -11.94
CA LEU C 463 23.12 -13.20 -11.06
C LEU C 463 22.11 -13.54 -9.97
N HIS C 464 21.16 -12.65 -9.70
CA HIS C 464 20.21 -12.90 -8.61
C HIS C 464 18.79 -13.18 -9.09
N LEU C 465 18.58 -13.18 -10.40
CA LEU C 465 17.23 -13.41 -10.91
C LEU C 465 16.63 -14.77 -10.50
N ASP C 466 17.39 -15.87 -10.62
CA ASP C 466 16.91 -17.22 -10.26
C ASP C 466 16.44 -17.38 -8.80
N VAL C 467 16.98 -16.57 -7.89
CA VAL C 467 16.58 -16.58 -6.46
C VAL C 467 15.07 -16.42 -6.33
N LEU C 468 14.58 -15.39 -7.00
CA LEU C 468 13.19 -15.00 -6.94
C LEU C 468 12.33 -15.54 -8.06
N GLY C 469 12.86 -16.43 -8.90
CA GLY C 469 12.08 -17.01 -10.00
C GLY C 469 11.70 -16.01 -11.10
N ILE C 470 12.55 -15.00 -11.30
CA ILE C 470 12.35 -13.97 -12.32
C ILE C 470 12.75 -14.47 -13.71
N LYS C 471 11.85 -14.29 -14.68
CA LYS C 471 12.10 -14.69 -16.06
C LYS C 471 12.21 -13.41 -16.87
N LEU C 472 13.38 -13.20 -17.44
CA LEU C 472 13.69 -12.03 -18.22
C LEU C 472 13.30 -12.24 -19.67
N THR C 473 12.79 -11.20 -20.30
CA THR C 473 12.42 -11.25 -21.70
C THR C 473 13.65 -10.85 -22.51
N LYS C 474 13.76 -11.41 -23.71
CA LYS C 474 14.88 -11.13 -24.60
C LYS C 474 14.42 -10.36 -25.83
N LEU C 475 15.18 -9.33 -26.17
CA LEU C 475 14.88 -8.51 -27.35
C LEU C 475 15.17 -9.24 -28.65
N THR C 476 14.41 -8.92 -29.69
CA THR C 476 14.68 -9.42 -31.04
C THR C 476 15.65 -8.40 -31.63
N GLU C 477 16.28 -8.71 -32.76
CA GLU C 477 17.21 -7.76 -33.38
C GLU C 477 16.52 -6.48 -33.83
N THR C 478 15.30 -6.58 -34.36
CA THR C 478 14.58 -5.40 -34.83
C THR C 478 14.17 -4.47 -33.65
N GLN C 479 13.87 -5.06 -32.49
CA GLN C 479 13.53 -4.28 -31.29
C GLN C 479 14.77 -3.61 -30.71
N ALA C 480 15.85 -4.37 -30.61
CA ALA C 480 17.13 -3.85 -30.09
C ALA C 480 17.59 -2.65 -30.95
N LYS C 481 17.44 -2.78 -32.26
CA LYS C 481 17.78 -1.70 -33.21
C LYS C 481 16.84 -0.48 -33.01
N TYR C 482 15.55 -0.76 -32.79
CA TYR C 482 14.55 0.28 -32.61
C TYR C 482 14.76 1.09 -31.33
N ILE C 483 15.08 0.43 -30.23
CA ILE C 483 15.32 1.16 -28.98
C ILE C 483 16.81 1.52 -28.81
N ASN C 484 17.63 1.24 -29.84
CA ASN C 484 19.06 1.61 -29.86
C ASN C 484 19.93 1.02 -28.72
N VAL C 485 19.81 -0.28 -28.52
CA VAL C 485 20.62 -0.98 -27.54
C VAL C 485 21.09 -2.30 -28.13
N SER C 486 22.11 -2.85 -27.50
CA SER C 486 22.61 -4.15 -27.83
C SER C 486 21.68 -5.16 -27.12
N ILE C 487 21.45 -6.31 -27.73
CA ILE C 487 20.59 -7.35 -27.14
C ILE C 487 21.05 -7.77 -25.73
N ASN C 488 22.36 -7.77 -25.47
N ASN C 488 22.36 -7.76 -25.52
CA ASN C 488 22.86 -8.14 -24.14
CA ASN C 488 22.94 -8.11 -24.23
C ASN C 488 23.03 -6.91 -23.21
C ASN C 488 23.19 -6.88 -23.34
N GLY C 489 22.59 -5.74 -23.67
CA GLY C 489 22.73 -4.52 -22.88
C GLY C 489 24.10 -3.87 -23.06
N PRO C 490 24.39 -2.77 -22.35
CA PRO C 490 23.46 -2.13 -21.38
C PRO C 490 22.17 -1.62 -22.01
N TYR C 491 21.10 -1.60 -21.23
CA TYR C 491 19.78 -1.24 -21.72
C TYR C 491 19.39 0.21 -21.47
N LYS C 492 20.19 0.93 -20.66
CA LYS C 492 19.89 2.31 -20.29
C LYS C 492 21.10 3.20 -20.47
N SER C 493 20.85 4.46 -20.79
CA SER C 493 21.92 5.45 -20.93
C SER C 493 22.49 5.73 -19.52
N GLU C 494 23.71 6.24 -19.44
CA GLU C 494 24.36 6.47 -18.14
C GLU C 494 23.63 7.38 -17.15
N ASP C 495 22.78 8.28 -17.63
CA ASP C 495 22.06 9.20 -16.70
C ASP C 495 20.69 8.65 -16.26
N TYR C 496 20.34 7.43 -16.67
CA TYR C 496 19.06 6.81 -16.31
C TYR C 496 18.97 6.61 -14.81
N ARG C 497 17.85 7.02 -14.22
CA ARG C 497 17.71 6.99 -12.76
C ARG C 497 16.98 5.79 -12.19
N TYR C 498 16.38 4.95 -13.02
CA TYR C 498 15.66 3.76 -12.53
C TYR C 498 14.63 4.12 -11.46
N SER D 1 -12.48 39.94 -40.26
CA SER D 1 -12.73 38.78 -39.35
C SER D 1 -11.43 38.31 -38.68
N ASN D 2 -11.55 37.75 -37.48
CA ASN D 2 -10.40 37.29 -36.70
C ASN D 2 -9.51 36.29 -37.48
N ALA D 3 -8.21 36.60 -37.60
CA ALA D 3 -7.24 35.75 -38.33
C ALA D 3 -6.97 34.43 -37.61
N TYR D 4 -6.93 34.47 -36.28
CA TYR D 4 -6.75 33.27 -35.47
C TYR D 4 -7.93 32.31 -35.64
N LYS D 5 -9.17 32.83 -35.56
CA LYS D 5 -10.36 31.99 -35.74
C LYS D 5 -10.43 31.41 -37.16
N MET D 6 -10.22 32.26 -38.17
CA MET D 6 -10.25 31.84 -39.58
C MET D 6 -9.14 30.87 -39.96
N GLU D 7 -7.90 31.16 -39.56
CA GLU D 7 -6.77 30.31 -39.95
C GLU D 7 -6.74 28.98 -39.19
N SER D 8 -7.16 28.99 -37.92
CA SER D 8 -7.17 27.75 -37.12
C SER D 8 -8.15 26.71 -37.66
N ARG D 9 -7.83 25.44 -37.40
CA ARG D 9 -8.69 24.32 -37.77
C ARG D 9 -8.85 23.46 -36.54
N ILE D 10 -10.02 23.63 -35.91
CA ILE D 10 -10.41 22.94 -34.68
C ILE D 10 -11.83 22.43 -34.87
N LYS D 11 -12.36 21.71 -33.89
CA LYS D 11 -13.71 21.18 -34.08
C LYS D 11 -14.81 22.17 -33.75
N ASP D 12 -14.69 22.90 -32.64
CA ASP D 12 -15.80 23.78 -32.22
C ASP D 12 -15.39 24.91 -31.28
N ILE D 13 -15.35 26.11 -31.85
CA ILE D 13 -15.03 27.34 -31.14
C ILE D 13 -15.99 27.65 -29.96
N SER D 14 -17.22 27.13 -30.01
CA SER D 14 -18.21 27.41 -28.95
C SER D 14 -17.87 26.77 -27.61
N LEU D 15 -17.00 25.76 -27.61
CA LEU D 15 -16.53 25.08 -26.39
C LEU D 15 -15.50 25.92 -25.61
N ALA D 16 -15.15 27.09 -26.14
CA ALA D 16 -14.11 27.96 -25.55
C ALA D 16 -14.28 28.29 -24.06
N GLU D 17 -15.49 28.66 -23.64
CA GLU D 17 -15.70 28.99 -22.25
C GLU D 17 -15.44 27.84 -21.31
N PHE D 18 -15.79 26.63 -21.71
CA PHE D 18 -15.50 25.47 -20.87
C PHE D 18 -13.99 25.31 -20.75
N GLY D 19 -13.29 25.55 -21.85
CA GLY D 19 -11.83 25.48 -21.87
C GLY D 19 -11.21 26.51 -20.96
N LEU D 20 -11.66 27.76 -21.07
CA LEU D 20 -11.17 28.86 -20.24
C LEU D 20 -11.40 28.62 -18.74
N GLN D 21 -12.58 28.11 -18.38
CA GLN D 21 -12.91 27.77 -17.00
C GLN D 21 -12.02 26.65 -16.46
N ASP D 22 -11.80 25.61 -17.26
CA ASP D 22 -10.91 24.51 -16.85
C ASP D 22 -9.49 25.03 -16.65
N MET D 23 -9.02 25.85 -17.57
CA MET D 23 -7.69 26.44 -17.47
C MET D 23 -7.58 27.20 -16.14
N GLU D 24 -8.59 28.00 -15.77
CA GLU D 24 -8.48 28.74 -14.50
C GLU D 24 -8.42 27.79 -13.31
N ILE D 25 -9.21 26.71 -13.34
CA ILE D 25 -9.18 25.75 -12.24
C ILE D 25 -7.81 25.08 -12.16
N ALA D 26 -7.27 24.65 -13.31
CA ALA D 26 -5.98 23.98 -13.38
C ALA D 26 -4.85 24.85 -12.78
N LYS D 27 -4.87 26.14 -13.08
CA LYS D 27 -3.86 27.10 -12.56
C LYS D 27 -3.68 27.10 -11.03
N THR D 28 -4.67 26.64 -10.29
CA THR D 28 -4.54 26.53 -8.84
C THR D 28 -3.36 25.61 -8.49
N ASP D 29 -3.17 24.56 -9.29
CA ASP D 29 -2.07 23.64 -9.09
C ASP D 29 -0.88 23.87 -10.00
N MET D 30 -1.06 24.59 -11.11
CA MET D 30 0.07 24.79 -12.03
C MET D 30 0.88 25.99 -11.59
N MET D 31 1.36 25.93 -10.34
CA MET D 31 2.12 27.03 -9.77
C MET D 31 3.40 27.39 -10.51
N GLY D 32 4.03 26.42 -11.18
CA GLY D 32 5.23 26.71 -11.93
C GLY D 32 4.92 27.66 -13.08
N LEU D 33 3.86 27.37 -13.82
CA LEU D 33 3.45 28.20 -14.95
C LEU D 33 2.91 29.55 -14.48
N VAL D 34 2.14 29.55 -13.39
CA VAL D 34 1.59 30.78 -12.83
C VAL D 34 2.74 31.74 -12.48
N GLU D 35 3.77 31.22 -11.81
CA GLU D 35 4.94 32.04 -11.44
C GLU D 35 5.73 32.59 -12.62
N LEU D 36 5.97 31.76 -13.65
CA LEU D 36 6.72 32.22 -14.81
C LEU D 36 5.99 33.37 -15.49
N GLN D 37 4.66 33.27 -15.63
CA GLN D 37 3.85 34.37 -16.19
C GLN D 37 4.00 35.62 -15.32
N ARG D 38 3.92 35.47 -14.02
CA ARG D 38 4.00 36.64 -13.11
C ARG D 38 5.37 37.33 -13.21
N LYS D 39 6.41 36.51 -13.23
CA LYS D 39 7.79 37.01 -13.23
C LYS D 39 8.26 37.62 -14.54
N TYR D 40 7.80 37.05 -15.66
CA TYR D 40 8.29 37.47 -16.97
C TYR D 40 7.32 38.13 -17.94
N ARG D 41 6.04 38.27 -17.59
CA ARG D 41 5.08 38.83 -18.56
C ARG D 41 5.34 40.28 -18.95
N ASP D 42 6.10 41.02 -18.13
CA ASP D 42 6.43 42.43 -18.43
C ASP D 42 7.62 42.55 -19.36
N SER D 43 8.73 41.91 -18.99
CA SER D 43 9.96 41.96 -19.79
C SER D 43 9.90 41.06 -21.05
N LYS D 44 8.93 40.14 -21.11
CA LYS D 44 8.71 39.26 -22.26
C LYS D 44 10.00 38.71 -22.89
N PRO D 45 10.68 37.81 -22.17
CA PRO D 45 11.94 37.24 -22.67
C PRO D 45 11.83 36.51 -24.03
N LEU D 46 10.63 36.06 -24.40
CA LEU D 46 10.42 35.37 -25.69
C LEU D 46 9.85 36.26 -26.80
N LYS D 47 9.87 37.58 -26.59
CA LYS D 47 9.35 38.53 -27.59
C LYS D 47 9.92 38.29 -28.98
N GLY D 48 9.05 38.13 -29.97
CA GLY D 48 9.49 37.93 -31.34
C GLY D 48 9.70 36.45 -31.73
N ALA D 49 9.73 35.56 -30.76
CA ALA D 49 9.94 34.16 -31.08
C ALA D 49 8.71 33.54 -31.72
N ARG D 50 8.90 32.79 -32.80
CA ARG D 50 7.83 32.07 -33.45
C ARG D 50 7.98 30.63 -32.97
N ILE D 51 7.06 30.16 -32.14
CA ILE D 51 7.13 28.83 -31.59
C ILE D 51 6.08 27.90 -32.21
N THR D 52 6.54 26.75 -32.69
CA THR D 52 5.64 25.72 -33.20
C THR D 52 5.66 24.56 -32.19
N GLY D 53 4.48 24.14 -31.73
CA GLY D 53 4.35 23.02 -30.81
C GLY D 53 3.62 21.83 -31.45
N SER D 54 4.10 20.63 -31.12
CA SER D 54 3.51 19.36 -31.52
C SER D 54 3.45 18.56 -30.22
N LEU D 55 2.38 18.76 -29.47
CA LEU D 55 2.21 18.13 -28.16
C LEU D 55 0.72 18.10 -27.80
N HIS D 56 0.20 16.90 -27.49
CA HIS D 56 -1.23 16.67 -27.11
C HIS D 56 -1.86 17.97 -26.59
N LEU D 57 -2.83 18.52 -27.31
CA LEU D 57 -3.41 19.80 -26.89
C LEU D 57 -4.52 19.60 -25.86
N THR D 58 -4.11 19.59 -24.60
CA THR D 58 -4.99 19.40 -23.47
C THR D 58 -5.11 20.73 -22.72
N ILE D 59 -5.95 20.75 -21.67
CA ILE D 59 -6.09 21.94 -20.84
C ILE D 59 -4.73 22.28 -20.26
N GLU D 60 -4.01 21.27 -19.82
CA GLU D 60 -2.70 21.53 -19.25
C GLU D 60 -1.80 22.20 -20.30
N THR D 61 -1.84 21.70 -21.54
CA THR D 61 -1.07 22.29 -22.65
C THR D 61 -1.53 23.71 -22.96
N SER D 62 -2.83 23.97 -22.89
CA SER D 62 -3.31 25.32 -23.13
C SER D 62 -2.67 26.32 -22.14
N VAL D 63 -2.42 25.90 -20.91
CA VAL D 63 -1.78 26.78 -19.92
C VAL D 63 -0.31 26.98 -20.31
N LEU D 64 0.33 25.94 -20.84
CA LEU D 64 1.71 26.07 -21.32
C LEU D 64 1.78 27.13 -22.43
N VAL D 65 0.87 27.02 -23.40
CA VAL D 65 0.81 27.92 -24.54
C VAL D 65 0.57 29.36 -24.06
N GLU D 66 -0.39 29.51 -23.15
CA GLU D 66 -0.70 30.79 -22.54
C GLU D 66 0.57 31.38 -21.89
N THR D 67 1.38 30.51 -21.27
CA THR D 67 2.62 30.95 -20.62
C THR D 67 3.63 31.44 -21.67
N LEU D 68 3.83 30.69 -22.74
CA LEU D 68 4.74 31.13 -23.80
C LEU D 68 4.23 32.46 -24.37
N TYR D 69 2.93 32.52 -24.60
CA TYR D 69 2.27 33.71 -25.14
C TYR D 69 2.47 34.95 -24.24
N GLU D 70 2.25 34.78 -22.94
CA GLU D 70 2.46 35.90 -21.99
C GLU D 70 3.93 36.32 -21.96
N LEU D 71 4.84 35.41 -22.29
CA LEU D 71 6.25 35.75 -22.34
C LEU D 71 6.72 36.39 -23.67
N GLY D 72 5.78 36.71 -24.57
CA GLY D 72 6.11 37.41 -25.81
C GLY D 72 6.13 36.61 -27.13
N ALA D 73 6.01 35.30 -27.07
CA ALA D 73 6.04 34.47 -28.30
C ALA D 73 4.73 34.44 -29.08
N GLU D 74 4.87 34.31 -30.41
CA GLU D 74 3.77 34.08 -31.33
C GLU D 74 3.79 32.56 -31.36
N ILE D 75 2.62 31.94 -31.50
CA ILE D 75 2.54 30.50 -31.41
C ILE D 75 1.56 29.81 -32.38
N ARG D 76 1.94 28.63 -32.85
CA ARG D 76 1.03 27.77 -33.59
C ARG D 76 1.22 26.36 -33.12
N TRP D 77 0.10 25.63 -33.03
CA TRP D 77 0.12 24.35 -32.36
C TRP D 77 -0.70 23.24 -33.00
N CYS D 78 -0.25 22.00 -32.75
CA CYS D 78 -0.95 20.81 -33.17
C CYS D 78 -0.71 19.77 -32.09
N SER D 79 -1.55 18.74 -32.03
CA SER D 79 -1.32 17.66 -31.06
C SER D 79 -0.39 16.62 -31.70
N CYS D 80 0.20 15.78 -30.85
CA CYS D 80 1.11 14.70 -31.31
C CYS D 80 0.44 13.32 -31.28
N ASN D 81 -0.88 13.33 -31.25
CA ASN D 81 -1.65 12.10 -31.33
C ASN D 81 -3.02 12.44 -31.88
N ILE D 82 -3.54 11.56 -32.72
CA ILE D 82 -4.86 11.77 -33.33
C ILE D 82 -6.03 11.76 -32.38
N TYR D 83 -5.88 11.20 -31.18
CA TYR D 83 -6.97 11.14 -30.20
C TYR D 83 -6.80 11.97 -28.94
N SER D 84 -5.63 12.56 -28.72
CA SER D 84 -5.37 13.25 -27.45
C SER D 84 -5.86 14.69 -27.26
N THR D 85 -6.23 15.33 -28.36
CA THR D 85 -6.71 16.70 -28.31
C THR D 85 -8.01 16.80 -27.52
N GLN D 86 -8.08 17.81 -26.66
CA GLN D 86 -9.28 18.14 -25.91
C GLN D 86 -9.78 19.40 -26.62
N ASP D 87 -10.87 19.22 -27.37
CA ASP D 87 -11.48 20.27 -28.20
C ASP D 87 -11.80 21.59 -27.43
N HIS D 88 -12.16 21.49 -26.16
CA HIS D 88 -12.46 22.70 -25.40
C HIS D 88 -11.18 23.49 -25.07
N ALA D 89 -10.08 22.75 -24.96
CA ALA D 89 -8.77 23.33 -24.69
C ALA D 89 -8.28 24.06 -25.93
N ALA D 90 -8.49 23.43 -27.09
CA ALA D 90 -8.11 24.01 -28.37
C ALA D 90 -8.94 25.26 -28.64
N ALA D 91 -10.23 25.19 -28.39
CA ALA D 91 -11.14 26.32 -28.61
C ALA D 91 -10.76 27.53 -27.77
N ALA D 92 -10.35 27.28 -26.54
CA ALA D 92 -9.95 28.34 -25.60
C ALA D 92 -8.78 29.16 -26.13
N LEU D 93 -7.79 28.48 -26.72
CA LEU D 93 -6.62 29.17 -27.27
C LEU D 93 -6.98 30.01 -28.50
N VAL D 94 -7.86 29.48 -29.35
CA VAL D 94 -8.28 30.19 -30.55
C VAL D 94 -9.16 31.43 -30.21
N LYS D 95 -10.10 31.27 -29.29
CA LYS D 95 -10.99 32.37 -28.92
C LYS D 95 -10.21 33.55 -28.32
N LYS D 96 -9.24 33.27 -27.46
CA LYS D 96 -8.42 34.35 -26.87
C LYS D 96 -7.29 34.85 -27.77
N ASN D 97 -7.10 34.24 -28.95
CA ASN D 97 -6.03 34.64 -29.88
C ASN D 97 -4.65 34.45 -29.27
N ILE D 98 -4.50 33.37 -28.50
CA ILE D 98 -3.24 33.02 -27.85
C ILE D 98 -2.38 32.27 -28.86
N ALA D 99 -3.02 31.52 -29.76
CA ALA D 99 -2.29 30.74 -30.75
C ALA D 99 -3.17 30.30 -31.92
N THR D 100 -2.53 30.05 -33.05
CA THR D 100 -3.18 29.50 -34.22
C THR D 100 -3.08 27.99 -34.02
N VAL D 101 -4.22 27.31 -34.01
CA VAL D 101 -4.28 25.90 -33.69
C VAL D 101 -4.76 25.02 -34.86
N PHE D 102 -4.14 23.84 -34.98
CA PHE D 102 -4.51 22.84 -35.99
C PHE D 102 -4.58 21.53 -35.23
N ALA D 103 -5.74 21.26 -34.61
CA ALA D 103 -5.92 20.08 -33.80
C ALA D 103 -7.36 19.84 -33.38
N TRP D 104 -7.78 18.58 -33.44
CA TRP D 104 -9.11 18.15 -32.99
C TRP D 104 -9.04 16.70 -32.58
N LYS D 105 -10.01 16.28 -31.78
CA LYS D 105 -10.05 14.91 -31.32
C LYS D 105 -10.50 14.05 -32.50
N ASN D 106 -9.94 12.86 -32.63
CA ASN D 106 -10.29 11.90 -33.71
C ASN D 106 -9.93 12.39 -35.10
N GLU D 107 -8.67 12.75 -35.30
CA GLU D 107 -8.17 13.14 -36.62
C GLU D 107 -7.85 11.87 -37.38
N THR D 108 -7.80 11.95 -38.70
CA THR D 108 -7.32 10.80 -39.47
C THR D 108 -5.80 10.98 -39.52
N ILE D 109 -5.09 9.92 -39.91
CA ILE D 109 -3.64 10.01 -40.02
C ILE D 109 -3.21 11.02 -41.10
N GLU D 110 -4.01 11.16 -42.15
CA GLU D 110 -3.70 12.16 -43.18
C GLU D 110 -3.74 13.55 -42.54
N ASP D 111 -4.87 13.87 -41.90
CA ASP D 111 -5.09 15.15 -41.22
C ASP D 111 -4.00 15.46 -40.19
N TYR D 112 -3.55 14.42 -39.48
CA TYR D 112 -2.51 14.59 -38.48
C TYR D 112 -1.28 15.25 -39.10
N TRP D 113 -0.78 14.67 -40.20
CA TRP D 113 0.40 15.21 -40.89
C TRP D 113 0.17 16.55 -41.58
N VAL D 114 -1.06 16.84 -42.01
CA VAL D 114 -1.37 18.15 -42.62
C VAL D 114 -1.39 19.23 -41.51
N CYS D 115 -1.89 18.89 -40.32
CA CYS D 115 -1.91 19.81 -39.20
C CYS D 115 -0.51 20.15 -38.74
N LEU D 116 0.36 19.15 -38.68
CA LEU D 116 1.75 19.39 -38.26
C LEU D 116 2.43 20.30 -39.26
N ASN D 117 2.35 19.95 -40.53
CA ASN D 117 2.98 20.77 -41.55
C ASN D 117 2.50 22.25 -41.48
N ASP D 118 1.19 22.43 -41.31
CA ASP D 118 0.61 23.77 -41.17
C ASP D 118 1.09 24.48 -39.90
N ALA D 119 1.32 23.73 -38.83
CA ALA D 119 1.82 24.32 -37.59
C ALA D 119 3.26 24.82 -37.80
N MET D 120 4.00 24.14 -38.67
CA MET D 120 5.39 24.49 -39.01
C MET D 120 5.52 25.62 -40.04
N THR D 121 4.39 25.99 -40.66
CA THR D 121 4.37 27.02 -41.71
C THR D 121 3.99 28.38 -41.15
N TRP D 122 4.88 29.35 -41.29
CA TRP D 122 4.65 30.70 -40.83
C TRP D 122 4.71 31.71 -41.96
N ARG D 123 4.17 32.89 -41.72
CA ARG D 123 4.24 33.97 -42.69
C ARG D 123 4.81 35.15 -41.96
N ASN D 124 5.61 35.92 -42.67
CA ASN D 124 6.28 37.09 -42.13
C ASN D 124 5.57 38.34 -42.63
N PRO D 125 4.82 39.05 -41.75
CA PRO D 125 4.12 40.27 -42.20
C PRO D 125 5.03 41.41 -42.68
N ASN D 126 6.31 41.36 -42.30
CA ASN D 126 7.31 42.38 -42.71
C ASN D 126 8.01 42.02 -44.02
N ASP D 127 7.67 40.87 -44.61
CA ASP D 127 8.25 40.43 -45.87
C ASP D 127 7.11 39.98 -46.80
N LYS D 128 6.10 40.85 -46.93
CA LYS D 128 4.93 40.59 -47.80
C LYS D 128 4.27 39.23 -47.54
N ASP D 129 4.10 38.89 -46.27
CA ASP D 129 3.49 37.64 -45.83
C ASP D 129 3.98 36.41 -46.61
N LYS D 130 5.30 36.29 -46.72
CA LYS D 130 5.94 35.16 -47.41
C LYS D 130 6.31 34.07 -46.40
N ILE D 131 6.37 32.85 -46.91
CA ILE D 131 6.58 31.66 -46.08
C ILE D 131 7.92 31.62 -45.37
N CYS D 132 7.89 31.13 -44.13
CA CYS D 132 9.08 30.92 -43.32
C CYS D 132 8.75 29.84 -42.28
N GLY D 133 9.72 29.50 -41.43
CA GLY D 133 9.51 28.49 -40.40
C GLY D 133 9.53 29.07 -38.99
N PRO D 134 9.45 28.21 -37.98
CA PRO D 134 9.49 28.67 -36.62
C PRO D 134 10.92 28.93 -36.17
N ASN D 135 11.04 29.63 -35.05
CA ASN D 135 12.34 29.87 -34.43
C ASN D 135 12.62 28.77 -33.41
N LEU D 136 11.55 28.25 -32.80
CA LEU D 136 11.66 27.26 -31.75
C LEU D 136 10.58 26.22 -31.87
N ILE D 137 10.89 25.00 -31.46
CA ILE D 137 9.93 23.91 -31.53
C ILE D 137 9.71 23.26 -30.18
N VAL D 138 8.43 23.03 -29.83
CA VAL D 138 8.10 22.24 -28.63
C VAL D 138 7.63 20.92 -29.24
N ASP D 139 8.29 19.82 -28.90
CA ASP D 139 7.96 18.53 -29.51
C ASP D 139 7.73 17.48 -28.42
N ASP D 140 6.83 16.54 -28.73
CA ASP D 140 6.47 15.44 -27.84
C ASP D 140 6.37 14.19 -28.72
N GLY D 141 7.44 13.41 -28.73
CA GLY D 141 7.51 12.20 -29.54
C GLY D 141 8.39 12.34 -30.77
N GLY D 142 8.81 13.56 -31.04
CA GLY D 142 9.73 13.85 -32.14
C GLY D 142 9.16 13.96 -33.55
N ASP D 143 7.84 14.01 -33.71
CA ASP D 143 7.27 14.13 -35.08
C ASP D 143 7.57 15.46 -35.79
N ALA D 144 7.62 16.57 -35.03
CA ALA D 144 7.94 17.89 -35.63
C ALA D 144 9.38 17.84 -36.09
N THR D 145 10.21 17.26 -35.23
CA THR D 145 11.62 17.09 -35.50
C THR D 145 11.83 16.11 -36.68
N LEU D 146 11.00 15.07 -36.78
CA LEU D 146 11.11 14.07 -37.85
C LEU D 146 10.86 14.70 -39.24
N ILE D 147 9.72 15.38 -39.38
CA ILE D 147 9.35 15.97 -40.66
C ILE D 147 10.39 16.99 -41.13
N LEU D 148 10.99 17.71 -40.18
CA LEU D 148 12.03 18.67 -40.51
C LEU D 148 13.20 17.95 -41.15
N HIS D 149 13.74 16.97 -40.43
CA HIS D 149 14.89 16.20 -40.90
C HIS D 149 14.62 15.40 -42.17
N GLU D 150 13.46 14.77 -42.26
CA GLU D 150 13.07 14.03 -43.46
C GLU D 150 12.81 15.01 -44.57
N GLY D 151 12.42 16.22 -44.20
CA GLY D 151 12.17 17.30 -45.15
C GLY D 151 13.47 17.74 -45.79
N VAL D 152 14.52 17.89 -44.98
CA VAL D 152 15.85 18.26 -45.46
C VAL D 152 16.41 17.13 -46.35
N LYS D 153 16.31 15.87 -45.91
CA LYS D 153 16.76 14.73 -46.75
C LYS D 153 16.08 14.74 -48.11
N ALA D 154 14.76 14.90 -48.09
CA ALA D 154 13.94 14.93 -49.32
C ALA D 154 14.43 15.97 -50.32
N GLU D 155 14.67 17.18 -49.82
CA GLU D 155 15.16 18.28 -50.65
C GLU D 155 16.56 18.03 -51.21
N ILE D 156 17.43 17.40 -50.43
CA ILE D 156 18.78 17.09 -50.88
C ILE D 156 18.74 16.05 -52.03
N GLU D 157 17.81 15.08 -51.95
CA GLU D 157 17.65 14.07 -53.00
C GLU D 157 17.05 14.69 -54.23
N TYR D 158 15.99 15.48 -54.03
CA TYR D 158 15.31 16.18 -55.11
C TYR D 158 16.26 17.03 -55.96
N GLU D 159 17.20 17.71 -55.30
CA GLU D 159 18.15 18.60 -55.94
C GLU D 159 19.20 17.88 -56.79
N LYS D 160 19.58 16.67 -56.40
CA LYS D 160 20.56 15.92 -57.19
C LYS D 160 20.11 15.73 -58.63
N TYR D 161 18.89 15.21 -58.79
CA TYR D 161 18.35 14.91 -60.13
C TYR D 161 17.19 15.82 -60.57
N ASN D 162 16.96 16.90 -59.80
CA ASN D 162 15.90 17.88 -60.08
C ASN D 162 14.53 17.20 -60.30
N LYS D 163 14.19 16.28 -59.41
CA LYS D 163 12.91 15.59 -59.46
C LYS D 163 12.58 14.96 -58.12
N ILE D 164 11.32 14.65 -57.93
CA ILE D 164 10.81 14.00 -56.72
C ILE D 164 11.50 12.63 -56.54
N PRO D 165 12.15 12.38 -55.39
CA PRO D 165 12.78 11.06 -55.18
C PRO D 165 11.71 9.98 -55.14
N GLU D 166 12.02 8.82 -55.71
CA GLU D 166 11.00 7.75 -55.80
C GLU D 166 10.60 7.08 -54.48
N TYR D 167 11.38 7.21 -53.42
CA TYR D 167 10.98 6.60 -52.14
C TYR D 167 9.72 7.31 -51.55
N LEU D 168 9.44 8.53 -52.01
CA LEU D 168 8.26 9.30 -51.57
C LEU D 168 6.99 8.86 -52.31
N GLU D 169 7.13 8.51 -53.58
CA GLU D 169 5.99 8.10 -54.42
C GLU D 169 5.56 6.64 -54.29
N THR D 170 6.28 5.83 -53.50
CA THR D 170 5.97 4.40 -53.37
C THR D 170 5.33 4.06 -52.01
N GLU D 171 4.34 3.16 -52.06
CA GLU D 171 3.60 2.71 -50.88
C GLU D 171 4.32 1.61 -50.09
N LEU D 172 5.50 1.19 -50.56
CA LEU D 172 6.29 0.13 -49.92
C LEU D 172 7.62 0.69 -49.45
N ASP D 173 8.23 -0.01 -48.49
CA ASP D 173 9.52 0.43 -47.92
C ASP D 173 10.68 -0.19 -48.71
N GLU D 174 11.88 -0.08 -48.15
CA GLU D 174 13.11 -0.63 -48.74
C GLU D 174 13.10 -2.17 -48.83
N ASN D 175 12.34 -2.82 -47.95
CA ASN D 175 12.24 -4.30 -47.90
C ASN D 175 10.99 -4.88 -48.60
N GLY D 176 10.26 -4.05 -49.36
CA GLY D 176 9.05 -4.51 -50.05
C GLY D 176 7.82 -4.71 -49.15
N LYS D 177 7.93 -4.27 -47.90
CA LYS D 177 6.86 -4.37 -46.91
C LYS D 177 5.97 -3.13 -47.07
N GLN D 178 4.70 -3.25 -46.69
CA GLN D 178 3.77 -2.13 -46.78
C GLN D 178 4.13 -1.07 -45.72
N LEU D 179 4.41 0.16 -46.16
CA LEU D 179 4.76 1.27 -45.24
C LEU D 179 3.68 1.56 -44.22
N SER D 180 4.08 2.11 -43.06
CA SER D 180 3.11 2.49 -42.03
C SER D 180 2.33 3.64 -42.61
N MET D 181 1.13 3.86 -42.10
CA MET D 181 0.29 4.93 -42.60
C MET D 181 0.92 6.28 -42.27
N ASP D 182 1.58 6.37 -41.12
CA ASP D 182 2.23 7.64 -40.74
C ASP D 182 3.32 8.04 -41.76
N LEU D 183 4.12 7.08 -42.22
CA LEU D 183 5.15 7.37 -43.23
C LEU D 183 4.52 7.74 -44.56
N LYS D 184 3.47 7.03 -44.96
CA LYS D 184 2.80 7.35 -46.21
C LYS D 184 2.25 8.76 -46.18
N CYS D 185 1.56 9.11 -45.10
CA CYS D 185 0.98 10.45 -44.99
C CYS D 185 2.03 11.54 -44.86
N MET D 186 3.15 11.24 -44.20
CA MET D 186 4.24 12.21 -44.08
C MET D 186 4.90 12.42 -45.46
N TYR D 187 5.17 11.34 -46.19
CA TYR D 187 5.77 11.45 -47.54
C TYR D 187 4.87 12.23 -48.49
N LYS D 188 3.56 12.07 -48.32
CA LYS D 188 2.57 12.76 -49.13
C LYS D 188 2.70 14.27 -48.92
N VAL D 189 2.93 14.67 -47.68
CA VAL D 189 3.12 16.08 -47.32
C VAL D 189 4.45 16.57 -47.87
N LEU D 190 5.49 15.74 -47.70
CA LEU D 190 6.83 16.10 -48.19
C LEU D 190 6.86 16.28 -49.70
N LYS D 191 6.14 15.40 -50.41
CA LYS D 191 6.08 15.51 -51.88
C LYS D 191 5.44 16.83 -52.29
N MET D 192 4.29 17.12 -51.67
N MET D 192 4.28 17.14 -51.71
CA MET D 192 3.53 18.36 -51.92
CA MET D 192 3.58 18.39 -52.04
C MET D 192 4.35 19.62 -51.62
C MET D 192 4.42 19.62 -51.68
N GLU D 193 5.15 19.58 -50.56
CA GLU D 193 6.01 20.71 -50.18
C GLU D 193 7.22 20.87 -51.13
N LEU D 194 7.72 19.76 -51.68
CA LEU D 194 8.80 19.85 -52.68
C LEU D 194 8.31 20.59 -53.93
N LEU D 195 7.03 20.43 -54.27
CA LEU D 195 6.42 21.11 -55.42
C LEU D 195 6.13 22.57 -55.11
N LYS D 196 5.73 22.89 -53.87
CA LYS D 196 5.50 24.30 -53.50
C LYS D 196 6.83 25.03 -53.50
N ASN D 197 7.82 24.46 -52.81
CA ASN D 197 9.14 25.08 -52.69
C ASN D 197 10.16 24.06 -52.20
N PRO D 198 11.12 23.69 -53.07
CA PRO D 198 12.12 22.70 -52.70
C PRO D 198 13.25 23.20 -51.79
N PHE D 199 13.14 24.46 -51.32
CA PHE D 199 14.15 24.99 -50.38
C PHE D 199 13.46 25.42 -49.07
N ARG D 200 12.25 24.90 -48.86
CA ARG D 200 11.46 25.18 -47.66
C ARG D 200 12.12 24.72 -46.35
N TRP D 201 12.45 23.43 -46.30
CA TRP D 201 13.02 22.86 -45.07
C TRP D 201 14.41 23.39 -44.75
N ARG D 202 15.28 23.42 -45.76
CA ARG D 202 16.63 23.96 -45.56
C ARG D 202 16.59 25.45 -45.26
N GLY D 203 15.54 26.12 -45.75
CA GLY D 203 15.36 27.53 -45.51
C GLY D 203 15.00 27.82 -44.06
N MET D 204 14.32 26.89 -43.39
CA MET D 204 13.95 27.06 -41.99
C MET D 204 15.16 27.03 -41.06
N LEU D 205 16.14 26.19 -41.41
CA LEU D 205 17.34 26.00 -40.58
C LEU D 205 18.03 27.30 -40.16
N LYS D 206 18.04 28.29 -41.04
CA LYS D 206 18.64 29.60 -40.73
C LYS D 206 18.08 30.20 -39.44
N ASP D 207 16.75 30.16 -39.30
CA ASP D 207 16.05 30.78 -38.17
C ASP D 207 15.67 29.84 -37.02
N LEU D 208 15.95 28.54 -37.13
CA LEU D 208 15.65 27.60 -36.04
C LEU D 208 16.75 27.59 -35.00
N TYR D 209 16.38 27.85 -33.77
CA TYR D 209 17.34 27.91 -32.68
C TYR D 209 17.30 26.71 -31.76
N GLY D 210 16.33 25.82 -31.95
CA GLY D 210 16.27 24.61 -31.15
C GLY D 210 14.92 23.97 -31.01
N VAL D 211 14.93 22.79 -30.40
CA VAL D 211 13.73 22.03 -30.10
C VAL D 211 13.86 21.51 -28.67
N SER D 212 12.76 21.54 -27.92
CA SER D 212 12.73 21.00 -26.57
C SER D 212 11.75 19.81 -26.59
N GLU D 213 12.28 18.63 -26.26
CA GLU D 213 11.55 17.35 -26.35
C GLU D 213 11.04 16.84 -25.04
N GLU D 214 9.73 16.63 -25.01
CA GLU D 214 8.97 16.22 -23.83
C GLU D 214 9.11 14.76 -23.35
N THR D 215 9.23 13.78 -24.25
CA THR D 215 9.14 12.36 -23.81
C THR D 215 10.24 11.40 -24.23
N THR D 216 10.32 10.31 -23.48
CA THR D 216 11.31 9.26 -23.66
C THR D 216 11.51 8.83 -25.13
N THR D 217 10.41 8.58 -25.84
CA THR D 217 10.44 8.16 -27.24
C THR D 217 11.03 9.22 -28.15
N GLY D 218 10.66 10.49 -27.94
CA GLY D 218 11.22 11.58 -28.74
C GLY D 218 12.72 11.78 -28.45
N VAL D 219 13.12 11.52 -27.20
CA VAL D 219 14.52 11.68 -26.81
C VAL D 219 15.34 10.57 -27.48
N LEU D 220 14.81 9.37 -27.53
CA LEU D 220 15.50 8.28 -28.18
C LEU D 220 15.80 8.63 -29.63
N ARG D 221 14.80 9.15 -30.33
CA ARG D 221 14.97 9.58 -31.69
C ARG D 221 16.07 10.65 -31.80
N LEU D 222 16.14 11.59 -30.85
CA LEU D 222 17.19 12.61 -30.86
C LEU D 222 18.59 12.01 -30.69
N LYS D 223 18.74 11.13 -29.70
CA LYS D 223 20.04 10.48 -29.45
C LYS D 223 20.52 9.66 -30.65
N ILE D 224 19.60 9.03 -31.37
CA ILE D 224 19.95 8.27 -32.57
C ILE D 224 20.50 9.24 -33.63
N MET D 225 19.84 10.39 -33.79
CA MET D 225 20.29 11.40 -34.75
C MET D 225 21.67 11.93 -34.34
N GLU D 226 21.83 12.24 -33.06
CA GLU D 226 23.09 12.79 -32.55
C GLU D 226 24.28 11.83 -32.74
N SER D 227 24.10 10.55 -32.44
CA SER D 227 25.17 9.56 -32.57
C SER D 227 25.55 9.28 -34.04
N GLU D 228 24.64 9.59 -34.96
CA GLU D 228 24.89 9.45 -36.41
C GLU D 228 25.41 10.76 -37.03
N GLY D 229 25.50 11.81 -36.21
CA GLY D 229 25.98 13.12 -36.65
C GLY D 229 25.00 13.81 -37.59
N LYS D 230 23.71 13.54 -37.42
CA LYS D 230 22.67 14.07 -38.30
C LYS D 230 21.66 15.04 -37.66
N LEU D 231 21.89 15.43 -36.42
CA LEU D 231 20.99 16.36 -35.75
C LEU D 231 21.29 17.71 -36.36
N LEU D 232 20.27 18.36 -36.89
CA LEU D 232 20.43 19.63 -37.60
C LEU D 232 20.22 20.88 -36.76
N LEU D 233 19.87 20.74 -35.49
CA LEU D 233 19.67 21.93 -34.64
C LEU D 233 19.85 21.58 -33.17
N PRO D 234 20.06 22.58 -32.30
CA PRO D 234 20.22 22.29 -30.89
C PRO D 234 18.95 21.68 -30.28
N ALA D 235 19.11 20.84 -29.28
CA ALA D 235 17.96 20.23 -28.64
C ALA D 235 18.14 20.21 -27.15
N ILE D 236 17.04 20.40 -26.43
CA ILE D 236 17.01 20.26 -25.00
C ILE D 236 16.11 19.07 -24.68
N ASN D 237 16.67 18.15 -23.90
CA ASN D 237 15.98 16.98 -23.45
C ASN D 237 15.24 17.30 -22.15
N VAL D 238 13.93 17.52 -22.22
CA VAL D 238 13.09 17.86 -21.06
C VAL D 238 12.63 16.63 -20.30
N ASN D 239 12.47 15.51 -21.01
CA ASN D 239 12.04 14.27 -20.38
C ASN D 239 12.95 13.88 -19.21
N ASP D 240 14.26 13.98 -19.39
CA ASP D 240 15.18 13.53 -18.35
C ASP D 240 15.47 14.53 -17.22
N SER D 241 14.74 15.64 -17.18
CA SER D 241 14.85 16.49 -15.99
C SER D 241 14.27 15.58 -14.90
N VAL D 242 14.78 15.70 -13.69
CA VAL D 242 14.27 14.92 -12.60
C VAL D 242 12.80 15.28 -12.36
N THR D 243 12.49 16.59 -12.40
CA THR D 243 11.12 17.05 -12.17
C THR D 243 10.17 16.71 -13.33
N LYS D 244 10.68 16.03 -14.33
CA LYS D 244 9.82 15.54 -15.40
C LYS D 244 9.72 14.02 -15.25
N SER D 245 10.81 13.31 -15.57
CA SER D 245 10.80 11.81 -15.59
C SER D 245 10.39 11.12 -14.29
N LYS D 246 10.78 11.65 -13.15
CA LYS D 246 10.43 11.05 -11.86
C LYS D 246 9.06 11.43 -11.35
N PHE D 247 8.34 12.28 -12.10
CA PHE D 247 7.01 12.72 -11.66
C PHE D 247 5.93 12.47 -12.70
N ASP D 248 6.02 13.13 -13.83
CA ASP D 248 5.08 12.94 -14.93
C ASP D 248 5.01 11.46 -15.35
N ASN D 249 6.14 10.87 -15.71
CA ASN D 249 6.13 9.48 -16.19
C ASN D 249 5.59 8.46 -15.19
N THR D 250 5.93 8.66 -13.91
CA THR D 250 5.52 7.73 -12.87
C THR D 250 4.19 8.10 -12.20
N TYR D 251 4.17 9.22 -11.47
CA TYR D 251 2.95 9.60 -10.75
C TYR D 251 1.81 10.06 -11.67
N GLY D 252 2.16 10.63 -12.81
CA GLY D 252 1.15 11.06 -13.77
C GLY D 252 0.41 9.84 -14.25
N CYS D 253 1.14 8.82 -14.71
CA CYS D 253 0.52 7.58 -15.17
C CYS D 253 -0.24 6.83 -14.08
N ARG D 254 0.25 6.90 -12.85
CA ARG D 254 -0.41 6.20 -11.74
C ARG D 254 -1.91 6.57 -11.70
N GLN D 255 -2.19 7.85 -11.94
CA GLN D 255 -3.55 8.32 -11.96
C GLN D 255 -4.17 8.20 -13.35
N SER D 256 -3.47 8.69 -14.37
CA SER D 256 -4.09 8.77 -15.70
C SER D 256 -4.24 7.43 -16.41
N LEU D 257 -3.45 6.42 -16.03
CA LEU D 257 -3.64 5.10 -16.58
C LEU D 257 -4.98 4.57 -16.10
N LEU D 258 -5.21 4.70 -14.79
CA LEU D 258 -6.44 4.22 -14.20
C LEU D 258 -7.66 4.88 -14.81
N HIS D 259 -7.59 6.20 -15.00
CA HIS D 259 -8.69 6.95 -15.60
C HIS D 259 -9.01 6.42 -16.99
N GLY D 260 -7.98 6.21 -17.82
CA GLY D 260 -8.16 5.65 -19.17
C GLY D 260 -8.78 4.27 -19.12
N LEU D 261 -8.24 3.42 -18.25
CA LEU D 261 -8.78 2.08 -18.08
C LEU D 261 -10.20 2.07 -17.58
N PHE D 262 -10.50 2.92 -16.58
CA PHE D 262 -11.86 2.95 -16.06
C PHE D 262 -12.90 3.34 -17.12
N ASN D 263 -12.52 4.24 -18.03
CA ASN D 263 -13.41 4.71 -19.08
C ASN D 263 -13.60 3.67 -20.18
N GLY D 264 -12.55 2.96 -20.55
CA GLY D 264 -12.61 1.97 -21.61
C GLY D 264 -12.97 0.54 -21.22
N CYS D 265 -12.52 0.11 -20.05
CA CYS D 265 -12.76 -1.23 -19.56
C CYS D 265 -13.76 -1.15 -18.41
N ILE D 266 -14.97 -1.63 -18.67
CA ILE D 266 -16.03 -1.61 -17.70
C ILE D 266 -15.80 -2.53 -16.49
N GLN D 267 -14.96 -3.57 -16.63
CA GLN D 267 -14.75 -4.55 -15.56
C GLN D 267 -13.93 -4.07 -14.38
N MET D 268 -14.16 -4.72 -13.24
CA MET D 268 -13.46 -4.42 -12.01
C MET D 268 -11.99 -4.85 -12.12
N LEU D 269 -11.09 -3.97 -11.70
CA LEU D 269 -9.67 -4.30 -11.76
C LEU D 269 -9.23 -5.21 -10.63
N ALA D 270 -9.88 -5.07 -9.48
CA ALA D 270 -9.56 -5.87 -8.30
C ALA D 270 -9.57 -7.34 -8.60
N GLY D 271 -8.48 -8.01 -8.23
CA GLY D 271 -8.33 -9.45 -8.39
C GLY D 271 -7.86 -9.92 -9.75
N LYS D 272 -7.90 -9.05 -10.75
CA LYS D 272 -7.48 -9.42 -12.10
C LYS D 272 -5.98 -9.54 -12.23
N LYS D 273 -5.55 -10.47 -13.06
CA LYS D 273 -4.14 -10.62 -13.38
C LYS D 273 -3.91 -9.61 -14.50
N ILE D 274 -3.15 -8.56 -14.18
CA ILE D 274 -2.88 -7.51 -15.15
C ILE D 274 -1.40 -7.49 -15.48
N VAL D 275 -1.07 -7.65 -16.75
CA VAL D 275 0.32 -7.65 -17.15
C VAL D 275 0.76 -6.25 -17.54
N VAL D 276 1.88 -5.83 -16.98
CA VAL D 276 2.46 -4.55 -17.30
C VAL D 276 3.76 -4.82 -18.00
N LEU D 277 3.78 -4.59 -19.30
CA LEU D 277 4.96 -4.86 -20.08
C LEU D 277 5.86 -3.62 -20.04
N GLY D 278 6.98 -3.75 -19.33
CA GLY D 278 7.96 -2.69 -19.14
C GLY D 278 7.79 -2.11 -17.73
N TYR D 279 8.90 -2.04 -17.00
CA TYR D 279 8.87 -1.54 -15.64
C TYR D 279 9.89 -0.41 -15.49
N GLY D 280 9.79 0.54 -16.40
CA GLY D 280 10.62 1.73 -16.38
C GLY D 280 9.89 2.77 -15.56
N GLU D 281 10.11 4.04 -15.86
CA GLU D 281 9.45 5.12 -15.08
C GLU D 281 7.92 5.05 -15.22
N VAL D 282 7.43 4.81 -16.43
CA VAL D 282 5.99 4.71 -16.68
C VAL D 282 5.41 3.43 -16.07
N GLY D 283 6.02 2.30 -16.39
CA GLY D 283 5.56 1.03 -15.82
C GLY D 283 5.50 1.02 -14.30
N LYS D 284 6.50 1.61 -13.65
CA LYS D 284 6.51 1.69 -12.18
C LYS D 284 5.24 2.35 -11.64
N GLY D 285 4.80 3.40 -12.32
CA GLY D 285 3.60 4.14 -11.94
C GLY D 285 2.33 3.39 -12.23
N CYS D 286 2.29 2.77 -13.40
CA CYS D 286 1.14 1.98 -13.79
C CYS D 286 0.92 0.90 -12.76
N ALA D 287 1.99 0.18 -12.43
CA ALA D 287 1.91 -0.91 -11.45
C ALA D 287 1.43 -0.47 -10.09
N GLN D 288 1.92 0.67 -9.63
CA GLN D 288 1.55 1.17 -8.33
C GLN D 288 0.06 1.48 -8.31
N GLY D 289 -0.43 2.16 -9.34
CA GLY D 289 -1.84 2.47 -9.42
C GLY D 289 -2.72 1.25 -9.50
N LEU D 290 -2.37 0.33 -10.40
CA LEU D 290 -3.15 -0.90 -10.58
C LEU D 290 -3.33 -1.69 -9.29
N SER D 291 -2.23 -1.88 -8.56
CA SER D 291 -2.31 -2.62 -7.30
C SER D 291 -2.96 -1.79 -6.22
N GLY D 292 -3.01 -0.46 -6.40
CA GLY D 292 -3.71 0.40 -5.45
C GLY D 292 -5.21 0.11 -5.46
N VAL D 293 -5.72 -0.44 -6.58
CA VAL D 293 -7.15 -0.79 -6.69
C VAL D 293 -7.41 -2.30 -6.74
N GLY D 294 -6.47 -3.07 -6.17
CA GLY D 294 -6.62 -4.48 -5.98
C GLY D 294 -6.18 -5.47 -7.04
N ALA D 295 -5.62 -4.99 -8.12
CA ALA D 295 -5.16 -5.88 -9.18
C ALA D 295 -3.89 -6.61 -8.77
N ARG D 296 -3.70 -7.79 -9.35
CA ARG D 296 -2.47 -8.55 -9.15
C ARG D 296 -1.63 -8.30 -10.41
N VAL D 297 -0.56 -7.51 -10.25
CA VAL D 297 0.28 -7.10 -11.36
C VAL D 297 1.41 -8.07 -11.66
N ILE D 298 1.55 -8.41 -12.95
CA ILE D 298 2.62 -9.26 -13.44
C ILE D 298 3.43 -8.39 -14.40
N VAL D 299 4.76 -8.40 -14.24
CA VAL D 299 5.65 -7.58 -15.06
C VAL D 299 6.47 -8.38 -16.06
N THR D 300 6.68 -7.78 -17.23
CA THR D 300 7.62 -8.35 -18.20
C THR D 300 8.70 -7.27 -18.29
N GLU D 301 9.95 -7.69 -18.42
CA GLU D 301 11.09 -6.80 -18.56
C GLU D 301 12.25 -7.46 -19.27
N ILE D 302 13.03 -6.63 -19.94
CA ILE D 302 14.25 -7.06 -20.61
C ILE D 302 15.49 -6.64 -19.81
N ASP D 303 15.30 -5.63 -18.93
CA ASP D 303 16.37 -5.08 -18.13
C ASP D 303 16.36 -5.83 -16.80
N PRO D 304 17.45 -6.54 -16.48
CA PRO D 304 17.46 -7.31 -15.24
C PRO D 304 17.41 -6.46 -13.97
N ILE D 305 17.83 -5.20 -14.06
CA ILE D 305 17.78 -4.30 -12.93
C ILE D 305 16.33 -3.94 -12.66
N CYS D 306 15.61 -3.53 -13.70
CA CYS D 306 14.20 -3.16 -13.56
C CYS D 306 13.38 -4.35 -13.11
N ALA D 307 13.66 -5.53 -13.68
CA ALA D 307 12.99 -6.74 -13.31
C ALA D 307 13.12 -7.02 -11.80
N LEU D 308 14.34 -6.84 -11.28
CA LEU D 308 14.59 -7.02 -9.84
C LEU D 308 13.86 -5.99 -9.01
N GLN D 309 13.77 -4.75 -9.51
CA GLN D 309 13.01 -3.70 -8.81
C GLN D 309 11.54 -4.11 -8.67
N ALA D 310 10.96 -4.64 -9.76
CA ALA D 310 9.57 -5.07 -9.76
C ALA D 310 9.38 -6.16 -8.71
N SER D 311 10.32 -7.11 -8.68
CA SER D 311 10.27 -8.20 -7.74
C SER D 311 10.37 -7.73 -6.28
N MET D 312 11.13 -6.67 -6.04
CA MET D 312 11.24 -6.10 -4.69
C MET D 312 9.95 -5.44 -4.22
N GLU D 313 9.07 -5.07 -5.17
CA GLU D 313 7.77 -4.47 -4.84
C GLU D 313 6.66 -5.51 -4.74
N GLY D 314 7.05 -6.78 -4.81
CA GLY D 314 6.12 -7.88 -4.68
C GLY D 314 5.48 -8.39 -5.95
N TYR D 315 5.97 -7.96 -7.11
CA TYR D 315 5.39 -8.38 -8.38
C TYR D 315 6.10 -9.54 -9.03
N GLN D 316 5.31 -10.46 -9.58
CA GLN D 316 5.80 -11.56 -10.36
C GLN D 316 6.36 -10.99 -11.65
N VAL D 317 7.53 -11.45 -12.05
CA VAL D 317 8.14 -11.04 -13.31
C VAL D 317 8.17 -12.28 -14.20
N SER D 318 7.51 -12.22 -15.35
CA SER D 318 7.41 -13.34 -16.26
C SER D 318 7.60 -12.91 -17.70
N VAL D 319 7.84 -13.90 -18.56
CA VAL D 319 7.93 -13.68 -19.99
C VAL D 319 6.47 -13.72 -20.46
N LEU D 320 6.12 -12.88 -21.41
CA LEU D 320 4.74 -12.81 -21.88
C LEU D 320 4.13 -14.18 -22.27
N GLU D 321 4.85 -14.97 -23.05
CA GLU D 321 4.38 -16.30 -23.50
C GLU D 321 3.89 -17.19 -22.34
N ASP D 322 4.51 -17.05 -21.17
CA ASP D 322 4.16 -17.88 -20.01
C ASP D 322 2.89 -17.44 -19.26
N VAL D 323 2.36 -16.25 -19.58
CA VAL D 323 1.15 -15.75 -18.93
C VAL D 323 0.12 -15.22 -19.93
N VAL D 324 0.42 -15.28 -21.22
CA VAL D 324 -0.49 -14.71 -22.22
C VAL D 324 -1.86 -15.38 -22.26
N SER D 325 -1.95 -16.65 -21.85
CA SER D 325 -3.22 -17.39 -21.82
C SER D 325 -4.02 -17.22 -20.53
N GLU D 326 -3.34 -16.92 -19.43
CA GLU D 326 -4.00 -16.80 -18.13
C GLU D 326 -4.35 -15.34 -17.70
N ALA D 327 -3.62 -14.34 -18.20
CA ALA D 327 -3.85 -12.94 -17.79
C ALA D 327 -5.14 -12.31 -18.33
N ASP D 328 -5.67 -11.34 -17.60
CA ASP D 328 -6.94 -10.71 -17.96
C ASP D 328 -6.81 -9.42 -18.74
N ILE D 329 -5.75 -8.67 -18.47
CA ILE D 329 -5.55 -7.36 -19.07
C ILE D 329 -4.07 -7.15 -19.32
N PHE D 330 -3.74 -6.55 -20.45
CA PHE D 330 -2.36 -6.31 -20.83
C PHE D 330 -2.15 -4.85 -21.12
N ILE D 331 -1.12 -4.26 -20.50
CA ILE D 331 -0.78 -2.87 -20.68
C ILE D 331 0.67 -2.74 -21.12
N THR D 332 0.92 -2.22 -22.32
CA THR D 332 2.29 -2.02 -22.80
C THR D 332 2.82 -0.67 -22.35
N ALA D 333 4.03 -0.66 -21.79
CA ALA D 333 4.63 0.56 -21.26
C ALA D 333 6.13 0.55 -21.53
N THR D 334 6.50 0.10 -22.72
CA THR D 334 7.88 -0.08 -23.08
C THR D 334 8.54 0.96 -23.95
N GLY D 335 7.77 1.62 -24.79
CA GLY D 335 8.37 2.53 -25.78
C GLY D 335 9.02 1.71 -26.92
N ASN D 336 8.84 0.39 -26.92
CA ASN D 336 9.45 -0.46 -27.97
C ASN D 336 8.37 -0.72 -29.02
N LYS D 337 8.54 -1.74 -29.86
CA LYS D 337 7.53 -2.12 -30.85
C LYS D 337 7.39 -3.62 -30.90
N ASP D 338 6.26 -4.10 -31.42
CA ASP D 338 5.99 -5.53 -31.54
C ASP D 338 6.11 -6.27 -30.20
N VAL D 339 5.62 -5.64 -29.14
CA VAL D 339 5.66 -6.18 -27.79
C VAL D 339 4.48 -7.14 -27.60
N ILE D 340 3.35 -6.84 -28.24
CA ILE D 340 2.19 -7.75 -28.24
C ILE D 340 1.87 -7.96 -29.72
N THR D 341 2.07 -9.19 -30.16
CA THR D 341 1.89 -9.59 -31.54
C THR D 341 0.50 -10.16 -31.74
N VAL D 342 0.13 -10.31 -33.02
CA VAL D 342 -1.13 -10.92 -33.40
C VAL D 342 -1.13 -12.34 -32.81
N GLU D 343 0.01 -13.01 -32.89
CA GLU D 343 0.14 -14.39 -32.38
C GLU D 343 -0.06 -14.48 -30.88
N HIS D 344 0.39 -13.47 -30.14
CA HIS D 344 0.12 -13.43 -28.70
C HIS D 344 -1.38 -13.25 -28.49
N MET D 345 -1.97 -12.39 -29.32
CA MET D 345 -3.39 -12.08 -29.19
C MET D 345 -4.30 -13.26 -29.44
N ARG D 346 -3.89 -14.14 -30.33
CA ARG D 346 -4.67 -15.33 -30.64
C ARG D 346 -4.73 -16.32 -29.49
N LYS D 347 -3.78 -16.21 -28.56
CA LYS D 347 -3.71 -17.11 -27.41
C LYS D 347 -4.39 -16.59 -26.15
N MET D 348 -4.74 -15.31 -26.15
CA MET D 348 -5.38 -14.71 -24.99
C MET D 348 -6.76 -15.29 -24.72
N LYS D 349 -7.14 -15.28 -23.44
CA LYS D 349 -8.44 -15.76 -23.01
C LYS D 349 -9.52 -14.84 -23.57
N GLU D 350 -10.74 -15.40 -23.64
CA GLU D 350 -11.92 -14.68 -24.12
C GLU D 350 -12.11 -13.33 -23.37
N ASN D 351 -12.28 -12.25 -24.12
CA ASN D 351 -12.50 -10.89 -23.59
C ASN D 351 -11.35 -10.27 -22.79
N ALA D 352 -10.13 -10.68 -23.13
CA ALA D 352 -8.95 -10.09 -22.52
C ALA D 352 -8.89 -8.64 -23.03
N TYR D 353 -8.49 -7.71 -22.18
CA TYR D 353 -8.35 -6.32 -22.57
C TYR D 353 -6.89 -6.04 -22.91
N ILE D 354 -6.67 -5.24 -23.95
CA ILE D 354 -5.32 -4.87 -24.37
C ILE D 354 -5.27 -3.35 -24.46
N ALA D 355 -4.25 -2.75 -23.86
CA ALA D 355 -4.08 -1.29 -23.91
C ALA D 355 -2.59 -0.91 -23.89
N ASN D 356 -2.31 0.29 -24.37
CA ASN D 356 -0.94 0.80 -24.45
C ASN D 356 -0.91 2.17 -23.86
N ILE D 357 0.17 2.47 -23.14
CA ILE D 357 0.37 3.79 -22.53
C ILE D 357 1.69 4.44 -23.03
N GLY D 358 2.43 3.70 -23.88
CA GLY D 358 3.66 4.21 -24.49
C GLY D 358 3.31 5.21 -25.58
N HIS D 359 4.30 5.93 -26.07
CA HIS D 359 4.00 7.01 -27.01
C HIS D 359 3.38 6.62 -28.34
N PHE D 360 3.91 5.58 -28.99
CA PHE D 360 3.36 5.15 -30.28
C PHE D 360 2.49 3.91 -30.19
N ASP D 361 1.58 3.81 -31.14
CA ASP D 361 0.64 2.70 -31.20
C ASP D 361 1.26 1.34 -31.57
N ASP D 362 2.45 1.34 -32.16
CA ASP D 362 3.05 0.07 -32.63
C ASP D 362 3.60 -0.87 -31.54
N GLU D 363 3.40 -0.54 -30.26
CA GLU D 363 3.81 -1.47 -29.18
C GLU D 363 2.97 -2.73 -29.35
N ILE D 364 1.71 -2.53 -29.72
CA ILE D 364 0.74 -3.58 -30.01
C ILE D 364 0.62 -3.58 -31.53
N ASP D 365 0.56 -4.76 -32.14
CA ASP D 365 0.45 -4.87 -33.59
C ASP D 365 -1.02 -4.65 -34.01
N VAL D 366 -1.48 -3.41 -33.89
CA VAL D 366 -2.86 -3.05 -34.24
C VAL D 366 -3.13 -3.25 -35.73
N TYR D 367 -2.17 -2.86 -36.58
CA TYR D 367 -2.31 -3.00 -38.03
C TYR D 367 -2.54 -4.47 -38.42
N GLY D 368 -1.72 -5.36 -37.88
CA GLY D 368 -1.84 -6.80 -38.15
C GLY D 368 -3.12 -7.39 -37.60
N LEU D 369 -3.64 -6.81 -36.51
CA LEU D 369 -4.91 -7.27 -35.92
C LEU D 369 -6.08 -6.81 -36.77
N GLU D 370 -6.05 -5.55 -37.21
CA GLU D 370 -7.13 -5.01 -38.07
C GLU D 370 -7.17 -5.64 -39.46
N ASN D 371 -6.01 -6.09 -39.95
CA ASN D 371 -5.89 -6.69 -41.28
C ASN D 371 -5.73 -8.21 -41.28
N TYR D 372 -6.10 -8.85 -40.16
CA TYR D 372 -5.99 -10.30 -40.06
C TYR D 372 -7.12 -10.89 -40.91
N PRO D 373 -6.80 -11.86 -41.81
CA PRO D 373 -7.82 -12.42 -42.70
C PRO D 373 -9.06 -12.93 -41.95
N GLY D 374 -10.22 -12.39 -42.31
CA GLY D 374 -11.49 -12.80 -41.70
C GLY D 374 -11.78 -12.26 -40.32
N ILE D 375 -10.92 -11.37 -39.79
CA ILE D 375 -11.18 -10.79 -38.46
C ILE D 375 -12.53 -10.07 -38.48
N LYS D 376 -13.22 -10.08 -37.34
CA LYS D 376 -14.48 -9.38 -37.20
C LYS D 376 -14.27 -8.30 -36.10
N VAL D 377 -14.83 -7.11 -36.32
CA VAL D 377 -14.66 -6.01 -35.38
C VAL D 377 -15.96 -5.25 -35.13
N ILE D 378 -16.25 -4.96 -33.86
CA ILE D 378 -17.41 -4.17 -33.50
C ILE D 378 -16.97 -3.09 -32.49
N GLU D 379 -17.50 -1.90 -32.68
CA GLU D 379 -17.18 -0.79 -31.79
C GLU D 379 -18.06 -0.95 -30.56
N VAL D 380 -17.44 -1.22 -29.41
CA VAL D 380 -18.18 -1.34 -28.16
C VAL D 380 -18.73 0.04 -27.78
N LYS D 381 -17.81 0.94 -27.42
CA LYS D 381 -18.16 2.32 -27.12
C LYS D 381 -17.12 3.17 -27.86
N GLN D 382 -17.02 4.45 -27.52
CA GLN D 382 -16.05 5.32 -28.20
C GLN D 382 -14.62 4.83 -27.96
N ASN D 383 -13.90 4.59 -29.05
CA ASN D 383 -12.52 4.12 -29.01
C ASN D 383 -12.28 2.82 -28.21
N VAL D 384 -13.26 1.93 -28.23
CA VAL D 384 -13.14 0.61 -27.61
C VAL D 384 -13.69 -0.37 -28.64
N HIS D 385 -12.83 -1.27 -29.11
CA HIS D 385 -13.22 -2.24 -30.15
C HIS D 385 -12.94 -3.67 -29.79
N LYS D 386 -13.89 -4.55 -30.07
CA LYS D 386 -13.72 -5.98 -29.83
C LYS D 386 -13.41 -6.65 -31.15
N PHE D 387 -12.33 -7.43 -31.20
CA PHE D 387 -11.90 -8.13 -32.40
C PHE D 387 -12.09 -9.62 -32.18
N THR D 388 -12.68 -10.30 -33.17
CA THR D 388 -12.94 -11.73 -33.07
C THR D 388 -12.20 -12.52 -34.16
N PHE D 389 -11.38 -13.49 -33.75
CA PHE D 389 -10.65 -14.34 -34.71
C PHE D 389 -11.58 -15.36 -35.33
N PRO D 390 -11.51 -15.54 -36.65
CA PRO D 390 -12.43 -16.47 -37.31
C PRO D 390 -12.18 -17.97 -37.04
N ASP D 391 -10.95 -18.37 -36.73
CA ASP D 391 -10.64 -19.80 -36.53
C ASP D 391 -10.97 -20.37 -35.14
N THR D 392 -10.92 -19.52 -34.12
CA THR D 392 -11.20 -19.92 -32.73
C THR D 392 -12.50 -19.34 -32.19
N GLN D 393 -12.99 -18.27 -32.83
CA GLN D 393 -14.18 -17.50 -32.39
C GLN D 393 -13.97 -16.78 -31.05
N LYS D 394 -12.70 -16.62 -30.64
CA LYS D 394 -12.35 -15.93 -29.43
C LYS D 394 -12.18 -14.45 -29.71
N SER D 395 -12.45 -13.64 -28.71
CA SER D 395 -12.36 -12.20 -28.87
C SER D 395 -11.38 -11.56 -27.90
N VAL D 396 -10.80 -10.46 -28.33
CA VAL D 396 -9.94 -9.61 -27.47
C VAL D 396 -10.51 -8.21 -27.60
N ILE D 397 -10.32 -7.38 -26.59
CA ILE D 397 -10.88 -6.03 -26.60
C ILE D 397 -9.75 -5.04 -26.53
N LEU D 398 -9.60 -4.24 -27.58
CA LEU D 398 -8.55 -3.24 -27.68
C LEU D 398 -9.06 -1.84 -27.29
N LEU D 399 -8.35 -1.18 -26.38
CA LEU D 399 -8.72 0.18 -25.98
C LEU D 399 -7.94 1.21 -26.80
N CYS D 400 -8.63 2.24 -27.29
CA CYS D 400 -8.02 3.33 -28.08
C CYS D 400 -7.20 2.95 -29.29
N LYS D 401 -7.53 1.83 -29.94
CA LYS D 401 -6.81 1.39 -31.12
C LYS D 401 -5.30 1.37 -30.85
N GLY D 402 -4.92 0.98 -29.64
CA GLY D 402 -3.50 0.92 -29.28
C GLY D 402 -2.85 2.25 -28.96
N ARG D 403 -3.55 3.37 -29.14
CA ARG D 403 -2.99 4.69 -28.81
C ARG D 403 -2.90 4.89 -27.30
N LEU D 404 -1.92 5.68 -26.87
CA LEU D 404 -1.74 5.94 -25.45
C LEU D 404 -3.13 6.21 -24.80
N VAL D 405 -3.52 5.25 -23.97
CA VAL D 405 -4.84 5.17 -23.37
C VAL D 405 -5.17 6.26 -22.35
N ASN D 406 -4.16 6.79 -21.66
CA ASN D 406 -4.45 7.83 -20.69
C ASN D 406 -4.89 9.12 -21.38
N LEU D 407 -4.35 9.41 -22.57
CA LEU D 407 -4.69 10.62 -23.34
C LEU D 407 -5.76 10.44 -24.38
N GLY D 408 -5.82 9.23 -24.94
CA GLY D 408 -6.83 8.88 -25.95
C GLY D 408 -8.18 8.48 -25.36
N CYS D 409 -8.18 7.77 -24.24
CA CYS D 409 -9.45 7.35 -23.59
C CYS D 409 -9.78 8.20 -22.37
N ALA D 410 -8.87 9.07 -21.96
CA ALA D 410 -9.11 9.94 -20.82
C ALA D 410 -8.47 11.29 -21.04
N THR D 411 -8.33 12.08 -19.98
CA THR D 411 -7.82 13.43 -20.10
C THR D 411 -6.33 13.61 -19.85
N GLY D 412 -5.59 12.52 -19.79
CA GLY D 412 -4.15 12.61 -19.58
C GLY D 412 -3.77 12.90 -18.15
N HIS D 413 -2.49 13.20 -17.91
CA HIS D 413 -2.07 13.51 -16.52
C HIS D 413 -2.76 14.77 -16.03
N PRO D 414 -2.90 14.90 -14.71
CA PRO D 414 -3.53 16.08 -14.12
C PRO D 414 -2.60 17.31 -14.11
N PRO D 415 -3.15 18.51 -13.85
CA PRO D 415 -2.39 19.75 -13.88
C PRO D 415 -1.08 19.81 -13.08
N LEU D 416 -1.08 19.34 -11.85
CA LEU D 416 0.11 19.41 -10.98
C LEU D 416 1.37 18.86 -11.64
N VAL D 417 1.36 17.58 -12.06
CA VAL D 417 2.58 17.05 -12.69
C VAL D 417 2.86 17.70 -14.03
N MET D 418 1.82 18.04 -14.77
CA MET D 418 2.05 18.67 -16.08
C MET D 418 2.71 20.03 -15.93
N SER D 419 2.38 20.75 -14.86
CA SER D 419 3.02 22.03 -14.61
C SER D 419 4.50 21.85 -14.38
N MET D 420 4.89 20.77 -13.69
CA MET D 420 6.30 20.48 -13.48
C MET D 420 6.99 20.23 -14.82
N SER D 421 6.38 19.42 -15.67
CA SER D 421 6.95 19.12 -17.00
C SER D 421 7.00 20.38 -17.86
N PHE D 422 5.93 21.17 -17.79
CA PHE D 422 5.82 22.35 -18.64
C PHE D 422 6.62 23.53 -18.16
N THR D 423 6.94 23.57 -16.87
CA THR D 423 7.82 24.63 -16.35
C THR D 423 9.21 24.32 -16.94
N ASN D 424 9.57 23.03 -16.99
CA ASN D 424 10.83 22.62 -17.64
C ASN D 424 10.81 23.03 -19.13
N GLN D 425 9.67 22.85 -19.79
CA GLN D 425 9.52 23.26 -21.19
C GLN D 425 9.75 24.75 -21.43
N VAL D 426 9.13 25.61 -20.62
CA VAL D 426 9.30 27.05 -20.78
C VAL D 426 10.76 27.44 -20.56
N LEU D 427 11.36 26.88 -19.51
CA LEU D 427 12.77 27.16 -19.19
C LEU D 427 13.68 26.76 -20.34
N ALA D 428 13.38 25.60 -20.94
CA ALA D 428 14.14 25.09 -22.07
C ALA D 428 13.98 26.04 -23.27
N GLN D 429 12.73 26.43 -23.57
CA GLN D 429 12.44 27.37 -24.67
C GLN D 429 13.20 28.68 -24.50
N MET D 430 13.21 29.21 -23.27
CA MET D 430 13.94 30.44 -22.97
C MET D 430 15.43 30.23 -23.15
N ASP D 431 15.93 29.08 -22.72
CA ASP D 431 17.37 28.80 -22.82
C ASP D 431 17.82 28.80 -24.28
N LEU D 432 17.04 28.15 -25.15
CA LEU D 432 17.34 28.07 -26.58
C LEU D 432 17.26 29.43 -27.24
N TRP D 433 16.26 30.22 -26.85
CA TRP D 433 16.06 31.57 -27.37
C TRP D 433 17.20 32.52 -26.99
N LYS D 434 17.62 32.53 -25.72
CA LYS D 434 18.74 33.41 -25.31
C LYS D 434 20.08 32.98 -25.89
N SER D 435 20.20 31.69 -26.24
CA SER D 435 21.42 31.14 -26.84
C SER D 435 21.58 31.45 -28.32
N ARG D 436 20.48 31.77 -29.02
CA ARG D 436 20.52 32.07 -30.48
C ARG D 436 21.70 32.96 -30.87
N GLU D 437 22.04 33.89 -29.97
CA GLU D 437 23.16 34.83 -30.15
C GLU D 437 24.48 34.07 -30.00
N THR D 445 29.21 15.52 -34.68
CA THR D 445 29.41 16.81 -34.04
C THR D 445 28.65 17.94 -34.78
N ARG D 446 28.64 19.12 -34.15
CA ARG D 446 27.98 20.36 -34.62
C ARG D 446 26.82 20.69 -33.68
N PHE D 447 25.80 19.83 -33.64
CA PHE D 447 24.64 19.99 -32.76
C PHE D 447 24.47 18.77 -31.87
N PHE D 448 24.04 19.01 -30.64
CA PHE D 448 23.92 17.97 -29.64
C PHE D 448 22.67 18.16 -28.76
N VAL D 449 22.42 17.16 -27.92
CA VAL D 449 21.30 17.19 -27.00
C VAL D 449 21.82 17.53 -25.63
N LYS D 450 21.11 18.38 -24.90
CA LYS D 450 21.51 18.70 -23.54
C LYS D 450 20.30 18.75 -22.63
N LYS D 451 20.55 18.75 -21.34
CA LYS D 451 19.51 18.82 -20.33
C LYS D 451 19.64 20.11 -19.58
N LEU D 452 18.58 20.46 -18.87
CA LEU D 452 18.59 21.63 -18.01
C LEU D 452 19.47 21.35 -16.80
N SER D 453 20.07 22.38 -16.25
CA SER D 453 20.92 22.24 -15.06
C SER D 453 20.11 21.78 -13.84
N LYS D 454 20.81 21.22 -12.86
CA LYS D 454 20.16 20.78 -11.63
C LYS D 454 19.58 21.98 -10.86
N GLU D 455 20.25 23.14 -10.93
CA GLU D 455 19.74 24.35 -10.28
C GLU D 455 18.29 24.57 -10.72
N LEU D 456 18.10 24.63 -12.04
CA LEU D 456 16.75 24.83 -12.60
C LEU D 456 15.81 23.69 -12.28
N ASP D 457 16.35 22.48 -12.22
CA ASP D 457 15.56 21.28 -11.93
C ASP D 457 15.00 21.44 -10.50
N GLU D 458 15.86 21.82 -9.56
CA GLU D 458 15.42 22.04 -8.17
C GLU D 458 14.44 23.22 -8.07
N TYR D 459 14.66 24.21 -8.93
CA TYR D 459 13.79 25.39 -8.95
C TYR D 459 12.35 25.00 -9.30
N VAL D 460 12.22 24.13 -10.29
CA VAL D 460 10.91 23.65 -10.74
C VAL D 460 10.15 23.08 -9.54
N ALA D 461 10.83 22.24 -8.76
CA ALA D 461 10.20 21.62 -7.58
C ALA D 461 9.85 22.69 -6.53
N ARG D 462 10.75 23.64 -6.29
CA ARG D 462 10.47 24.71 -5.31
C ARG D 462 9.16 25.38 -5.62
N LEU D 463 8.92 25.69 -6.90
CA LEU D 463 7.71 26.40 -7.31
C LEU D 463 6.41 25.66 -7.02
N HIS D 464 6.51 24.38 -6.69
CA HIS D 464 5.31 23.60 -6.41
C HIS D 464 5.14 23.16 -4.96
N LEU D 465 6.11 23.44 -4.09
CA LEU D 465 5.99 23.04 -2.68
C LEU D 465 4.73 23.57 -1.95
N ASP D 466 4.41 24.86 -2.15
CA ASP D 466 3.23 25.47 -1.48
C ASP D 466 1.89 24.91 -1.90
N VAL D 467 1.80 24.40 -3.12
CA VAL D 467 0.57 23.76 -3.59
C VAL D 467 0.13 22.72 -2.57
N LEU D 468 1.11 21.97 -2.07
CA LEU D 468 0.88 20.85 -1.17
C LEU D 468 1.20 21.08 0.30
N GLY D 469 1.45 22.32 0.71
CA GLY D 469 1.75 22.63 2.12
C GLY D 469 3.03 21.95 2.60
N ILE D 470 4.00 21.84 1.71
CA ILE D 470 5.28 21.27 2.04
C ILE D 470 6.15 22.35 2.67
N LYS D 471 6.80 22.01 3.78
CA LYS D 471 7.69 22.92 4.47
C LYS D 471 9.08 22.34 4.34
N LEU D 472 9.97 23.12 3.73
CA LEU D 472 11.33 22.69 3.46
C LEU D 472 12.29 23.14 4.57
N THR D 473 13.09 22.19 5.06
CA THR D 473 14.09 22.45 6.08
C THR D 473 15.30 23.14 5.44
N LYS D 474 15.95 24.00 6.22
CA LYS D 474 17.07 24.76 5.72
C LYS D 474 18.35 24.39 6.46
N LEU D 475 19.40 24.12 5.69
CA LEU D 475 20.69 23.74 6.26
C LEU D 475 21.32 24.90 7.02
N THR D 476 22.07 24.60 8.07
CA THR D 476 22.86 25.60 8.79
C THR D 476 24.18 25.63 8.02
N GLU D 477 25.00 26.67 8.23
CA GLU D 477 26.31 26.71 7.56
C GLU D 477 27.16 25.49 7.91
N THR D 478 27.11 25.09 9.18
CA THR D 478 27.85 23.93 9.67
C THR D 478 27.45 22.65 8.92
N GLN D 479 26.16 22.46 8.69
CA GLN D 479 25.66 21.27 7.99
C GLN D 479 26.01 21.30 6.51
N ALA D 480 25.79 22.46 5.89
CA ALA D 480 26.09 22.67 4.48
C ALA D 480 27.57 22.37 4.16
N LYS D 481 28.46 22.86 5.03
CA LYS D 481 29.89 22.60 4.82
C LYS D 481 30.21 21.12 4.99
N TYR D 482 29.57 20.51 5.99
CA TYR D 482 29.77 19.08 6.27
C TYR D 482 29.36 18.20 5.08
N ILE D 483 28.15 18.38 4.54
CA ILE D 483 27.74 17.55 3.40
C ILE D 483 28.25 18.11 2.06
N ASN D 484 29.04 19.17 2.13
CA ASN D 484 29.68 19.79 0.96
C ASN D 484 28.70 20.33 -0.11
N VAL D 485 27.69 21.04 0.34
CA VAL D 485 26.74 21.67 -0.55
C VAL D 485 26.49 23.10 -0.09
N SER D 486 25.98 23.89 -1.03
CA SER D 486 25.56 25.25 -0.74
C SER D 486 24.20 25.14 -0.05
N ILE D 487 23.91 26.08 0.85
CA ILE D 487 22.61 26.15 1.54
C ILE D 487 21.45 26.27 0.57
N ASN D 488 21.71 26.87 -0.58
CA ASN D 488 20.71 27.07 -1.63
C ASN D 488 20.73 26.03 -2.72
N GLY D 489 21.57 25.00 -2.60
CA GLY D 489 21.64 23.94 -3.61
C GLY D 489 22.60 24.26 -4.73
N PRO D 490 22.79 23.33 -5.68
CA PRO D 490 22.13 22.03 -5.70
C PRO D 490 22.54 21.14 -4.53
N TYR D 491 21.64 20.25 -4.12
CA TYR D 491 21.87 19.40 -2.96
C TYR D 491 22.40 18.01 -3.27
N LYS D 492 22.42 17.64 -4.55
CA LYS D 492 22.86 16.30 -4.97
C LYS D 492 23.83 16.40 -6.14
N SER D 493 24.78 15.46 -6.22
CA SER D 493 25.71 15.43 -7.36
C SER D 493 24.95 15.05 -8.63
N GLU D 494 25.57 15.28 -9.78
CA GLU D 494 24.94 15.02 -11.08
C GLU D 494 24.44 13.60 -11.37
N ASP D 495 25.12 12.61 -10.80
CA ASP D 495 24.72 11.20 -11.01
C ASP D 495 23.64 10.69 -10.00
N TYR D 496 23.12 11.57 -9.13
CA TYR D 496 22.14 11.14 -8.14
C TYR D 496 20.83 10.67 -8.83
N ARG D 497 20.30 9.55 -8.37
CA ARG D 497 19.14 8.94 -9.01
C ARG D 497 17.77 9.20 -8.38
N TYR D 498 17.73 9.83 -7.21
CA TYR D 498 16.44 10.10 -6.55
C TYR D 498 15.62 8.79 -6.46
C2 6OS E . -26.48 -0.29 -9.67
C4 6OS E . -25.07 0.36 -7.93
C5 6OS E . -23.96 0.48 -8.87
C6 6OS E . -24.24 0.16 -10.27
O3' 6OS E . -25.79 0.20 -2.07
C3' 6OS E . -25.06 0.82 -3.14
C2' 6OS E . -24.82 -0.06 -4.38
O2' 6OS E . -25.34 -1.38 -4.28
C4' 6OS E . -25.71 2.06 -3.67
C5' 6OS E . -26.14 3.24 -2.82
O5' 6OS E . -27.47 3.68 -3.19
C6' 6OS E . -25.86 2.02 -4.98
C1' 6OS E . -25.45 0.69 -5.54
N9 6OS E . -24.60 0.67 -6.74
N3 6OS E . -26.29 -0.02 -8.36
N1 6OS E . -25.50 -0.21 -10.58
C8 6OS E . -23.30 1.00 -6.87
N7 6OS E . -22.89 0.88 -8.16
N6 6OS E . -23.29 0.24 -11.21
PA NAD F . -21.66 2.65 7.76
O1A NAD F . -22.62 2.77 8.91
O2A NAD F . -20.81 1.39 7.65
O5B NAD F . -20.67 3.91 7.75
C5B NAD F . -21.08 5.23 8.10
C4B NAD F . -20.05 5.79 9.07
O4B NAD F . -20.21 7.19 9.19
C3B NAD F . -20.17 5.22 10.48
O3B NAD F . -18.95 4.57 10.85
C2B NAD F . -20.45 6.42 11.37
O2B NAD F . -19.77 6.34 12.62
C1B NAD F . -19.95 7.60 10.54
N9A NAD F . -20.60 8.91 10.76
C8A NAD F . -21.93 9.15 10.87
N7A NAD F . -22.16 10.46 11.03
C5A NAD F . -20.98 11.08 11.01
C6A NAD F . -20.53 12.48 11.13
N6A NAD F . -21.42 13.48 11.31
N1A NAD F . -19.19 12.72 11.04
C2A NAD F . -18.30 11.72 10.87
N3A NAD F . -18.66 10.43 10.77
C4A NAD F . -19.96 10.06 10.82
O3 NAD F . -22.48 2.82 6.38
PN NAD F . -21.85 2.51 4.93
O1N NAD F . -20.41 2.94 4.90
O2N NAD F . -22.23 1.12 4.50
O5D NAD F . -22.69 3.50 3.98
C5D NAD F . -22.57 4.91 4.06
C4D NAD F . -23.48 5.54 3.01
O4D NAD F . -23.11 5.09 1.70
C3D NAD F . -24.95 5.16 3.16
O3D NAD F . -25.74 6.30 2.82
C2D NAD F . -25.15 4.03 2.17
O2D NAD F . -26.52 3.87 1.77
C1D NAD F . -24.25 4.50 1.04
N1N NAD F . -23.67 3.55 0.09
C2N NAD F . -23.36 4.07 -1.10
C3N NAD F . -22.75 3.33 -2.09
C7N NAD F . -22.43 3.93 -3.43
O7N NAD F . -22.28 3.19 -4.39
N7N NAD F . -22.30 5.25 -3.58
C4N NAD F . -22.46 1.99 -1.82
C5N NAD F . -22.78 1.46 -0.58
C6N NAD F . -23.38 2.27 0.38
C1 GOL G . -38.73 13.46 -20.50
O1 GOL G . -37.35 13.83 -20.70
C2 GOL G . -38.97 12.07 -21.11
O2 GOL G . -38.40 12.01 -22.41
C3 GOL G . -40.47 11.79 -21.17
O3 GOL G . -40.71 10.63 -21.97
C1 GOL H . -27.99 -22.99 -3.29
O1 GOL H . -27.43 -23.26 -2.00
C2 GOL H . -29.45 -22.61 -3.16
O2 GOL H . -30.27 -23.79 -3.26
C3 GOL H . -29.85 -21.62 -4.25
O3 GOL H . -31.25 -21.34 -4.20
C2 6OS I . 0.04 -11.66 25.98
C4 6OS I . -0.58 -11.98 23.75
C5 6OS I . 0.51 -11.09 23.33
C6 6OS I . 1.35 -10.51 24.39
O3' 6OS I . -5.41 -14.27 21.25
C3' 6OS I . -4.05 -13.94 21.03
C2' 6OS I . -3.52 -12.74 21.84
O2' 6OS I . -4.51 -12.13 22.68
C4' 6OS I . -3.11 -15.07 21.39
C5' 6OS I . -3.26 -16.49 20.90
O5' 6OS I . -3.15 -17.38 22.02
C6' 6OS I . -2.13 -14.70 22.18
C1' 6OS I . -2.34 -13.29 22.65
N9 6OS I . -1.19 -12.36 22.65
N3 6OS I . -0.77 -12.23 25.06
N1 6OS I . 1.04 -10.84 25.67
C8 6OS I . -0.57 -11.81 21.59
N7 6OS I . 0.45 -11.03 21.98
N6 6OS I . 2.37 -9.68 24.10
PA NAD J . -10.51 -17.03 12.00
O1A NAD J . -11.65 -18.00 12.07
O2A NAD J . -10.78 -15.56 11.88
O5B NAD J . -9.55 -17.46 10.79
C5B NAD J . -9.19 -18.81 10.52
C4B NAD J . -9.30 -18.96 9.02
O4B NAD J . -8.64 -20.14 8.60
C3B NAD J . -10.75 -19.04 8.55
O3B NAD J . -11.04 -17.97 7.65
C2B NAD J . -10.87 -20.41 7.87
O2B NAD J . -11.67 -20.40 6.68
C1B NAD J . -9.42 -20.73 7.57
N9A NAD J . -9.11 -22.18 7.54
C8A NAD J . -9.48 -23.13 8.41
N7A NAD J . -8.96 -24.33 8.04
C5A NAD J . -8.23 -24.14 6.94
C6A NAD J . -7.41 -24.96 6.02
N6A NAD J . -7.25 -26.28 6.23
N1A NAD J . -6.81 -24.33 4.98
C2A NAD J . -6.94 -23.01 4.74
N3A NAD J . -7.67 -22.21 5.53
C4A NAD J . -8.32 -22.71 6.61
O3 NAD J . -9.57 -17.26 13.28
PN NAD J . -8.42 -16.21 13.69
O1N NAD J . -7.76 -15.67 12.47
O2N NAD J . -8.97 -15.26 14.72
O5D NAD J . -7.40 -17.15 14.51
C5D NAD J . -6.58 -18.13 13.89
C4D NAD J . -5.69 -18.74 14.95
O4D NAD J . -4.80 -17.75 15.45
C3D NAD J . -6.44 -19.24 16.17
O3D NAD J . -5.80 -20.45 16.61
C2D NAD J . -6.31 -18.14 17.20
O2D NAD J . -6.43 -18.56 18.57
C1D NAD J . -4.92 -17.64 16.87
N1N NAD J . -4.53 -16.28 17.23
C2N NAD J . -3.23 -16.10 17.50
C3N NAD J . -2.71 -14.86 17.82
C7N NAD J . -1.24 -14.69 18.13
O7N NAD J . -0.89 -13.74 18.80
N7N NAD J . -0.33 -15.56 17.69
C4N NAD J . -3.57 -13.77 17.84
C5N NAD J . -4.91 -13.96 17.56
C6N NAD J . -5.39 -15.24 17.24
O1 P6G K . -17.90 2.59 43.96
C2 P6G K . -17.81 3.07 42.62
C3 P6G K . -16.35 3.17 42.20
O4 P6G K . -16.13 4.35 41.42
C5 P6G K . -16.64 4.25 40.08
C6 P6G K . -16.91 5.64 39.51
O7 P6G K . -18.15 5.77 38.77
C8 P6G K . -18.63 4.62 38.06
C9 P6G K . -19.36 5.03 36.79
O10 P6G K . -19.16 4.05 35.77
C11 P6G K . -19.72 2.77 36.05
C12 P6G K . -19.79 1.94 34.77
O13 P6G K . -18.48 1.75 34.23
C14 P6G K . -18.47 1.10 32.96
C15 P6G K . -18.17 2.11 31.85
O16 P6G K . -19.22 2.06 30.89
C17 P6G K . -19.17 3.13 29.94
C18 P6G K . -19.74 4.42 30.55
O19 P6G K . -20.70 5.00 29.68
C TRS L . 13.08 -23.99 37.14
C1 TRS L . 11.98 -24.41 38.13
C2 TRS L . 12.86 -22.57 36.65
C3 TRS L . 13.15 -24.94 35.95
N TRS L . 14.38 -24.02 37.85
O1 TRS L . 11.82 -23.41 39.15
O2 TRS L . 13.63 -22.30 35.47
O3 TRS L . 12.76 -26.28 36.31
C1 GOL M . -12.74 -37.83 25.95
O1 GOL M . -11.96 -37.05 25.02
C2 GOL M . -12.02 -39.12 26.30
O2 GOL M . -11.36 -39.65 25.15
C3 GOL M . -13.01 -40.16 26.82
O3 GOL M . -13.77 -39.60 27.90
C2 6OS N . 27.14 -5.79 6.32
C4 6OS N . 25.59 -4.10 5.96
C5 6OS N . 24.51 -4.98 6.40
C6 6OS N . 24.90 -6.36 6.81
O3' 6OS N . 26.09 1.03 3.14
C3' 6OS N . 25.32 0.34 4.13
C2' 6OS N . 25.23 -1.17 3.91
O2' 6OS N . 25.90 -1.62 2.74
C4' 6OS N . 25.87 0.50 5.52
C5' 6OS N . 26.18 1.83 6.18
O5' 6OS N . 27.40 1.76 6.94
C6' 6OS N . 26.03 -0.66 6.13
C1' 6OS N . 25.82 -1.80 5.17
N9 6OS N . 25.03 -2.96 5.64
N3 6OS N . 26.86 -4.54 5.94
N1 6OS N . 26.20 -6.67 6.74
C8 6OS N . 23.70 -3.03 5.86
N7 6OS N . 23.38 -4.27 6.31
N6 6OS N . 23.99 -7.25 7.22
PA NAD O . 20.95 10.27 0.35
O1A NAD O . 21.83 11.40 -0.07
O2A NAD O . 20.24 9.46 -0.71
O5B NAD O . 19.84 10.78 1.39
C5B NAD O . 20.09 11.76 2.38
C4B NAD O . 18.94 12.73 2.33
O4B NAD O . 18.90 13.50 3.53
C3B NAD O . 19.05 13.70 1.15
O3B NAD O . 17.92 13.59 0.28
C2B NAD O . 19.13 15.09 1.80
O2B NAD O . 18.38 16.08 1.09
C1B NAD O . 18.57 14.85 3.19
N9A NAD O . 19.11 15.74 4.24
C8A NAD O . 20.38 16.11 4.44
N7A NAD O . 20.48 16.90 5.53
C5A NAD O . 19.26 17.03 6.05
C6A NAD O . 18.66 17.73 7.21
N6A NAD O . 19.41 18.48 8.04
N1A NAD O . 17.32 17.60 7.40
C2A NAD O . 16.54 16.87 6.58
N3A NAD O . 17.03 16.21 5.50
C4A NAD O . 18.35 16.26 5.21
O3 NAD O . 21.85 9.29 1.26
PN NAD O . 21.38 7.79 1.62
O1N NAD O . 19.90 7.79 1.85
O2N NAD O . 21.95 6.80 0.65
O5D NAD O . 22.15 7.53 3.01
C5D NAD O . 21.89 8.27 4.20
C4D NAD O . 22.78 7.74 5.32
O4D NAD O . 22.50 6.35 5.55
C3D NAD O . 24.27 7.81 4.97
O3D NAD O . 25.01 8.11 6.16
C2D NAD O . 24.60 6.41 4.48
O2D NAD O . 25.97 6.07 4.67
C1D NAD O . 23.69 5.58 5.36
N1N NAD O . 23.29 4.25 4.89
C2N NAD O . 22.99 3.39 5.88
C3N NAD O . 22.55 2.10 5.62
C7N NAD O . 22.24 1.18 6.77
O7N NAD O . 22.29 -0.03 6.58
N7N NAD O . 21.89 1.67 7.96
C4N NAD O . 22.41 1.71 4.30
C5N NAD O . 22.72 2.60 3.28
C6N NAD O . 23.15 3.89 3.60
C TRS P . 38.51 -9.49 23.85
C1 TRS P . 39.36 -10.30 22.88
C2 TRS P . 37.05 -9.50 23.38
C3 TRS P . 39.02 -8.06 23.98
N TRS P . 38.58 -10.15 25.19
O1 TRS P . 40.76 -10.11 23.11
O2 TRS P . 36.18 -9.04 24.42
O3 TRS P . 38.05 -7.22 24.61
C2 6OS Q . -0.26 17.21 -22.22
C4 6OS Q . 0.53 15.16 -21.43
C5 6OS Q . -0.62 15.05 -20.53
C6 6OS Q . -1.60 16.17 -20.57
O3' 6OS Q . 5.71 12.52 -22.09
C3' 6OS Q . 4.36 12.27 -21.74
C2' 6OS Q . 3.65 13.43 -21.03
O2' 6OS Q . 4.51 14.53 -20.76
C4' 6OS Q . 3.53 11.98 -22.94
C5' 6OS Q . 3.83 10.89 -23.95
O5' 6OS Q . 3.71 11.41 -25.29
C6' 6OS Q . 2.46 12.75 -23.01
C1' 6OS Q . 2.50 13.82 -21.95
N9 6OS Q . 1.26 14.09 -21.21
N3 6OS Q . 0.67 16.24 -22.24
N1 6OS Q . -1.35 17.18 -21.43
C8 6OS Q . 0.65 13.32 -20.29
N7 6OS Q . -0.49 13.89 -19.86
N6 6OS Q . -2.71 16.16 -19.79
PA NAD R . 11.80 3.70 -19.75
O1A NAD R . 12.01 4.27 -18.37
O2A NAD R . 12.99 3.47 -20.62
O5B NAD R . 10.93 2.35 -19.57
C5B NAD R . 10.65 1.45 -20.62
C4B NAD R . 10.96 0.04 -20.13
O4B NAD R . 10.52 -0.93 -21.07
C3B NAD R . 12.45 -0.21 -19.91
O3B NAD R . 12.67 -0.47 -18.52
C2B NAD R . 12.81 -1.39 -20.79
O2B NAD R . 13.73 -2.31 -20.16
C1B NAD R . 11.45 -2.02 -21.03
N9A NAD R . 11.28 -2.76 -22.29
C8A NAD R . 11.67 -2.38 -23.52
N7A NAD R . 11.31 -3.30 -24.44
C5A NAD R . 10.66 -4.28 -23.78
C6A NAD R . 10.03 -5.57 -24.15
N6A NAD R . 10.01 -5.98 -25.43
N1A NAD R . 9.47 -6.29 -23.15
C2A NAD R . 9.48 -5.89 -21.86
N3A NAD R . 10.06 -4.73 -21.47
C4A NAD R . 10.64 -3.91 -22.37
O3 NAD R . 10.81 4.66 -20.58
PN NAD R . 9.54 5.39 -19.91
O1N NAD R . 9.97 6.76 -19.46
O2N NAD R . 8.86 4.45 -18.96
O5D NAD R . 8.59 5.59 -21.18
C5D NAD R . 7.96 4.48 -21.81
C4D NAD R . 7.03 5.00 -22.90
O4D NAD R . 6.02 5.79 -22.32
C3D NAD R . 7.73 5.91 -23.91
O3D NAD R . 7.20 5.62 -25.21
C2D NAD R . 7.38 7.33 -23.48
O2D NAD R . 7.41 8.26 -24.58
C1D NAD R . 5.98 7.08 -22.95
N1N NAD R . 5.42 7.98 -21.93
C2N NAD R . 4.08 8.11 -21.98
C3N NAD R . 3.39 8.90 -21.06
C7N NAD R . 1.91 9.03 -21.16
O7N NAD R . 1.39 10.05 -20.74
N7N NAD R . 1.16 8.08 -21.72
C4N NAD R . 4.11 9.54 -20.06
C5N NAD R . 5.49 9.40 -20.02
C6N NAD R . 6.14 8.60 -20.97
O1 P6G S . 12.87 39.89 -15.22
C2 P6G S . 13.74 39.07 -14.45
C3 P6G S . 13.62 39.42 -12.96
O4 P6G S . 14.11 38.36 -12.14
C5 P6G S . 15.54 38.23 -12.15
C6 P6G S . 15.98 37.25 -11.06
O7 P6G S . 16.07 35.92 -11.57
C8 P6G S . 17.31 35.59 -12.22
C9 P6G S . 17.04 34.86 -13.53
O10 P6G S . 17.14 33.44 -13.38
C11 P6G S . 15.98 32.84 -12.79
C12 P6G S . 16.01 31.33 -12.95
O13 P6G S . 15.84 30.71 -11.67
C14 P6G S . 17.09 30.27 -11.14
C15 P6G S . 16.88 29.82 -9.70
O16 P6G S . 18.12 29.46 -9.07
C17 P6G S . 19.12 30.48 -8.91
C18 P6G S . 18.58 31.74 -8.22
O19 P6G S . 18.07 32.66 -9.20
C TRS T . 15.05 6.77 -46.00
C1 TRS T . 15.90 5.59 -45.51
C2 TRS T . 15.82 7.57 -47.05
C3 TRS T . 14.66 7.66 -44.82
N TRS T . 13.82 6.24 -46.63
O1 TRS T . 15.46 5.11 -44.25
O2 TRS T . 16.31 6.69 -48.07
O3 TRS T . 14.27 8.96 -45.28
C1 GOL U . -11.66 21.04 -39.09
O1 GOL U . -11.98 22.09 -40.02
C2 GOL U . -12.77 20.00 -39.10
O2 GOL U . -12.55 19.06 -40.15
C3 GOL U . -12.83 19.26 -37.77
O3 GOL U . -13.95 18.38 -37.79
#